data_8XPO
#
_entry.id   8XPO
#
_cell.length_a   1.00
_cell.length_b   1.00
_cell.length_c   1.00
_cell.angle_alpha   90.00
_cell.angle_beta   90.00
_cell.angle_gamma   90.00
#
_symmetry.space_group_name_H-M   'P 1'
#
loop_
_entity.id
_entity.type
_entity.pdbx_description
1 polymer 'RNA-directed RNA polymerase L'
2 polymer 'RNA (14-MER)'
3 polymer 'RNA (32-MER)'
4 polymer 'RNA (9-MER)'
5 non-polymer '[[(2~{R},3~{R},4~{S},5~{R})-4-fluoranyl-5-(5-iodanyl-4-methyl-pyrrolo[2,3-d]pyrimidin-7-yl)-3-oxidanyl-oxolan-2-yl]methoxy-oxidanyl-phosphoryl] phosphono hydrogen phosphate'
#
loop_
_entity_poly.entity_id
_entity_poly.type
_entity_poly.pdbx_seq_one_letter_code
_entity_poly.pdbx_strand_id
1 'polypeptide(L)'
;MEEDIAYVKDLVSKYLVDNERLSRQKLAFLVQTEPRMLLMEGLKLLSLCIEVDSCNANGCEHNSEDKSVEKILHECGILT
PSLCFVVPDGYKLTGNVLILLECFVRSSPANFEQKYIEDLKKLEQLREDLKSVDINLIPLIDGRTSFYNEQLPDWVNDKL
RDTLFSLLRYAQESNSLFEESEYSRLCESLSMTSGRLSGIESLNTLLDNRSDHYEEIIALCHQGINNKLTAHEVKLQIEE
EYQVFRNRLRGGEIKCQFMRVNKDHLLSEFNKLYIDDGVVVEENLEQLTHQFKRASPILRFLYSDIEGEEDRRNTQAIKE
HQMQCWRSFLNKVKSLRILNTRRKLLLIFDTLILLASKYDHIKQGCLQGWLGSCFVSVNDRLVSLDSTKRDLKKWIERRQ
QVESSKSTAPSQCLSKNQILSSIIQKTIKRATAAMEDVGINMNHFGVDMSVIGLDCYDSIMNFDVTGVTPTISYQKSQEE
TFPYAMGVVELSETTDLGRLSSLSLALINSMKTSSTVKLRQNEFGAARYQVVRCKEAYCQEFLLDGVKFQLVYQKTGECS
KCYAINNDKVGEVCSFYADPKRYFPAIFSAEVLQATVDTMITWIKDCNELEKELTHIKLLTKMILVLILAHPSKRSQKLL
QNLRYFIMAYVSDYHHVDLMDKIKEKLITETEFLLYKLIRALISLILCNEVKSMMTNRFKFILNVSYMCHFITKETPDRL
TDQIKCFEKFLEPKIEFGHVSVNPADIATEEELMDMAYHAKKFLSKEGCTAPRGPEYKKPGVSKKFLSLLTSSFNNGSLF
KEKEVKKELRDPIITSGCATALDLASNKSVVVNKYTDGSRVLNYDFNKLTALAVTQLTEVFSRKGKHLLNRQDYEYKVQQ
AMSNLVLGSQQQGVNVDRSDLDEILLEGSASLYFDQLRETVQKIVDQYREPAGLGSMKGGNSEPSINDLDELIPNKFHIR
LIKGELSNHMVEDFDCEILPDSFYKEFCDNVYSNHKMKEKYFYCGHMSQCPIGELSKAVTTRTYFEQEYFQCFKSVLLIM
NANKLMGKYSHYRSRNLNFKFDTGKLSDDVRISERESNSEALSKALSLTNCTTAMLKNLCFYSQESPQSYNSVGPDTGRL
KFSLSYKEQVGGNRELYIGDLRTKMFTRLIEDYFEALSLQLSGSCLNNEKEFENAILSMKLNVSLAHVSYSMDHSKWGPM
MCPFLFLAVLQNLIFLSKDLQADIKGRDYLSTLLTWHMHKMVEIPFNVVSAMMKSFIKAQLGLRKSTSQSITEDFFYSNF
QVGVVPSHVSSILDMGQGILHNTSDFYALISERFINYAISSVCGGSIDAYTSSDDQISLFNQDLTDLMQRDPEEFKTLLE
FHYYMSNQLNKFISPKSVVGRFVAEFKSRFYVWGDEVPLLTKFVAAALHNIKCKEPHQLAETIDTIIDQSVANGVPVHLC
NLIQLRTLSLLQYARYPIDPFLLNCETDVKDWVDGNRSYRIMRQIESLIPEACGKIRSMLRKLFNKLKTGQLHEEFTTNY
LSGEHVSSLKNLCIILDVDPPSESDLEFSWLNLAAYHPLRMVLRQKVIYSGAVNLDDEKIPTIVKTIQNKLSSTFTRGAQ
KLLSEAINKSAFQSSIASGFVGLCRTLGSKCVRGPNKENLYIKSIQSLISNTQGIELLTNNHGIQYWRVPLNLKEEKISV
AGYFRPLLWDYMCISLSTAIELGAWVLGEPKAAKPLEFFKHNPCDYFPLKPTASKLLEDRVGVNHIIHSLRRLYPSMFEK
HILPFMSDLASTKMKWSPRIKFLDLCVALDVNCEALSLVSHIVKWKREEHYIVLSSELRLSHSRSHEPMVEERVVSTSDA
VDNFMRQIYFESYVRSFVATTRTLGSFTWFPHKTSIPEGEGLQRLGPFSSFVEKVIYKGIERPMFKYDLMMGYAWIDFDV
EPAKFNYNQLIASGLVSSKFDSLEDFFDAIESLPPGSVKLSQTIRFQIKSQDASFRESFAIHLNFVGSMNEQGKYLVQDV
AVMYSGAVNSCVLTDCWRLVLSGPTFKGKSAWYVDTEAINEFMSDTNQLGEVTPVEIVIDIDRLQFVEHDFVLVGPCSEA
IPLVVHRGGLWECNKRLASFSPVLQDQDLELFVREVGDTSPDLLIGALSAMMLDRLKLRMQWSGVDIVSVLKKVMPKDGL
KVLNAAFEAVDDWIEFKGYALCFSKSKRRVMIQSSGGKLRLKGRTCEELLEKEEEVEDIESASNSLEVLFQ
;
L
2 'polyribonucleotide' GCGCACCGGGGAUC A
3 'polyribonucleotide' GGGAGAUGAAAGUCUCCAACUGAAGAGUCCAA T
4 'polyribonucleotide' GGACUCUUC P
#
# COMPACT_ATOMS: atom_id res chain seq x y z
N MET A 1 -8.18 -31.49 -31.31
CA MET A 1 -7.25 -32.30 -32.09
C MET A 1 -7.47 -32.10 -33.58
N GLU A 2 -8.44 -32.82 -34.13
CA GLU A 2 -8.70 -32.76 -35.57
C GLU A 2 -9.12 -31.35 -36.01
N GLU A 3 -9.83 -30.63 -35.15
CA GLU A 3 -10.23 -29.27 -35.49
C GLU A 3 -9.06 -28.29 -35.34
N ASP A 4 -8.23 -28.49 -34.32
CA ASP A 4 -7.12 -27.58 -34.07
C ASP A 4 -6.10 -27.61 -35.20
N ILE A 5 -5.82 -28.81 -35.74
CA ILE A 5 -4.86 -28.92 -36.82
C ILE A 5 -5.37 -28.19 -38.06
N ALA A 6 -6.66 -28.31 -38.36
CA ALA A 6 -7.22 -27.56 -39.48
C ALA A 6 -7.17 -26.06 -39.21
N TYR A 7 -7.42 -25.66 -37.95
CA TYR A 7 -7.34 -24.24 -37.61
C TYR A 7 -5.95 -23.68 -37.87
N VAL A 8 -4.90 -24.41 -37.48
CA VAL A 8 -3.57 -23.86 -37.71
C VAL A 8 -3.16 -24.00 -39.17
N LYS A 9 -3.68 -24.99 -39.89
CA LYS A 9 -3.45 -25.01 -41.33
C LYS A 9 -4.04 -23.77 -41.99
N ASP A 10 -5.21 -23.34 -41.54
CA ASP A 10 -5.79 -22.10 -42.05
C ASP A 10 -4.98 -20.88 -41.60
N LEU A 11 -4.59 -20.86 -40.32
CA LEU A 11 -3.90 -19.70 -39.77
C LEU A 11 -2.55 -19.48 -40.44
N VAL A 12 -1.79 -20.56 -40.65
CA VAL A 12 -0.52 -20.45 -41.37
C VAL A 12 -0.77 -20.01 -42.80
N SER A 13 -1.79 -20.58 -43.44
CA SER A 13 -2.09 -20.23 -44.82
C SER A 13 -2.46 -18.75 -44.95
N LYS A 14 -3.33 -18.28 -44.06
CA LYS A 14 -3.81 -16.90 -44.16
C LYS A 14 -2.73 -15.91 -43.76
N TYR A 15 -2.05 -16.17 -42.65
CA TYR A 15 -1.04 -15.26 -42.11
C TYR A 15 0.33 -15.92 -42.28
N LEU A 16 1.11 -15.40 -43.24
CA LEU A 16 2.51 -15.76 -43.42
C LEU A 16 3.08 -14.85 -44.50
N VAL A 17 4.33 -14.42 -44.31
CA VAL A 17 4.95 -13.51 -45.26
C VAL A 17 5.14 -14.21 -46.60
N ASP A 18 4.91 -13.47 -47.68
CA ASP A 18 5.05 -14.01 -49.04
C ASP A 18 6.53 -14.07 -49.41
N ASN A 19 7.22 -15.04 -48.82
CA ASN A 19 8.61 -15.32 -49.15
C ASN A 19 8.66 -16.67 -49.85
N GLU A 20 9.34 -16.70 -51.01
CA GLU A 20 9.40 -17.93 -51.80
C GLU A 20 10.07 -19.05 -51.02
N ARG A 21 11.12 -18.72 -50.26
CA ARG A 21 11.84 -19.73 -49.49
C ARG A 21 10.92 -20.40 -48.48
N LEU A 22 10.08 -19.63 -47.81
CA LEU A 22 9.11 -20.23 -46.89
C LEU A 22 7.99 -20.93 -47.65
N SER A 23 7.71 -20.49 -48.88
CA SER A 23 6.59 -21.04 -49.64
C SER A 23 6.73 -22.54 -49.82
N ARG A 24 7.94 -23.00 -50.14
CA ARG A 24 8.17 -24.43 -50.31
C ARG A 24 7.81 -25.20 -49.05
N GLN A 25 8.09 -24.63 -47.88
CA GLN A 25 7.69 -25.26 -46.64
C GLN A 25 6.20 -25.07 -46.35
N LYS A 26 5.62 -23.96 -46.79
CA LYS A 26 4.19 -23.76 -46.57
C LYS A 26 3.38 -24.80 -47.34
N LEU A 27 3.77 -25.09 -48.58
CA LEU A 27 3.02 -26.06 -49.37
C LEU A 27 3.16 -27.48 -48.85
N ALA A 28 4.21 -27.77 -48.07
CA ALA A 28 4.37 -29.08 -47.48
C ALA A 28 3.73 -29.20 -46.10
N PHE A 29 3.54 -28.07 -45.41
CA PHE A 29 2.90 -28.10 -44.09
C PHE A 29 1.39 -28.31 -44.20
N LEU A 30 0.78 -27.93 -45.31
CA LEU A 30 -0.66 -28.00 -45.47
C LEU A 30 -1.16 -29.35 -45.94
N VAL A 31 -0.26 -30.30 -46.19
CA VAL A 31 -0.64 -31.60 -46.73
C VAL A 31 -0.27 -32.77 -45.84
N GLN A 32 0.69 -32.61 -44.93
CA GLN A 32 1.09 -33.70 -44.04
C GLN A 32 0.06 -33.82 -42.93
N THR A 33 -1.00 -34.58 -43.20
CA THR A 33 -2.07 -34.77 -42.22
C THR A 33 -1.68 -35.71 -41.09
N GLU A 34 -0.56 -36.41 -41.20
CA GLU A 34 -0.09 -37.27 -40.12
C GLU A 34 0.39 -36.40 -38.98
N PRO A 35 -0.14 -36.56 -37.76
CA PRO A 35 0.19 -35.61 -36.69
C PRO A 35 1.68 -35.49 -36.42
N ARG A 36 2.42 -36.60 -36.51
CA ARG A 36 3.87 -36.53 -36.40
C ARG A 36 4.48 -35.79 -37.59
N MET A 37 4.00 -36.10 -38.80
CA MET A 37 4.49 -35.40 -39.98
C MET A 37 4.09 -33.93 -39.95
N LEU A 38 2.87 -33.64 -39.50
CA LEU A 38 2.44 -32.25 -39.36
C LEU A 38 3.31 -31.51 -38.37
N LEU A 39 3.63 -32.14 -37.23
CA LEU A 39 4.49 -31.53 -36.24
C LEU A 39 5.89 -31.27 -36.80
N MET A 40 6.46 -32.25 -37.50
CA MET A 40 7.80 -32.06 -38.05
C MET A 40 7.82 -30.95 -39.09
N GLU A 41 6.81 -30.91 -39.97
CA GLU A 41 6.74 -29.85 -40.97
C GLU A 41 6.56 -28.48 -40.31
N GLY A 42 5.77 -28.41 -39.25
CA GLY A 42 5.58 -27.14 -38.56
C GLY A 42 6.85 -26.65 -37.90
N LEU A 43 7.58 -27.54 -37.22
CA LEU A 43 8.85 -27.13 -36.63
C LEU A 43 9.84 -26.70 -37.70
N LYS A 44 9.88 -27.42 -38.82
CA LYS A 44 10.76 -27.02 -39.91
C LYS A 44 10.39 -25.65 -40.43
N LEU A 45 9.10 -25.37 -40.59
CA LEU A 45 8.69 -24.07 -41.10
C LEU A 45 9.07 -22.95 -40.13
N LEU A 46 8.87 -23.19 -38.83
CA LEU A 46 9.29 -22.20 -37.84
C LEU A 46 10.79 -21.96 -37.91
N SER A 47 11.57 -23.02 -38.08
CA SER A 47 13.02 -22.86 -38.17
C SER A 47 13.41 -22.07 -39.41
N LEU A 48 12.76 -22.34 -40.54
CA LEU A 48 13.05 -21.57 -41.75
C LEU A 48 12.71 -20.10 -41.58
N CYS A 49 11.55 -19.80 -41.00
CA CYS A 49 11.18 -18.39 -40.85
C CYS A 49 12.03 -17.70 -39.79
N ILE A 50 12.61 -18.43 -38.84
CA ILE A 50 13.56 -17.84 -37.92
C ILE A 50 14.90 -17.59 -38.59
N GLU A 51 15.35 -18.53 -39.42
CA GLU A 51 16.65 -18.36 -40.04
C GLU A 51 16.62 -17.47 -41.27
N VAL A 52 15.43 -17.07 -41.73
CA VAL A 52 15.36 -16.18 -42.88
C VAL A 52 15.40 -14.70 -42.50
N ASP A 53 15.09 -14.36 -41.24
CA ASP A 53 15.23 -12.98 -40.82
C ASP A 53 16.57 -12.71 -40.15
N SER A 54 17.15 -13.72 -39.53
CA SER A 54 18.52 -13.61 -39.04
C SER A 54 19.48 -13.35 -40.21
N CYS A 55 19.31 -14.06 -41.32
CA CYS A 55 20.08 -13.76 -42.51
C CYS A 55 19.79 -12.36 -43.00
N ASN A 56 18.53 -11.92 -42.89
CA ASN A 56 18.20 -10.53 -43.20
C ASN A 56 18.55 -9.58 -42.06
N ALA A 57 19.00 -10.10 -40.92
CA ALA A 57 19.47 -9.26 -39.82
C ALA A 57 20.99 -9.07 -39.86
N ASN A 58 21.73 -10.13 -40.13
CA ASN A 58 23.18 -10.06 -40.21
C ASN A 58 23.69 -9.84 -41.62
N GLY A 59 22.81 -9.68 -42.60
CA GLY A 59 23.19 -9.38 -43.96
C GLY A 59 23.51 -10.58 -44.82
N CYS A 60 23.71 -11.75 -44.23
CA CYS A 60 24.10 -12.92 -45.00
C CYS A 60 22.99 -13.36 -45.95
N GLU A 61 23.40 -13.78 -47.15
CA GLU A 61 22.45 -14.34 -48.11
C GLU A 61 22.12 -15.77 -47.73
N HIS A 62 20.85 -16.15 -47.93
CA HIS A 62 20.31 -17.39 -47.40
C HIS A 62 20.58 -18.55 -48.38
N ASN A 63 21.10 -19.65 -47.84
CA ASN A 63 21.26 -20.88 -48.63
C ASN A 63 19.89 -21.56 -48.73
N SER A 64 19.07 -21.05 -49.65
CA SER A 64 17.76 -21.65 -49.87
C SER A 64 17.89 -23.07 -50.39
N GLU A 65 18.84 -23.32 -51.28
CA GLU A 65 19.06 -24.63 -51.88
C GLU A 65 20.06 -25.48 -51.11
N ASP A 66 20.41 -25.09 -49.89
CA ASP A 66 21.35 -25.83 -49.04
C ASP A 66 22.70 -26.02 -49.75
N LYS A 67 23.18 -24.94 -50.36
CA LYS A 67 24.44 -24.97 -51.07
C LYS A 67 25.59 -25.30 -50.14
N SER A 68 26.25 -26.43 -50.37
CA SER A 68 27.37 -26.85 -49.54
C SER A 68 28.54 -25.89 -49.71
N VAL A 69 29.56 -26.09 -48.88
CA VAL A 69 30.72 -25.20 -48.90
C VAL A 69 31.41 -25.24 -50.26
N GLU A 70 31.46 -26.42 -50.89
CA GLU A 70 32.09 -26.53 -52.19
C GLU A 70 31.35 -25.70 -53.24
N LYS A 71 30.03 -25.67 -53.17
CA LYS A 71 29.24 -24.98 -54.19
C LYS A 71 29.56 -23.48 -54.21
N ILE A 72 29.48 -22.82 -53.06
CA ILE A 72 29.79 -21.39 -53.00
C ILE A 72 31.25 -21.15 -53.34
N LEU A 73 32.15 -22.01 -52.86
CA LEU A 73 33.56 -21.86 -53.18
C LEU A 73 33.81 -22.01 -54.68
N HIS A 74 33.14 -22.97 -55.32
CA HIS A 74 33.26 -23.12 -56.76
C HIS A 74 32.73 -21.88 -57.50
N GLU A 75 31.61 -21.34 -57.04
CA GLU A 75 31.03 -20.16 -57.67
C GLU A 75 31.84 -18.92 -57.34
N VAL A 86 29.16 -28.26 -42.24
CA VAL A 86 29.44 -28.57 -43.63
C VAL A 86 28.60 -27.70 -44.55
N VAL A 87 27.29 -27.64 -44.27
CA VAL A 87 26.35 -26.85 -45.06
C VAL A 87 25.98 -25.62 -44.24
N PRO A 88 26.37 -24.43 -44.63
CA PRO A 88 26.07 -23.24 -43.84
C PRO A 88 24.64 -22.76 -44.06
N ASP A 89 24.20 -21.89 -43.16
CA ASP A 89 22.91 -21.23 -43.29
C ASP A 89 23.01 -19.82 -43.84
N GLY A 90 24.20 -19.40 -44.27
CA GLY A 90 24.37 -18.07 -44.83
C GLY A 90 25.72 -17.96 -45.50
N TYR A 91 25.94 -16.82 -46.15
CA TYR A 91 27.21 -16.53 -46.81
C TYR A 91 27.24 -15.08 -47.23
N LYS A 92 28.42 -14.47 -47.14
CA LYS A 92 28.66 -13.12 -47.67
C LYS A 92 30.06 -13.03 -48.27
N LEU A 93 30.53 -14.12 -48.88
CA LEU A 93 31.88 -14.16 -49.42
C LEU A 93 32.11 -13.06 -50.45
N THR A 94 32.98 -12.11 -50.12
CA THR A 94 33.27 -10.98 -51.01
C THR A 94 34.69 -10.53 -50.73
N GLY A 95 35.47 -10.34 -51.79
CA GLY A 95 36.88 -10.05 -51.62
C GLY A 95 37.57 -11.19 -50.91
N ASN A 96 38.32 -10.87 -49.86
CA ASN A 96 38.96 -11.87 -49.02
C ASN A 96 38.17 -12.14 -47.75
N VAL A 97 36.96 -11.63 -47.65
CA VAL A 97 36.15 -11.69 -46.43
C VAL A 97 35.00 -12.66 -46.67
N LEU A 98 35.04 -13.79 -45.99
CA LEU A 98 33.97 -14.79 -46.03
C LEU A 98 33.27 -14.83 -44.68
N ILE A 99 31.94 -14.70 -44.70
CA ILE A 99 31.12 -14.73 -43.49
C ILE A 99 30.23 -15.95 -43.58
N LEU A 100 30.52 -16.97 -42.76
CA LEU A 100 29.66 -18.13 -42.68
C LEU A 100 28.74 -18.00 -41.48
N LEU A 101 27.44 -18.10 -41.72
CA LEU A 101 26.43 -17.95 -40.69
C LEU A 101 25.70 -19.27 -40.50
N GLU A 102 25.44 -19.62 -39.24
CA GLU A 102 24.55 -20.72 -38.93
C GLU A 102 23.67 -20.30 -37.76
N CYS A 103 22.48 -20.88 -37.69
CA CYS A 103 21.46 -20.47 -36.73
C CYS A 103 20.85 -21.69 -36.06
N PHE A 104 20.35 -21.48 -34.84
CA PHE A 104 19.63 -22.52 -34.12
C PHE A 104 18.72 -21.86 -33.10
N VAL A 105 17.85 -22.66 -32.51
CA VAL A 105 16.89 -22.20 -31.52
C VAL A 105 16.87 -23.21 -30.38
N ARG A 106 17.52 -22.87 -29.27
CA ARG A 106 17.50 -23.67 -28.05
C ARG A 106 17.08 -22.78 -26.89
N SER A 107 16.25 -23.32 -26.01
CA SER A 107 15.77 -22.54 -24.86
C SER A 107 16.56 -22.80 -23.59
N SER A 108 17.01 -24.02 -23.37
CA SER A 108 17.75 -24.33 -22.14
C SER A 108 19.13 -23.69 -22.19
N PRO A 109 19.48 -22.81 -21.25
CA PRO A 109 20.81 -22.19 -21.31
C PRO A 109 21.95 -23.18 -21.21
N ALA A 110 21.73 -24.34 -20.58
CA ALA A 110 22.76 -25.37 -20.58
C ALA A 110 22.89 -26.01 -21.95
N ASN A 111 21.76 -26.27 -22.62
CA ASN A 111 21.80 -26.89 -23.94
C ASN A 111 22.29 -25.91 -24.99
N PHE A 112 21.96 -24.63 -24.82
CA PHE A 112 22.47 -23.59 -25.69
C PHE A 112 23.99 -23.66 -25.80
N GLU A 113 24.66 -23.88 -24.68
CA GLU A 113 26.11 -23.99 -24.70
C GLU A 113 26.57 -25.17 -25.53
N GLN A 114 25.90 -26.32 -25.38
CA GLN A 114 26.30 -27.50 -26.15
C GLN A 114 26.17 -27.24 -27.64
N LYS A 115 25.05 -26.65 -28.06
CA LYS A 115 24.85 -26.39 -29.48
C LYS A 115 25.86 -25.37 -29.99
N TYR A 116 26.15 -24.33 -29.19
CA TYR A 116 27.10 -23.31 -29.62
C TYR A 116 28.50 -23.92 -29.77
N ILE A 117 28.88 -24.80 -28.85
CA ILE A 117 30.18 -25.45 -28.93
C ILE A 117 30.25 -26.35 -30.16
N GLU A 118 29.15 -27.07 -30.46
CA GLU A 118 29.14 -27.90 -31.66
C GLU A 118 29.32 -27.07 -32.92
N ASP A 119 28.65 -25.91 -32.99
CA ASP A 119 28.81 -25.04 -34.15
C ASP A 119 30.22 -24.48 -34.24
N LEU A 120 30.80 -24.09 -33.11
CA LEU A 120 32.18 -23.62 -33.12
C LEU A 120 33.13 -24.69 -33.63
N LYS A 121 32.96 -25.93 -33.18
CA LYS A 121 33.79 -27.01 -33.68
C LYS A 121 33.59 -27.22 -35.18
N LYS A 122 32.33 -27.19 -35.63
CA LYS A 122 32.04 -27.41 -37.05
C LYS A 122 32.67 -26.33 -37.92
N LEU A 123 32.80 -25.11 -37.42
CA LEU A 123 33.46 -24.09 -38.22
C LEU A 123 34.98 -24.14 -38.07
N GLU A 124 35.47 -24.41 -36.87
CA GLU A 124 36.90 -24.40 -36.60
C GLU A 124 37.62 -25.60 -37.17
N GLN A 125 36.90 -26.65 -37.56
CA GLN A 125 37.54 -27.77 -38.24
C GLN A 125 37.89 -27.45 -39.69
N LEU A 126 37.33 -26.38 -40.26
CA LEU A 126 37.70 -25.94 -41.59
C LEU A 126 38.26 -24.53 -41.63
N ARG A 127 38.28 -23.80 -40.51
CA ARG A 127 38.89 -22.47 -40.51
C ARG A 127 40.32 -22.50 -41.04
N GLU A 128 41.14 -23.43 -40.55
CA GLU A 128 42.53 -23.48 -40.96
C GLU A 128 42.65 -23.77 -42.44
N ASP A 129 41.86 -24.72 -42.94
CA ASP A 129 41.94 -25.08 -44.35
C ASP A 129 41.48 -23.93 -45.25
N LEU A 130 40.41 -23.24 -44.86
CA LEU A 130 39.93 -22.14 -45.68
C LEU A 130 40.90 -20.97 -45.68
N LYS A 131 41.34 -20.56 -44.49
CA LYS A 131 42.24 -19.42 -44.37
C LYS A 131 43.66 -19.76 -44.79
N SER A 132 43.95 -21.04 -45.06
CA SER A 132 45.30 -21.43 -45.45
C SER A 132 45.72 -20.77 -46.76
N VAL A 133 44.90 -20.90 -47.80
CA VAL A 133 45.36 -20.49 -49.12
C VAL A 133 45.08 -19.02 -49.41
N ASP A 134 43.81 -18.66 -49.56
CA ASP A 134 43.50 -17.32 -50.03
C ASP A 134 42.57 -16.54 -49.11
N ILE A 135 41.39 -17.09 -48.83
CA ILE A 135 40.30 -16.33 -48.20
C ILE A 135 40.24 -16.68 -46.72
N ASN A 136 40.14 -15.64 -45.88
CA ASN A 136 40.03 -15.81 -44.45
C ASN A 136 38.57 -15.98 -44.03
N LEU A 137 38.37 -16.76 -42.97
CA LEU A 137 37.04 -17.06 -42.46
C LEU A 137 36.67 -16.14 -41.30
N ILE A 138 35.40 -15.73 -41.26
CA ILE A 138 34.85 -14.93 -40.17
C ILE A 138 33.63 -15.65 -39.60
N PRO A 139 33.79 -16.52 -38.61
CA PRO A 139 32.65 -17.25 -38.06
C PRO A 139 31.58 -16.31 -37.53
N LEU A 140 30.34 -16.78 -37.57
CA LEU A 140 29.20 -16.04 -37.04
C LEU A 140 28.16 -17.03 -36.56
N ILE A 141 27.62 -16.78 -35.37
CA ILE A 141 26.55 -17.58 -34.79
C ILE A 141 25.41 -16.65 -34.41
N ASP A 142 24.17 -17.11 -34.60
CA ASP A 142 22.98 -16.36 -34.23
C ASP A 142 22.00 -17.25 -33.50
N GLY A 143 22.47 -17.96 -32.49
CA GLY A 143 21.59 -18.78 -31.69
C GLY A 143 20.48 -17.99 -31.03
N ARG A 144 19.25 -18.47 -31.13
CA ARG A 144 18.10 -17.82 -30.53
C ARG A 144 17.53 -18.69 -29.42
N THR A 145 16.89 -18.04 -28.45
CA THR A 145 16.40 -18.72 -27.25
C THR A 145 14.93 -19.09 -27.33
N SER A 146 14.22 -18.68 -28.38
CA SER A 146 12.80 -18.98 -28.51
C SER A 146 12.41 -18.96 -29.97
N PHE A 147 11.26 -19.56 -30.26
CA PHE A 147 10.70 -19.57 -31.62
C PHE A 147 9.92 -18.29 -31.88
N TYR A 148 10.61 -17.14 -31.90
CA TYR A 148 9.89 -15.88 -32.00
C TYR A 148 9.25 -15.72 -33.37
N ASN A 149 10.06 -15.68 -34.42
CA ASN A 149 9.55 -15.75 -35.79
C ASN A 149 8.64 -14.56 -36.13
N GLU A 150 9.25 -13.39 -36.25
CA GLU A 150 8.42 -12.24 -36.63
C GLU A 150 8.00 -12.22 -38.09
N GLN A 151 8.33 -13.25 -38.88
CA GLN A 151 7.72 -13.38 -40.21
C GLN A 151 6.23 -13.61 -40.10
N LEU A 152 5.82 -14.42 -39.15
CA LEU A 152 4.42 -14.56 -38.79
C LEU A 152 4.00 -13.37 -37.94
N PRO A 153 2.72 -12.98 -37.96
CA PRO A 153 2.28 -11.93 -37.06
C PRO A 153 2.21 -12.42 -35.63
N ASP A 154 2.22 -11.44 -34.70
CA ASP A 154 2.70 -11.70 -33.35
C ASP A 154 1.81 -12.68 -32.59
N TRP A 155 0.49 -12.53 -32.69
CA TRP A 155 -0.39 -13.41 -31.94
C TRP A 155 -0.41 -14.82 -32.51
N VAL A 156 -0.18 -14.96 -33.82
CA VAL A 156 -0.15 -16.29 -34.43
C VAL A 156 1.00 -17.11 -33.88
N ASN A 157 2.12 -16.47 -33.60
CA ASN A 157 3.27 -17.17 -33.03
C ASN A 157 2.96 -17.78 -31.68
N ASP A 158 1.90 -17.33 -31.03
CA ASP A 158 1.45 -17.95 -29.80
C ASP A 158 0.36 -18.98 -30.06
N LYS A 159 -0.58 -18.67 -30.96
CA LYS A 159 -1.61 -19.63 -31.32
C LYS A 159 -1.01 -20.84 -32.00
N LEU A 160 -0.06 -20.64 -32.91
CA LEU A 160 0.58 -21.76 -33.58
C LEU A 160 1.44 -22.57 -32.60
N ARG A 161 2.14 -21.90 -31.70
CA ARG A 161 2.97 -22.60 -30.72
C ARG A 161 2.12 -23.49 -29.82
N ASP A 162 0.98 -22.97 -29.35
CA ASP A 162 0.14 -23.74 -28.44
C ASP A 162 -0.35 -25.01 -29.11
N THR A 163 -0.83 -24.90 -30.35
CA THR A 163 -1.31 -26.06 -31.07
C THR A 163 -0.19 -27.03 -31.36
N LEU A 164 0.96 -26.52 -31.80
CA LEU A 164 2.08 -27.38 -32.12
C LEU A 164 2.52 -28.17 -30.89
N PHE A 165 2.59 -27.52 -29.74
CA PHE A 165 2.94 -28.23 -28.51
C PHE A 165 1.84 -29.24 -28.14
N SER A 166 0.58 -28.86 -28.28
CA SER A 166 -0.52 -29.74 -27.86
C SER A 166 -0.58 -31.00 -28.70
N LEU A 167 -0.22 -30.93 -29.98
CA LEU A 167 -0.18 -32.15 -30.80
C LEU A 167 0.71 -33.21 -30.18
N LEU A 168 1.96 -32.87 -29.87
CA LEU A 168 2.83 -33.89 -29.29
C LEU A 168 2.44 -34.20 -27.86
N ARG A 169 1.85 -33.24 -27.14
CA ARG A 169 1.47 -33.49 -25.75
C ARG A 169 0.23 -34.37 -25.63
N TYR A 170 -0.56 -34.50 -26.69
CA TYR A 170 -1.82 -35.23 -26.62
C TYR A 170 -1.84 -36.47 -27.49
N ALA A 171 -1.44 -36.37 -28.76
CA ALA A 171 -1.50 -37.50 -29.68
C ALA A 171 -0.18 -38.29 -29.74
N GLN A 172 0.96 -37.60 -29.69
CA GLN A 172 2.27 -38.25 -29.78
C GLN A 172 2.71 -38.71 -28.39
N GLU A 173 2.13 -39.83 -27.96
CA GLU A 173 2.44 -40.43 -26.67
C GLU A 173 3.47 -41.55 -26.78
N SER A 174 4.22 -41.59 -27.87
CA SER A 174 5.20 -42.65 -28.12
C SER A 174 6.59 -42.09 -28.32
N SER A 184 11.56 -35.73 -28.81
CA SER A 184 10.82 -36.21 -27.66
C SER A 184 11.35 -35.59 -26.38
N ARG A 185 10.67 -34.55 -25.91
CA ARG A 185 11.04 -33.80 -24.70
C ARG A 185 12.40 -33.12 -24.84
N LEU A 186 12.91 -33.00 -26.06
CA LEU A 186 14.20 -32.38 -26.32
C LEU A 186 14.05 -30.93 -26.76
N CYS A 187 13.32 -30.70 -27.85
CA CYS A 187 13.08 -29.35 -28.35
C CYS A 187 11.80 -28.82 -27.69
N GLU A 188 11.94 -28.45 -26.42
CA GLU A 188 10.81 -27.97 -25.62
C GLU A 188 10.76 -26.46 -25.56
N SER A 189 11.24 -25.79 -26.59
CA SER A 189 10.92 -24.38 -26.80
C SER A 189 9.48 -24.20 -27.26
N LEU A 190 8.78 -25.31 -27.53
CA LEU A 190 7.36 -25.28 -27.82
C LEU A 190 6.53 -25.00 -26.56
N SER A 191 7.15 -25.00 -25.39
CA SER A 191 6.53 -24.48 -24.19
C SER A 191 7.00 -23.08 -23.83
N MET A 192 8.21 -22.72 -24.26
CA MET A 192 8.74 -21.38 -24.00
C MET A 192 7.95 -20.37 -24.82
N THR A 193 7.20 -19.52 -24.13
CA THR A 193 6.30 -18.59 -24.80
C THR A 193 7.06 -17.69 -25.75
N SER A 194 6.50 -17.52 -26.95
CA SER A 194 7.17 -16.85 -28.06
C SER A 194 6.61 -15.46 -28.34
N GLY A 195 5.85 -14.90 -27.40
CA GLY A 195 5.27 -13.59 -27.58
C GLY A 195 6.11 -12.47 -27.03
N ARG A 196 5.80 -11.25 -27.46
CA ARG A 196 6.53 -10.07 -27.00
C ARG A 196 5.63 -8.87 -26.72
N LEU A 197 4.33 -8.98 -26.92
CA LEU A 197 3.42 -7.84 -26.85
C LEU A 197 2.56 -7.93 -25.59
N SER A 198 1.64 -6.97 -25.46
CA SER A 198 0.83 -6.86 -24.26
C SER A 198 -0.08 -8.07 -24.08
N GLY A 199 -0.64 -8.57 -25.18
CA GLY A 199 -1.57 -9.68 -25.13
C GLY A 199 -2.98 -9.33 -25.54
N ILE A 200 -3.26 -8.07 -25.85
CA ILE A 200 -4.59 -7.68 -26.32
C ILE A 200 -4.89 -8.33 -27.65
N GLU A 201 -3.87 -8.44 -28.52
CA GLU A 201 -4.07 -9.01 -29.84
C GLU A 201 -4.47 -10.46 -29.80
N SER A 202 -4.34 -11.13 -28.66
CA SER A 202 -4.74 -12.52 -28.54
C SER A 202 -6.24 -12.71 -28.64
N LEU A 203 -7.03 -11.65 -28.79
CA LEU A 203 -8.46 -11.79 -28.94
C LEU A 203 -8.83 -12.46 -30.26
N ASN A 204 -7.92 -12.48 -31.23
CA ASN A 204 -8.17 -13.19 -32.48
C ASN A 204 -8.25 -14.69 -32.27
N THR A 205 -7.66 -15.20 -31.21
CA THR A 205 -7.74 -16.63 -30.93
C THR A 205 -9.12 -17.06 -30.46
N LEU A 206 -10.01 -16.12 -30.14
CA LEU A 206 -11.37 -16.45 -29.76
C LEU A 206 -12.29 -16.20 -30.94
N LEU A 207 -13.44 -16.86 -30.92
CA LEU A 207 -14.44 -16.68 -31.96
C LEU A 207 -15.18 -15.38 -31.74
N ASP A 208 -15.37 -14.63 -32.81
CA ASP A 208 -16.01 -13.32 -32.75
C ASP A 208 -17.50 -13.52 -33.01
N ASN A 209 -18.33 -13.24 -32.01
CA ASN A 209 -19.77 -13.38 -32.15
C ASN A 209 -20.49 -12.04 -32.03
N ARG A 210 -19.83 -10.96 -32.42
CA ARG A 210 -20.34 -9.62 -32.17
C ARG A 210 -21.47 -9.30 -33.14
N SER A 211 -22.68 -9.32 -32.63
CA SER A 211 -23.90 -9.23 -33.42
C SER A 211 -24.32 -7.76 -33.56
N ASP A 212 -25.59 -7.53 -33.88
CA ASP A 212 -26.09 -6.19 -34.19
C ASP A 212 -25.91 -5.20 -33.06
N HIS A 213 -25.84 -5.66 -31.81
CA HIS A 213 -25.70 -4.73 -30.69
C HIS A 213 -24.39 -3.94 -30.77
N TYR A 214 -23.29 -4.61 -31.12
CA TYR A 214 -22.03 -3.91 -31.23
C TYR A 214 -22.08 -2.88 -32.35
N GLU A 215 -22.69 -3.24 -33.47
CA GLU A 215 -22.82 -2.30 -34.57
C GLU A 215 -23.62 -1.09 -34.14
N GLU A 216 -24.67 -1.31 -33.34
CA GLU A 216 -25.49 -0.20 -32.85
C GLU A 216 -24.69 0.73 -31.96
N ILE A 217 -23.93 0.17 -31.02
CA ILE A 217 -23.14 1.00 -30.11
C ILE A 217 -22.10 1.80 -30.88
N ILE A 218 -21.41 1.17 -31.82
CA ILE A 218 -20.40 1.90 -32.60
C ILE A 218 -21.05 2.98 -33.45
N ALA A 219 -22.21 2.69 -34.05
CA ALA A 219 -22.91 3.70 -34.82
C ALA A 219 -23.28 4.88 -33.96
N LEU A 220 -23.63 4.63 -32.70
CA LEU A 220 -23.82 5.73 -31.75
C LEU A 220 -22.53 6.53 -31.62
N CYS A 221 -21.41 5.83 -31.45
CA CYS A 221 -20.13 6.52 -31.27
C CYS A 221 -19.73 7.32 -32.49
N HIS A 222 -20.34 7.07 -33.65
CA HIS A 222 -19.93 7.68 -34.90
C HIS A 222 -21.06 8.42 -35.59
N GLN A 223 -21.89 9.16 -34.85
CA GLN A 223 -23.07 9.77 -35.43
C GLN A 223 -23.19 11.21 -34.99
N GLY A 224 -23.14 12.13 -35.95
CA GLY A 224 -23.15 13.54 -35.65
C GLY A 224 -21.83 14.07 -35.15
N ILE A 225 -20.80 13.25 -35.14
CA ILE A 225 -19.50 13.58 -34.60
C ILE A 225 -18.54 13.66 -35.77
N ASN A 226 -18.17 14.86 -36.16
CA ASN A 226 -17.33 15.09 -37.33
C ASN A 226 -15.91 15.35 -36.84
N ASN A 227 -15.12 14.28 -36.76
CA ASN A 227 -13.79 14.35 -36.18
C ASN A 227 -12.71 14.63 -37.21
N LYS A 228 -13.05 15.31 -38.30
CA LYS A 228 -12.08 15.69 -39.32
C LYS A 228 -12.08 17.19 -39.59
N LEU A 229 -12.52 17.99 -38.62
CA LEU A 229 -12.47 19.43 -38.76
C LEU A 229 -11.04 19.91 -38.85
N THR A 230 -10.82 20.97 -39.61
CA THR A 230 -9.51 21.61 -39.63
C THR A 230 -9.38 22.56 -38.44
N ALA A 231 -8.18 23.10 -38.25
CA ALA A 231 -7.97 24.04 -37.17
C ALA A 231 -8.79 25.30 -37.36
N HIS A 232 -9.06 25.68 -38.60
CA HIS A 232 -9.84 26.89 -38.85
C HIS A 232 -11.30 26.70 -38.46
N GLU A 233 -11.88 25.55 -38.82
CA GLU A 233 -13.27 25.30 -38.43
C GLU A 233 -13.40 25.15 -36.93
N VAL A 234 -12.44 24.50 -36.28
CA VAL A 234 -12.47 24.37 -34.84
C VAL A 234 -12.38 25.74 -34.18
N LYS A 235 -11.48 26.60 -34.66
CA LYS A 235 -11.31 27.91 -34.04
C LYS A 235 -12.41 28.88 -34.40
N LEU A 236 -13.16 28.65 -35.47
CA LEU A 236 -14.32 29.49 -35.76
C LEU A 236 -15.55 29.01 -35.01
N GLN A 237 -15.66 27.71 -34.79
CA GLN A 237 -16.74 27.14 -34.00
C GLN A 237 -16.55 27.36 -32.52
N ILE A 238 -15.32 27.64 -32.08
CA ILE A 238 -15.04 27.79 -30.66
C ILE A 238 -15.07 29.25 -30.22
N GLU A 239 -14.97 30.19 -31.16
CA GLU A 239 -15.18 31.60 -30.83
C GLU A 239 -16.59 32.05 -31.15
N GLU A 240 -17.47 31.15 -31.55
CA GLU A 240 -18.89 31.41 -31.60
C GLU A 240 -19.67 30.67 -30.52
N GLU A 241 -19.03 29.76 -29.79
CA GLU A 241 -19.57 29.34 -28.51
C GLU A 241 -19.35 30.42 -27.48
N TYR A 242 -18.26 31.16 -27.60
CA TYR A 242 -17.91 32.13 -26.57
C TYR A 242 -18.78 33.38 -26.67
N GLN A 243 -19.07 33.84 -27.89
CA GLN A 243 -19.93 35.02 -27.99
C GLN A 243 -21.31 34.73 -27.43
N VAL A 244 -21.88 33.58 -27.78
CA VAL A 244 -23.19 33.21 -27.25
C VAL A 244 -23.14 33.00 -25.75
N PHE A 245 -22.11 32.30 -25.26
CA PHE A 245 -22.01 32.06 -23.82
C PHE A 245 -21.88 33.37 -23.07
N ARG A 246 -21.04 34.28 -23.55
CA ARG A 246 -20.82 35.53 -22.87
C ARG A 246 -22.08 36.39 -22.88
N ASN A 247 -22.78 36.44 -24.01
CA ASN A 247 -24.00 37.24 -24.08
C ASN A 247 -25.08 36.69 -23.16
N ARG A 248 -25.20 35.36 -23.07
CA ARG A 248 -26.22 34.80 -22.19
C ARG A 248 -25.79 34.73 -20.75
N LEU A 249 -24.50 34.94 -20.45
CA LEU A 249 -24.06 35.06 -19.08
C LEU A 249 -24.23 36.47 -18.56
N ARG A 250 -24.01 37.47 -19.42
CA ARG A 250 -24.28 38.85 -19.03
C ARG A 250 -25.78 39.11 -18.94
N GLY A 251 -26.57 38.38 -19.71
CA GLY A 251 -28.01 38.54 -19.71
C GLY A 251 -28.74 37.84 -18.60
N GLY A 252 -28.03 37.11 -17.74
CA GLY A 252 -28.65 36.44 -16.63
C GLY A 252 -29.33 35.13 -16.96
N GLU A 253 -29.24 34.65 -18.19
CA GLU A 253 -29.86 33.38 -18.53
C GLU A 253 -28.98 32.18 -18.18
N ILE A 254 -27.73 32.40 -17.82
CA ILE A 254 -26.83 31.34 -17.40
C ILE A 254 -26.36 31.64 -15.99
N LYS A 255 -26.36 30.63 -15.14
CA LYS A 255 -26.09 30.79 -13.72
C LYS A 255 -24.59 30.84 -13.49
N CYS A 256 -24.11 31.92 -12.89
CA CYS A 256 -22.70 32.05 -12.57
C CYS A 256 -22.31 31.05 -11.50
N GLN A 257 -21.07 30.56 -11.57
CA GLN A 257 -20.59 29.57 -10.61
C GLN A 257 -19.36 30.01 -9.84
N PHE A 258 -18.82 31.19 -10.09
CA PHE A 258 -17.64 31.67 -9.39
C PHE A 258 -17.89 33.06 -8.83
N MET A 259 -17.45 33.25 -7.60
CA MET A 259 -17.75 34.40 -6.76
C MET A 259 -16.45 35.05 -6.34
N ARG A 260 -16.40 36.37 -6.38
CA ARG A 260 -15.23 37.06 -5.88
C ARG A 260 -15.11 36.89 -4.37
N VAL A 261 -13.89 36.65 -3.89
CA VAL A 261 -13.65 36.44 -2.47
C VAL A 261 -13.67 37.79 -1.76
N ASN A 262 -14.43 37.88 -0.68
CA ASN A 262 -14.52 39.12 0.08
C ASN A 262 -13.57 39.18 1.26
N LYS A 263 -13.39 38.08 1.98
CA LYS A 263 -12.59 37.96 3.19
C LYS A 263 -13.23 38.63 4.38
N ASP A 264 -14.35 39.32 4.19
CA ASP A 264 -15.11 39.95 5.26
C ASP A 264 -16.51 39.39 5.32
N HIS A 265 -17.12 39.17 4.16
CA HIS A 265 -18.37 38.45 3.99
C HIS A 265 -18.17 36.95 4.00
N LEU A 266 -16.93 36.47 3.95
CA LEU A 266 -16.64 35.05 3.99
C LEU A 266 -16.39 34.54 5.40
N LEU A 267 -15.89 35.40 6.28
CA LEU A 267 -15.83 35.07 7.70
C LEU A 267 -17.22 35.15 8.33
N SER A 268 -17.98 36.18 7.98
CA SER A 268 -19.34 36.30 8.47
C SER A 268 -20.19 35.11 8.08
N GLU A 269 -19.85 34.45 6.97
CA GLU A 269 -20.58 33.27 6.56
C GLU A 269 -20.21 32.05 7.37
N PHE A 270 -18.96 31.96 7.82
CA PHE A 270 -18.59 30.86 8.69
C PHE A 270 -19.16 31.03 10.08
N ASN A 271 -19.28 32.28 10.54
CA ASN A 271 -19.85 32.51 11.86
C ASN A 271 -21.31 32.08 11.93
N LYS A 272 -22.10 32.39 10.89
CA LYS A 272 -23.51 32.09 10.87
C LYS A 272 -23.84 30.74 10.26
N LEU A 273 -22.86 29.84 10.19
CA LEU A 273 -23.04 28.64 9.39
C LEU A 273 -24.15 27.75 9.94
N TYR A 274 -24.23 27.60 11.25
CA TYR A 274 -25.19 26.71 11.87
C TYR A 274 -26.31 27.47 12.58
N ILE A 275 -26.62 28.68 12.12
CA ILE A 275 -27.49 29.57 12.89
C ILE A 275 -28.86 28.94 13.09
N ASP A 276 -29.36 28.23 12.09
CA ASP A 276 -30.70 27.66 12.18
C ASP A 276 -30.74 26.28 12.78
N ASP A 277 -29.61 25.76 13.26
CA ASP A 277 -29.61 24.56 14.08
C ASP A 277 -29.66 24.87 15.56
N GLY A 278 -29.76 26.15 15.93
CA GLY A 278 -29.89 26.53 17.31
C GLY A 278 -28.63 27.04 17.98
N VAL A 279 -27.52 27.17 17.24
CA VAL A 279 -26.28 27.59 17.87
C VAL A 279 -26.37 29.07 18.22
N VAL A 280 -25.71 29.45 19.32
CA VAL A 280 -25.81 30.79 19.87
C VAL A 280 -25.09 31.79 18.96
N VAL A 281 -25.53 33.05 19.01
CA VAL A 281 -25.03 34.04 18.07
C VAL A 281 -23.53 34.23 18.25
N GLU A 282 -23.07 34.37 19.49
CA GLU A 282 -21.65 34.46 19.77
C GLU A 282 -21.44 34.31 21.26
N GLU A 283 -20.17 34.19 21.65
CA GLU A 283 -19.80 34.00 23.04
C GLU A 283 -18.39 34.52 23.23
N ASN A 284 -18.04 34.82 24.47
CA ASN A 284 -16.67 35.18 24.81
C ASN A 284 -15.94 33.97 25.40
N LEU A 285 -14.64 34.13 25.64
CA LEU A 285 -13.84 33.02 26.11
C LEU A 285 -14.33 32.50 27.46
N GLU A 286 -14.75 33.40 28.35
CA GLU A 286 -15.12 32.97 29.69
C GLU A 286 -16.30 32.02 29.67
N GLN A 287 -17.32 32.31 28.86
CA GLN A 287 -18.42 31.37 28.72
C GLN A 287 -18.03 30.14 27.92
N LEU A 288 -17.15 30.32 26.93
CA LEU A 288 -16.72 29.20 26.12
C LEU A 288 -15.89 28.21 26.93
N THR A 289 -14.96 28.71 27.73
CA THR A 289 -14.18 27.84 28.61
C THR A 289 -15.06 27.18 29.66
N HIS A 290 -16.02 27.94 30.19
CA HIS A 290 -16.93 27.39 31.19
C HIS A 290 -17.73 26.23 30.61
N GLN A 291 -18.21 26.38 29.37
CA GLN A 291 -18.89 25.28 28.72
C GLN A 291 -17.95 24.11 28.47
N PHE A 292 -16.72 24.39 28.03
CA PHE A 292 -15.79 23.33 27.66
C PHE A 292 -15.45 22.45 28.86
N LYS A 293 -15.15 23.06 29.98
CA LYS A 293 -14.74 22.25 31.13
C LYS A 293 -15.86 21.51 31.77
N ARG A 294 -17.07 21.43 31.19
CA ARG A 294 -18.18 20.74 31.79
C ARG A 294 -19.05 19.99 30.79
N ALA A 295 -18.63 19.92 29.52
CA ALA A 295 -19.53 19.46 28.46
C ALA A 295 -19.93 18.01 28.63
N SER A 296 -18.98 17.15 28.98
CA SER A 296 -19.21 15.72 28.95
C SER A 296 -18.58 15.08 30.16
N PRO A 297 -18.97 13.85 30.50
CA PRO A 297 -18.37 13.20 31.66
C PRO A 297 -16.86 13.11 31.64
N ILE A 298 -16.25 12.82 30.50
CA ILE A 298 -14.79 12.84 30.42
C ILE A 298 -14.27 14.24 30.65
N LEU A 299 -14.85 15.23 29.96
CA LEU A 299 -14.35 16.59 30.11
C LEU A 299 -14.66 17.16 31.49
N ARG A 300 -15.72 16.72 32.14
CA ARG A 300 -15.94 17.09 33.53
C ARG A 300 -14.86 16.50 34.41
N PHE A 301 -14.48 15.26 34.14
CA PHE A 301 -13.51 14.57 34.97
C PHE A 301 -12.09 15.05 34.73
N LEU A 302 -11.78 15.55 33.53
CA LEU A 302 -10.40 15.95 33.25
C LEU A 302 -10.03 17.22 33.98
N TYR A 303 -10.99 18.11 34.23
CA TYR A 303 -10.72 19.40 34.86
C TYR A 303 -11.36 19.55 36.23
N SER A 304 -11.65 18.44 36.90
CA SER A 304 -12.27 18.52 38.21
C SER A 304 -11.19 18.67 39.28
N ASP A 305 -11.60 18.58 40.53
CA ASP A 305 -10.69 18.71 41.67
C ASP A 305 -10.61 17.34 42.35
N ILE A 306 -9.70 16.49 41.87
CA ILE A 306 -9.59 15.16 42.44
C ILE A 306 -9.19 15.24 43.90
N GLU A 307 -8.45 16.28 44.29
CA GLU A 307 -8.12 16.56 45.68
C GLU A 307 -7.42 15.36 46.33
N GLY A 308 -6.23 15.06 45.83
CA GLY A 308 -5.43 13.98 46.37
C GLY A 308 -4.19 14.50 47.07
N GLU A 320 4.99 -8.75 49.45
CA GLU A 320 4.27 -7.67 50.09
C GLU A 320 2.95 -8.16 50.68
N HIS A 321 1.90 -8.15 49.88
CA HIS A 321 0.57 -8.54 50.30
C HIS A 321 0.22 -9.90 49.73
N GLN A 322 -0.34 -10.77 50.57
CA GLN A 322 -0.80 -12.06 50.11
C GLN A 322 -2.08 -11.97 49.29
N MET A 323 -2.74 -10.81 49.27
CA MET A 323 -3.90 -10.61 48.40
C MET A 323 -3.49 -10.66 46.93
N GLN A 324 -2.43 -9.95 46.57
CA GLN A 324 -1.97 -10.02 45.19
C GLN A 324 -1.35 -11.36 44.86
N CYS A 325 -0.77 -12.03 45.85
CA CYS A 325 -0.06 -13.26 45.59
C CYS A 325 -1.00 -14.36 45.11
N TRP A 326 -2.15 -14.53 45.78
CA TRP A 326 -3.16 -15.42 45.24
C TRP A 326 -3.71 -14.92 43.91
N ARG A 327 -4.00 -13.63 43.82
CA ARG A 327 -4.62 -13.11 42.60
C ARG A 327 -3.70 -13.27 41.40
N SER A 328 -2.44 -12.84 41.52
CA SER A 328 -1.52 -12.99 40.41
C SER A 328 -1.24 -14.45 40.10
N PHE A 329 -1.42 -15.35 41.07
CA PHE A 329 -1.20 -16.77 40.86
C PHE A 329 -2.43 -17.47 40.31
N LEU A 330 -3.63 -17.07 40.74
CA LEU A 330 -4.83 -17.72 40.24
C LEU A 330 -5.20 -17.33 38.82
N ASN A 331 -4.72 -16.17 38.34
CA ASN A 331 -4.94 -15.84 36.94
C ASN A 331 -4.25 -16.84 36.02
N LYS A 332 -3.01 -17.22 36.34
CA LYS A 332 -2.34 -18.25 35.57
C LYS A 332 -3.05 -19.59 35.66
N VAL A 333 -3.52 -19.94 36.86
CA VAL A 333 -4.09 -21.27 37.10
C VAL A 333 -5.24 -21.55 36.14
N LYS A 334 -6.14 -20.58 35.98
CA LYS A 334 -7.27 -20.78 35.09
C LYS A 334 -6.90 -20.57 33.63
N SER A 335 -5.82 -19.83 33.35
CA SER A 335 -5.33 -19.66 32.00
C SER A 335 -4.49 -20.84 31.52
N LEU A 336 -4.21 -21.80 32.39
CA LEU A 336 -3.48 -23.00 32.03
C LEU A 336 -4.25 -24.29 32.30
N ARG A 337 -5.45 -24.20 32.85
CA ARG A 337 -6.29 -25.35 33.14
C ARG A 337 -7.54 -25.28 32.26
N ILE A 338 -8.48 -26.18 32.54
CA ILE A 338 -9.69 -26.28 31.72
C ILE A 338 -10.41 -24.94 31.66
N LEU A 339 -10.99 -24.65 30.50
CA LEU A 339 -11.78 -23.45 30.31
C LEU A 339 -13.21 -23.71 30.82
N ASN A 340 -14.11 -22.77 30.56
CA ASN A 340 -15.50 -22.85 31.02
C ASN A 340 -15.56 -23.10 32.52
N THR A 341 -14.89 -22.22 33.27
CA THR A 341 -14.85 -22.34 34.71
C THR A 341 -16.27 -22.21 35.28
N ARG A 342 -16.73 -23.25 35.95
CA ARG A 342 -18.10 -23.28 36.42
C ARG A 342 -18.30 -22.25 37.54
N ARG A 343 -19.56 -22.10 37.96
CA ARG A 343 -19.88 -21.20 39.04
C ARG A 343 -19.18 -21.60 40.34
N LYS A 344 -19.10 -22.90 40.61
CA LYS A 344 -18.42 -23.36 41.81
C LYS A 344 -16.94 -22.99 41.79
N LEU A 345 -16.29 -23.15 40.64
CA LEU A 345 -14.84 -22.99 40.59
C LEU A 345 -14.43 -21.53 40.77
N LEU A 346 -15.14 -20.61 40.14
CA LEU A 346 -14.81 -19.19 40.27
C LEU A 346 -15.00 -18.71 41.71
N LEU A 347 -16.06 -19.15 42.38
CA LEU A 347 -16.34 -18.68 43.73
C LEU A 347 -15.26 -19.13 44.72
N ILE A 348 -14.64 -20.29 44.47
CA ILE A 348 -13.53 -20.71 45.32
C ILE A 348 -12.39 -19.70 45.23
N PHE A 349 -12.13 -19.18 44.03
CA PHE A 349 -11.09 -18.17 43.88
C PHE A 349 -11.46 -16.90 44.63
N ASP A 350 -12.73 -16.52 44.60
CA ASP A 350 -13.17 -15.37 45.38
C ASP A 350 -12.93 -15.60 46.86
N THR A 351 -13.27 -16.78 47.37
CA THR A 351 -13.08 -17.07 48.79
C THR A 351 -11.60 -17.06 49.17
N LEU A 352 -10.75 -17.59 48.30
CA LEU A 352 -9.32 -17.55 48.57
C LEU A 352 -8.78 -16.12 48.59
N ILE A 353 -9.22 -15.29 47.64
CA ILE A 353 -8.76 -13.91 47.65
C ILE A 353 -9.24 -13.20 48.90
N LEU A 354 -10.44 -13.52 49.35
CA LEU A 354 -10.94 -12.95 50.60
C LEU A 354 -10.11 -13.39 51.79
N LEU A 355 -9.72 -14.66 51.82
CA LEU A 355 -8.85 -15.15 52.88
C LEU A 355 -7.53 -14.40 52.90
N ALA A 356 -6.93 -14.23 51.73
CA ALA A 356 -5.67 -13.50 51.63
C ALA A 356 -5.83 -12.05 52.09
N SER A 357 -6.94 -11.42 51.71
CA SER A 357 -7.18 -10.04 52.13
C SER A 357 -7.33 -9.95 53.64
N LYS A 358 -8.07 -10.88 54.24
CA LYS A 358 -8.23 -10.87 55.70
C LYS A 358 -6.91 -11.11 56.40
N TYR A 359 -6.08 -12.02 55.85
CA TYR A 359 -4.75 -12.24 56.42
C TYR A 359 -3.90 -10.99 56.35
N ASP A 360 -3.92 -10.29 55.22
CA ASP A 360 -3.15 -9.05 55.11
C ASP A 360 -3.67 -7.99 56.06
N HIS A 361 -5.00 -7.90 56.23
CA HIS A 361 -5.55 -6.95 57.19
C HIS A 361 -5.09 -7.27 58.61
N ILE A 362 -5.14 -8.55 58.97
CA ILE A 362 -4.80 -8.95 60.33
C ILE A 362 -3.31 -8.72 60.61
N LYS A 363 -2.45 -9.17 59.70
CA LYS A 363 -1.01 -9.07 59.95
C LYS A 363 -0.47 -7.71 59.56
N GLN A 364 -0.51 -7.37 58.27
CA GLN A 364 0.12 -6.14 57.79
C GLN A 364 -0.67 -4.92 58.23
N GLY A 365 -1.98 -4.93 58.07
CA GLY A 365 -2.80 -3.78 58.35
C GLY A 365 -2.94 -2.85 57.17
N CYS A 366 -3.39 -3.39 56.04
CA CYS A 366 -3.52 -2.63 54.81
C CYS A 366 -4.93 -2.78 54.26
N LEU A 367 -5.35 -1.81 53.44
CA LEU A 367 -6.73 -1.74 52.98
C LEU A 367 -6.85 -1.63 51.47
N GLN A 368 -5.76 -1.80 50.71
CA GLN A 368 -5.83 -1.66 49.27
C GLN A 368 -6.41 -2.93 48.63
N GLY A 369 -6.87 -2.78 47.39
CA GLY A 369 -7.50 -3.87 46.67
C GLY A 369 -9.01 -3.88 46.75
N TRP A 370 -9.61 -2.94 47.47
CA TRP A 370 -11.05 -2.87 47.62
C TRP A 370 -11.58 -1.60 46.99
N LEU A 371 -12.88 -1.61 46.70
CA LEU A 371 -13.60 -0.42 46.26
C LEU A 371 -14.93 -0.43 47.01
N GLY A 372 -14.95 0.22 48.16
CA GLY A 372 -16.11 0.16 49.01
C GLY A 372 -16.23 -1.19 49.68
N SER A 373 -17.23 -1.98 49.28
CA SER A 373 -17.42 -3.33 49.79
C SER A 373 -17.17 -4.38 48.73
N CYS A 374 -16.53 -4.01 47.62
CA CYS A 374 -16.18 -4.93 46.56
C CYS A 374 -14.66 -5.02 46.45
N PHE A 375 -14.17 -6.18 46.03
CA PHE A 375 -12.74 -6.42 45.91
C PHE A 375 -12.43 -7.03 44.56
N VAL A 376 -11.21 -6.80 44.09
CA VAL A 376 -10.82 -7.26 42.76
C VAL A 376 -10.43 -8.73 42.85
N SER A 377 -11.24 -9.60 42.26
CA SER A 377 -11.00 -11.03 42.21
C SER A 377 -10.21 -11.37 40.95
N VAL A 378 -10.26 -12.63 40.53
CA VAL A 378 -9.26 -13.18 39.61
C VAL A 378 -9.22 -12.41 38.29
N ASN A 379 -10.30 -12.49 37.50
CA ASN A 379 -10.31 -11.91 36.16
C ASN A 379 -10.94 -10.52 36.19
N ASP A 380 -10.22 -9.58 36.79
CA ASP A 380 -10.62 -8.18 36.88
C ASP A 380 -11.94 -8.02 37.62
N ARG A 381 -12.52 -9.12 38.09
CA ARG A 381 -13.90 -9.11 38.52
C ARG A 381 -14.04 -8.32 39.82
N LEU A 382 -14.78 -7.22 39.76
CA LEU A 382 -15.09 -6.44 40.96
C LEU A 382 -16.28 -7.09 41.66
N VAL A 383 -16.00 -8.15 42.36
CA VAL A 383 -17.02 -8.94 43.04
C VAL A 383 -17.29 -8.35 44.43
N SER A 384 -18.54 -8.46 44.87
CA SER A 384 -18.99 -7.84 46.11
C SER A 384 -18.96 -8.81 47.28
N LEU A 385 -18.68 -8.27 48.46
CA LEU A 385 -18.57 -9.11 49.66
C LEU A 385 -19.93 -9.62 50.13
N ASP A 386 -20.92 -8.75 50.20
CA ASP A 386 -22.19 -9.12 50.82
C ASP A 386 -22.80 -10.32 50.12
N SER A 387 -22.82 -10.31 48.79
CA SER A 387 -23.38 -11.41 48.04
C SER A 387 -22.44 -12.61 47.97
N THR A 388 -21.12 -12.39 48.01
CA THR A 388 -20.18 -13.51 48.10
C THR A 388 -20.35 -14.25 49.41
N LYS A 389 -20.57 -13.52 50.50
CA LYS A 389 -20.93 -14.15 51.76
C LYS A 389 -22.27 -14.86 51.67
N ARG A 390 -23.29 -14.19 51.10
CA ARG A 390 -24.61 -14.78 51.03
C ARG A 390 -24.63 -16.03 50.17
N ASP A 391 -23.89 -16.03 49.06
CA ASP A 391 -23.83 -17.22 48.23
C ASP A 391 -23.17 -18.37 48.98
N LEU A 392 -22.14 -18.08 49.76
CA LEU A 392 -21.49 -19.14 50.53
C LEU A 392 -22.41 -19.69 51.62
N LYS A 393 -23.36 -18.88 52.10
CA LYS A 393 -24.32 -19.37 53.08
C LYS A 393 -25.14 -20.52 52.50
N LYS A 394 -25.61 -20.37 51.26
CA LYS A 394 -26.38 -21.43 50.63
C LYS A 394 -25.52 -22.65 50.32
N TRP A 395 -24.32 -22.43 49.77
CA TRP A 395 -23.50 -23.53 49.28
C TRP A 395 -23.08 -24.46 50.42
N ILE A 396 -22.67 -23.89 51.55
CA ILE A 396 -22.27 -24.73 52.67
C ILE A 396 -23.49 -25.44 53.28
N GLU A 397 -24.64 -24.77 53.29
CA GLU A 397 -25.86 -25.39 53.82
C GLU A 397 -26.23 -26.64 53.03
N ARG A 398 -25.85 -26.72 51.75
CA ARG A 398 -26.14 -27.89 50.95
C ARG A 398 -25.45 -29.13 51.52
N ARG A 399 -24.20 -28.99 51.96
CA ARG A 399 -23.42 -30.11 52.44
C ARG A 399 -23.85 -30.61 53.81
N GLN A 400 -24.73 -29.88 54.49
CA GLN A 400 -25.27 -30.37 55.76
C GLN A 400 -26.10 -31.64 55.55
N GLN A 401 -26.91 -31.66 54.50
CA GLN A 401 -27.65 -32.84 54.11
C GLN A 401 -26.85 -33.75 53.18
N VAL A 402 -25.66 -33.33 52.79
CA VAL A 402 -24.79 -34.13 51.93
C VAL A 402 -23.62 -34.72 52.71
N GLU A 403 -23.76 -34.83 54.04
CA GLU A 403 -22.77 -35.43 54.91
C GLU A 403 -21.40 -34.75 54.79
N LEU A 414 -15.16 -33.09 57.60
CA LEU A 414 -16.12 -33.52 58.61
C LEU A 414 -17.27 -32.52 58.72
N SER A 415 -17.12 -31.56 59.63
CA SER A 415 -18.14 -30.54 59.85
C SER A 415 -17.99 -29.44 58.80
N LYS A 416 -18.76 -28.36 58.95
CA LYS A 416 -18.71 -27.26 58.00
C LYS A 416 -17.34 -26.60 58.00
N ASN A 417 -16.73 -26.45 59.18
CA ASN A 417 -15.43 -25.79 59.26
C ASN A 417 -14.34 -26.60 58.57
N GLN A 418 -14.47 -27.92 58.56
CA GLN A 418 -13.48 -28.76 57.88
C GLN A 418 -13.83 -29.01 56.42
N ILE A 419 -15.12 -29.05 56.08
CA ILE A 419 -15.52 -29.37 54.71
C ILE A 419 -15.03 -28.31 53.74
N LEU A 420 -15.18 -27.03 54.12
CA LEU A 420 -14.77 -25.94 53.24
C LEU A 420 -13.27 -25.97 53.00
N SER A 421 -12.49 -26.28 54.03
CA SER A 421 -11.04 -26.39 53.87
C SER A 421 -10.68 -27.49 52.88
N SER A 422 -11.38 -28.63 52.96
CA SER A 422 -11.13 -29.72 52.02
C SER A 422 -11.51 -29.33 50.61
N ILE A 423 -12.47 -28.42 50.44
CA ILE A 423 -12.80 -27.91 49.11
C ILE A 423 -11.62 -27.13 48.55
N ILE A 424 -11.08 -26.21 49.35
CA ILE A 424 -9.92 -25.44 48.91
C ILE A 424 -8.70 -26.34 48.76
N GLN A 425 -8.52 -27.28 49.68
CA GLN A 425 -7.36 -28.16 49.62
C GLN A 425 -7.36 -28.99 48.35
N LYS A 426 -8.52 -29.52 47.96
CA LYS A 426 -8.62 -30.27 46.72
C LYS A 426 -8.29 -29.39 45.52
N THR A 427 -8.82 -28.16 45.50
CA THR A 427 -8.48 -27.23 44.43
C THR A 427 -7.00 -26.84 44.49
N ILE A 428 -6.47 -26.64 45.69
CA ILE A 428 -5.08 -26.21 45.82
C ILE A 428 -4.14 -27.25 45.22
N LYS A 429 -4.39 -28.54 45.51
CA LYS A 429 -3.55 -29.58 44.95
C LYS A 429 -3.67 -29.63 43.43
N ARG A 430 -4.90 -29.54 42.91
CA ARG A 430 -5.10 -29.55 41.46
C ARG A 430 -4.47 -28.33 40.81
N ALA A 431 -4.58 -27.17 41.45
CA ALA A 431 -4.00 -25.95 40.90
C ALA A 431 -2.48 -26.07 40.81
N THR A 432 -1.86 -26.66 41.82
CA THR A 432 -0.41 -26.80 41.86
C THR A 432 0.09 -27.85 40.87
N ALA A 433 -0.80 -28.74 40.42
CA ALA A 433 -0.37 -29.87 39.60
C ALA A 433 0.26 -29.41 38.30
N ALA A 434 -0.32 -28.39 37.67
CA ALA A 434 0.17 -27.91 36.38
C ALA A 434 1.52 -27.25 36.57
N MET A 435 2.58 -27.95 36.17
CA MET A 435 3.94 -27.45 36.34
C MET A 435 4.64 -27.31 34.99
N PHE A 445 4.08 -22.20 44.50
CA PHE A 445 5.10 -22.50 43.51
C PHE A 445 5.54 -21.26 42.74
N GLY A 446 6.81 -21.25 42.34
CA GLY A 446 7.35 -20.13 41.61
C GLY A 446 7.32 -18.87 42.45
N VAL A 447 6.40 -17.95 42.11
CA VAL A 447 6.18 -16.80 42.96
C VAL A 447 5.77 -17.26 44.36
N ASP A 448 6.17 -16.51 45.37
CA ASP A 448 5.84 -16.84 46.74
C ASP A 448 4.33 -16.87 46.93
N MET A 449 3.85 -17.91 47.61
CA MET A 449 2.43 -18.00 47.95
C MET A 449 2.30 -18.86 49.21
N SER A 450 2.15 -18.20 50.35
CA SER A 450 2.01 -18.91 51.61
C SER A 450 0.63 -19.56 51.70
N VAL A 451 0.61 -20.82 52.16
CA VAL A 451 -0.63 -21.58 52.24
C VAL A 451 -1.27 -21.49 53.62
N ILE A 452 -0.59 -20.89 54.60
CA ILE A 452 -1.11 -20.83 55.97
C ILE A 452 -2.35 -19.98 56.11
N GLY A 453 -2.67 -19.17 55.11
CA GLY A 453 -3.86 -18.33 55.17
C GLY A 453 -5.11 -19.04 54.71
N LEU A 454 -5.17 -20.36 54.91
CA LEU A 454 -6.30 -21.17 54.51
C LEU A 454 -6.64 -22.18 55.61
N ASP A 455 -6.76 -21.69 56.85
CA ASP A 455 -6.97 -22.60 57.98
C ASP A 455 -8.43 -22.97 58.15
N CYS A 456 -9.31 -21.97 58.26
CA CYS A 456 -10.73 -22.20 58.45
C CYS A 456 -11.50 -21.15 57.66
N TYR A 457 -12.81 -21.05 57.91
CA TYR A 457 -13.62 -20.03 57.24
C TYR A 457 -14.37 -19.15 58.21
N ASP A 458 -14.20 -19.34 59.52
CA ASP A 458 -14.97 -18.57 60.50
C ASP A 458 -14.78 -17.07 60.33
N SER A 459 -13.65 -16.66 59.76
CA SER A 459 -13.41 -15.24 59.51
C SER A 459 -14.46 -14.66 58.56
N ILE A 460 -14.84 -15.43 57.53
CA ILE A 460 -15.89 -14.95 56.62
C ILE A 460 -17.21 -14.76 57.36
N MET A 461 -17.53 -15.67 58.28
CA MET A 461 -18.77 -15.55 59.03
C MET A 461 -18.87 -14.23 59.78
N ASN A 462 -17.73 -13.63 60.12
CA ASN A 462 -17.69 -12.37 60.86
C ASN A 462 -16.71 -11.39 60.23
N PHE A 463 -16.63 -11.39 58.89
CA PHE A 463 -15.87 -10.40 58.16
C PHE A 463 -16.83 -9.34 57.61
N ASP A 464 -16.59 -8.08 57.97
CA ASP A 464 -17.46 -6.98 57.59
C ASP A 464 -16.61 -5.83 57.09
N VAL A 465 -16.75 -5.49 55.80
CA VAL A 465 -16.14 -4.32 55.22
C VAL A 465 -17.25 -3.40 54.75
N THR A 466 -17.22 -2.16 55.21
CA THR A 466 -18.25 -1.19 54.87
C THR A 466 -17.69 -0.09 53.98
N GLY A 467 -18.55 0.50 53.16
CA GLY A 467 -18.13 1.55 52.27
C GLY A 467 -19.22 1.84 51.26
N VAL A 468 -18.85 2.61 50.24
CA VAL A 468 -19.77 2.97 49.18
C VAL A 468 -19.96 1.79 48.25
N THR A 469 -20.92 1.90 47.33
CA THR A 469 -21.26 0.90 46.36
C THR A 469 -20.88 1.37 44.97
N PRO A 470 -20.31 0.50 44.13
CA PRO A 470 -19.99 0.91 42.76
C PRO A 470 -21.22 0.82 41.87
N THR A 471 -21.46 1.87 41.09
CA THR A 471 -22.63 1.94 40.23
C THR A 471 -22.24 2.39 38.82
N ILE A 472 -23.07 2.03 37.86
CA ILE A 472 -22.99 2.56 36.50
C ILE A 472 -24.32 3.20 36.17
N SER A 473 -24.29 4.40 35.62
CA SER A 473 -25.49 5.09 35.19
C SER A 473 -25.57 5.00 33.68
N TYR A 474 -26.54 4.22 33.19
CA TYR A 474 -26.69 4.06 31.75
C TYR A 474 -27.46 5.20 31.11
N GLN A 475 -28.13 6.03 31.89
CA GLN A 475 -28.87 7.18 31.41
C GLN A 475 -28.14 8.47 31.77
N LYS A 476 -28.48 9.54 31.07
CA LYS A 476 -27.78 10.79 31.26
C LYS A 476 -28.04 11.35 32.65
N SER A 477 -26.97 11.76 33.32
CA SER A 477 -27.03 12.35 34.65
C SER A 477 -26.57 13.79 34.58
N GLN A 478 -27.26 14.66 35.33
CA GLN A 478 -26.94 16.08 35.32
C GLN A 478 -25.58 16.33 35.95
N GLU A 479 -25.00 17.50 35.65
CA GLU A 479 -23.72 17.85 36.25
C GLU A 479 -23.93 18.44 37.64
N GLU A 480 -24.73 17.74 38.46
CA GLU A 480 -24.94 18.15 39.84
C GLU A 480 -24.70 16.95 40.74
N THR A 481 -24.86 15.75 40.20
CA THR A 481 -24.45 14.55 40.93
C THR A 481 -22.93 14.41 40.97
N PHE A 482 -22.22 15.16 40.14
CA PHE A 482 -20.77 15.09 40.13
C PHE A 482 -20.22 15.55 41.48
N PRO A 483 -19.37 14.75 42.12
CA PRO A 483 -18.94 15.05 43.49
C PRO A 483 -17.63 15.84 43.61
N TYR A 484 -17.09 16.37 42.52
CA TYR A 484 -15.84 17.13 42.57
C TYR A 484 -16.08 18.52 42.00
N ALA A 485 -15.27 19.47 42.46
CA ALA A 485 -15.41 20.85 42.02
C ALA A 485 -14.98 20.96 40.56
N MET A 486 -15.94 20.97 39.66
CA MET A 486 -15.64 20.95 38.23
C MET A 486 -14.94 22.22 37.79
N GLY A 487 -14.15 22.09 36.73
CA GLY A 487 -13.54 23.26 36.12
C GLY A 487 -12.55 23.99 37.00
N VAL A 488 -11.69 23.26 37.70
CA VAL A 488 -10.68 23.85 38.55
C VAL A 488 -9.29 23.78 37.92
N VAL A 489 -8.97 22.65 37.29
CA VAL A 489 -7.67 22.45 36.68
C VAL A 489 -7.46 23.48 35.58
N GLU A 490 -6.33 24.15 35.61
CA GLU A 490 -6.05 25.12 34.57
C GLU A 490 -5.73 24.43 33.25
N LEU A 491 -5.92 25.16 32.16
CA LEU A 491 -5.53 24.70 30.85
C LEU A 491 -4.09 25.05 30.50
N SER A 492 -3.47 25.93 31.28
CA SER A 492 -2.13 26.41 30.98
C SER A 492 -1.06 25.38 31.26
N GLU A 493 -1.41 24.24 31.83
CA GLU A 493 -0.47 23.22 32.22
C GLU A 493 -0.84 21.90 31.54
N THR A 494 -0.19 20.83 31.95
CA THR A 494 -0.37 19.51 31.36
C THR A 494 -1.09 18.54 32.28
N THR A 495 -1.93 19.04 33.18
CA THR A 495 -2.64 18.14 34.07
C THR A 495 -3.76 17.40 33.34
N ASP A 496 -4.46 18.09 32.44
CA ASP A 496 -5.59 17.47 31.75
C ASP A 496 -5.14 16.52 30.67
N LEU A 497 -4.04 16.82 29.99
CA LEU A 497 -3.52 15.89 28.99
C LEU A 497 -2.93 14.65 29.62
N GLY A 498 -2.66 14.68 30.92
CA GLY A 498 -2.09 13.54 31.61
C GLY A 498 -3.14 12.67 32.24
N ARG A 499 -4.31 13.22 32.53
CA ARG A 499 -5.43 12.43 32.99
C ARG A 499 -6.10 11.69 31.85
N LEU A 500 -6.13 12.29 30.67
CA LEU A 500 -6.62 11.60 29.49
C LEU A 500 -5.72 10.43 29.17
N SER A 501 -4.41 10.60 29.35
CA SER A 501 -3.47 9.52 29.08
C SER A 501 -3.73 8.31 29.96
N SER A 502 -3.96 8.54 31.25
CA SER A 502 -4.19 7.44 32.18
C SER A 502 -5.55 6.82 31.95
N LEU A 503 -6.57 7.65 31.75
CA LEU A 503 -7.92 7.14 31.49
C LEU A 503 -7.98 6.41 30.15
N SER A 504 -7.34 6.94 29.11
CA SER A 504 -7.33 6.27 27.82
C SER A 504 -6.66 4.92 27.91
N LEU A 505 -5.57 4.83 28.66
CA LEU A 505 -4.87 3.57 28.83
C LEU A 505 -5.75 2.51 29.47
N ALA A 506 -6.66 2.92 30.37
CA ALA A 506 -7.58 1.99 30.99
C ALA A 506 -8.73 1.62 30.07
N LEU A 507 -9.02 2.45 29.09
CA LEU A 507 -10.02 2.09 28.08
C LEU A 507 -9.45 1.07 27.11
N ILE A 508 -8.18 1.20 26.77
CA ILE A 508 -7.53 0.21 25.91
C ILE A 508 -7.34 -1.10 26.66
N ASN A 509 -6.92 -1.04 27.92
CA ASN A 509 -6.74 -2.26 28.69
C ASN A 509 -8.04 -3.00 28.93
N SER A 510 -9.19 -2.34 28.80
CA SER A 510 -10.45 -3.02 29.04
C SER A 510 -10.78 -4.01 27.93
N MET A 511 -10.09 -3.95 26.80
CA MET A 511 -10.31 -4.90 25.72
C MET A 511 -9.56 -6.20 25.93
N LYS A 512 -8.63 -6.25 26.88
CA LYS A 512 -7.87 -7.47 27.14
C LYS A 512 -8.61 -8.46 28.01
N THR A 513 -9.55 -7.99 28.83
CA THR A 513 -10.29 -8.89 29.70
C THR A 513 -10.95 -9.98 28.89
N SER A 514 -10.76 -11.23 29.29
CA SER A 514 -11.39 -12.35 28.63
C SER A 514 -12.73 -12.65 29.28
N SER A 515 -13.73 -12.91 28.45
CA SER A 515 -15.07 -13.14 28.95
C SER A 515 -15.15 -14.44 29.72
N THR A 516 -15.86 -14.40 30.85
CA THR A 516 -16.08 -15.57 31.68
C THR A 516 -17.53 -15.54 32.14
N VAL A 517 -17.95 -16.61 32.83
CA VAL A 517 -19.33 -16.70 33.28
C VAL A 517 -19.58 -15.64 34.35
N LYS A 518 -20.62 -14.84 34.14
CA LYS A 518 -21.01 -13.78 35.06
C LYS A 518 -22.23 -14.26 35.83
N LEU A 519 -22.00 -15.03 36.89
CA LEU A 519 -23.09 -15.38 37.78
C LEU A 519 -23.56 -14.14 38.52
N ARG A 520 -24.66 -14.27 39.26
CA ARG A 520 -25.12 -13.21 40.14
C ARG A 520 -25.38 -11.91 39.37
N GLN A 521 -26.45 -11.93 38.57
CA GLN A 521 -26.86 -10.74 37.84
C GLN A 521 -27.10 -9.57 38.78
N ASN A 522 -26.96 -8.36 38.25
CA ASN A 522 -27.09 -7.16 39.06
C ASN A 522 -28.55 -6.76 39.25
N GLU A 523 -29.24 -6.43 38.17
CA GLU A 523 -30.62 -5.97 38.24
C GLU A 523 -31.48 -6.82 37.32
N PHE A 524 -32.79 -6.72 37.51
CA PHE A 524 -33.75 -7.48 36.72
C PHE A 524 -34.84 -6.55 36.20
N GLY A 525 -35.19 -6.72 34.93
CA GLY A 525 -36.32 -6.02 34.36
C GLY A 525 -35.91 -4.72 33.71
N ALA A 526 -36.60 -3.63 34.05
CA ALA A 526 -36.37 -2.35 33.43
C ALA A 526 -35.28 -1.54 34.13
N ALA A 527 -34.75 -2.03 35.24
CA ALA A 527 -33.71 -1.32 35.97
C ALA A 527 -32.32 -1.57 35.41
N ARG A 528 -32.17 -2.51 34.49
CA ARG A 528 -30.85 -2.93 34.01
C ARG A 528 -30.14 -1.86 33.19
N TYR A 529 -30.84 -0.81 32.77
CA TYR A 529 -30.26 0.29 32.01
C TYR A 529 -30.57 1.60 32.69
N GLN A 530 -30.35 1.60 34.00
CA GLN A 530 -30.48 2.76 34.87
C GLN A 530 -29.32 2.67 35.83
N VAL A 531 -29.39 3.39 36.95
CA VAL A 531 -28.34 3.23 37.97
C VAL A 531 -28.31 1.77 38.39
N VAL A 532 -27.19 1.10 38.12
CA VAL A 532 -27.05 -0.33 38.34
C VAL A 532 -26.10 -0.54 39.51
N ARG A 533 -26.56 -1.23 40.55
CA ARG A 533 -25.73 -1.50 41.72
C ARG A 533 -24.86 -2.70 41.42
N CYS A 534 -23.56 -2.47 41.20
CA CYS A 534 -22.67 -3.52 40.73
C CYS A 534 -22.41 -4.53 41.85
N LYS A 535 -22.96 -5.72 41.70
CA LYS A 535 -22.58 -6.84 42.55
C LYS A 535 -21.48 -7.68 41.92
N GLU A 536 -21.38 -7.67 40.59
CA GLU A 536 -20.27 -8.32 39.88
C GLU A 536 -20.08 -7.63 38.54
N ALA A 537 -18.97 -6.94 38.37
CA ALA A 537 -18.64 -6.29 37.12
C ALA A 537 -17.18 -6.59 36.82
N TYR A 538 -16.61 -5.85 35.88
CA TYR A 538 -15.18 -5.86 35.65
C TYR A 538 -14.65 -4.47 35.93
N CYS A 539 -13.37 -4.39 36.31
CA CYS A 539 -12.77 -3.10 36.60
C CYS A 539 -11.34 -3.06 36.11
N GLN A 540 -10.87 -1.88 35.77
CA GLN A 540 -9.47 -1.63 35.48
C GLN A 540 -9.02 -0.47 36.35
N GLU A 541 -7.99 -0.67 37.16
CA GLU A 541 -7.58 0.36 38.09
C GLU A 541 -6.56 1.27 37.45
N PHE A 542 -6.73 2.57 37.62
CA PHE A 542 -5.71 3.54 37.29
C PHE A 542 -5.54 4.50 38.46
N LEU A 543 -4.47 5.29 38.41
CA LEU A 543 -4.02 6.04 39.58
C LEU A 543 -3.67 7.44 39.14
N LEU A 544 -4.46 8.42 39.57
CA LEU A 544 -4.32 9.81 39.18
C LEU A 544 -3.85 10.61 40.38
N ASP A 545 -2.60 11.08 40.33
CA ASP A 545 -2.04 11.95 41.36
C ASP A 545 -2.25 11.36 42.76
N GLY A 546 -1.97 10.07 42.90
CA GLY A 546 -2.09 9.42 44.18
C GLY A 546 -3.49 9.02 44.58
N VAL A 547 -4.45 9.04 43.67
CA VAL A 547 -5.82 8.65 43.94
C VAL A 547 -6.13 7.45 43.09
N LYS A 548 -6.72 6.41 43.69
CA LYS A 548 -6.94 5.15 43.00
C LYS A 548 -8.34 5.11 42.44
N PHE A 549 -8.48 5.36 41.14
CA PHE A 549 -9.75 5.28 40.45
C PHE A 549 -9.88 3.94 39.75
N GLN A 550 -11.12 3.55 39.46
CA GLN A 550 -11.37 2.27 38.81
C GLN A 550 -12.42 2.42 37.72
N LEU A 551 -12.05 2.08 36.50
CA LEU A 551 -12.97 2.10 35.37
C LEU A 551 -13.76 0.81 35.39
N VAL A 552 -15.07 0.90 35.65
CA VAL A 552 -15.93 -0.26 35.86
C VAL A 552 -16.81 -0.45 34.65
N TYR A 553 -16.76 -1.63 34.05
CA TYR A 553 -17.58 -1.95 32.89
C TYR A 553 -18.18 -3.34 33.11
N GLN A 554 -18.96 -3.80 32.15
CA GLN A 554 -19.61 -5.09 32.29
C GLN A 554 -19.42 -5.99 31.07
N LYS A 555 -19.29 -5.39 29.90
CA LYS A 555 -19.16 -6.15 28.66
C LYS A 555 -17.70 -6.26 28.27
N THR A 556 -17.28 -7.45 27.87
CA THR A 556 -15.91 -7.73 27.51
C THR A 556 -15.78 -7.83 25.99
N GLY A 557 -14.87 -7.07 25.42
CA GLY A 557 -14.65 -7.11 24.00
C GLY A 557 -14.20 -5.77 23.48
N GLU A 558 -14.33 -5.60 22.17
CA GLU A 558 -13.92 -4.38 21.48
C GLU A 558 -15.10 -3.50 21.11
N CYS A 559 -16.28 -3.78 21.64
CA CYS A 559 -17.50 -3.09 21.26
C CYS A 559 -17.74 -1.85 22.11
N SER A 560 -18.75 -1.07 21.73
CA SER A 560 -19.12 0.11 22.51
C SER A 560 -19.85 -0.32 23.78
N LYS A 561 -19.41 0.20 24.91
CA LYS A 561 -19.99 -0.19 26.19
C LYS A 561 -20.23 1.04 27.05
N CYS A 562 -20.77 0.79 28.23
CA CYS A 562 -20.97 1.81 29.25
C CYS A 562 -19.91 1.62 30.33
N TYR A 563 -19.14 2.67 30.57
CA TYR A 563 -18.11 2.68 31.58
C TYR A 563 -18.53 3.60 32.71
N ALA A 564 -18.03 3.33 33.91
CA ALA A 564 -18.28 4.18 35.06
C ALA A 564 -16.99 4.30 35.87
N ILE A 565 -16.48 5.50 36.01
CA ILE A 565 -15.33 5.73 36.87
C ILE A 565 -15.81 5.69 38.32
N ASN A 566 -15.06 4.98 39.17
CA ASN A 566 -15.47 4.75 40.53
C ASN A 566 -14.31 5.09 41.46
N ASN A 567 -14.63 5.72 42.59
CA ASN A 567 -13.66 6.04 43.62
C ASN A 567 -14.09 5.42 44.93
N ASP A 568 -13.11 5.19 45.81
CA ASP A 568 -13.42 4.53 47.08
C ASP A 568 -14.05 5.46 48.10
N LYS A 569 -13.92 6.76 47.93
CA LYS A 569 -14.46 7.71 48.90
C LYS A 569 -15.83 8.21 48.51
N VAL A 570 -16.12 8.33 47.21
CA VAL A 570 -17.36 8.94 46.74
C VAL A 570 -18.22 8.00 45.93
N GLY A 571 -17.81 6.76 45.72
CA GLY A 571 -18.59 5.86 44.88
C GLY A 571 -18.35 6.17 43.43
N GLU A 572 -19.44 6.27 42.66
CA GLU A 572 -19.32 6.64 41.25
C GLU A 572 -18.84 8.08 41.12
N VAL A 573 -17.96 8.31 40.15
CA VAL A 573 -17.56 9.66 39.77
C VAL A 573 -18.31 10.13 38.54
N CYS A 574 -18.25 9.36 37.46
CA CYS A 574 -18.94 9.72 36.23
C CYS A 574 -19.18 8.45 35.45
N SER A 575 -20.04 8.55 34.45
CA SER A 575 -20.33 7.43 33.56
C SER A 575 -20.35 7.93 32.14
N PHE A 576 -20.06 7.06 31.20
CA PHE A 576 -20.09 7.46 29.80
C PHE A 576 -20.23 6.23 28.93
N TYR A 577 -20.45 6.47 27.64
CA TYR A 577 -20.47 5.42 26.63
C TYR A 577 -19.26 5.60 25.75
N ALA A 578 -18.56 4.51 25.46
CA ALA A 578 -17.33 4.66 24.70
C ALA A 578 -17.08 3.44 23.85
N ASP A 579 -16.36 3.67 22.76
CA ASP A 579 -15.82 2.62 21.90
C ASP A 579 -14.32 2.59 22.12
N PRO A 580 -13.79 1.60 22.86
CA PRO A 580 -12.42 1.74 23.37
C PRO A 580 -11.38 1.91 22.30
N LYS A 581 -11.57 1.27 21.14
CA LYS A 581 -10.56 1.27 20.10
C LYS A 581 -10.24 2.67 19.60
N ARG A 582 -11.10 3.63 19.85
CA ARG A 582 -10.91 4.97 19.37
C ARG A 582 -10.09 5.83 20.31
N TYR A 583 -9.54 5.27 21.38
CA TYR A 583 -8.92 6.09 22.42
C TYR A 583 -7.42 5.87 22.56
N PHE A 584 -6.74 5.39 21.52
CA PHE A 584 -5.32 5.12 21.66
C PHE A 584 -4.37 6.31 21.54
N PRO A 585 -4.61 7.32 20.69
CA PRO A 585 -3.58 8.35 20.50
C PRO A 585 -3.22 9.13 21.73
N ALA A 586 -4.05 9.16 22.76
CA ALA A 586 -3.77 9.99 23.93
C ALA A 586 -2.87 9.31 24.95
N ILE A 587 -2.49 8.06 24.74
CA ILE A 587 -1.71 7.29 25.69
C ILE A 587 -0.26 7.75 25.67
N PHE A 588 0.28 8.08 26.84
CA PHE A 588 1.68 8.47 27.02
C PHE A 588 2.08 9.66 26.15
N SER A 589 1.12 10.36 25.57
CA SER A 589 1.39 11.46 24.67
C SER A 589 1.21 12.81 25.32
N ALA A 590 1.27 12.86 26.65
CA ALA A 590 1.03 14.12 27.34
C ALA A 590 2.06 15.18 26.98
N GLU A 591 3.25 14.78 26.56
CA GLU A 591 4.31 15.71 26.21
C GLU A 591 4.41 15.98 24.72
N VAL A 592 3.97 15.04 23.88
CA VAL A 592 3.96 15.29 22.44
C VAL A 592 2.89 16.31 22.10
N LEU A 593 1.71 16.16 22.67
CA LEU A 593 0.58 17.01 22.36
C LEU A 593 0.68 18.39 22.99
N GLN A 594 1.64 18.61 23.87
CA GLN A 594 1.88 19.98 24.32
C GLN A 594 2.93 20.67 23.47
N ALA A 595 3.96 19.93 23.07
CA ALA A 595 4.96 20.49 22.17
C ALA A 595 4.38 20.78 20.81
N THR A 596 3.37 20.02 20.37
CA THR A 596 2.70 20.33 19.11
C THR A 596 2.05 21.70 19.15
N VAL A 597 1.25 21.96 20.20
CA VAL A 597 0.56 23.24 20.32
C VAL A 597 1.56 24.37 20.50
N ASP A 598 2.62 24.15 21.30
CA ASP A 598 3.61 25.20 21.48
C ASP A 598 4.33 25.52 20.18
N THR A 599 4.63 24.49 19.38
CA THR A 599 5.26 24.74 18.09
C THR A 599 4.37 25.57 17.21
N MET A 600 3.09 25.20 17.07
CA MET A 600 2.21 26.00 16.24
C MET A 600 2.08 27.42 16.75
N ILE A 601 2.17 27.61 18.07
CA ILE A 601 2.06 28.97 18.58
C ILE A 601 3.31 29.78 18.26
N THR A 602 4.48 29.15 18.21
CA THR A 602 5.67 29.94 17.87
C THR A 602 5.61 30.54 16.47
N TRP A 603 4.77 29.99 15.59
CA TRP A 603 4.67 30.54 14.24
C TRP A 603 4.08 31.94 14.26
N ILE A 604 3.07 32.17 15.08
CA ILE A 604 2.35 33.42 15.09
C ILE A 604 2.75 34.31 16.26
N LYS A 605 3.91 34.09 16.85
CA LYS A 605 4.27 34.87 18.03
C LYS A 605 4.87 36.20 17.70
N ASP A 606 5.08 36.51 16.42
CA ASP A 606 5.71 37.76 16.03
C ASP A 606 4.75 38.76 15.43
N CYS A 607 3.51 38.38 15.19
CA CYS A 607 2.50 39.31 14.67
C CYS A 607 2.22 40.34 15.75
N ASN A 608 2.71 41.57 15.56
CA ASN A 608 2.58 42.58 16.60
C ASN A 608 1.13 42.92 16.89
N GLU A 609 0.23 42.65 15.96
CA GLU A 609 -1.18 42.94 16.11
C GLU A 609 -1.99 41.70 16.48
N LEU A 610 -1.32 40.58 16.74
CA LEU A 610 -1.86 39.47 17.52
C LEU A 610 -1.17 39.38 18.87
N GLU A 611 -0.42 40.42 19.26
CA GLU A 611 0.44 40.36 20.43
C GLU A 611 -0.35 40.23 21.72
N LYS A 612 -1.53 40.83 21.77
CA LYS A 612 -2.36 40.79 22.96
C LYS A 612 -3.38 39.67 22.93
N GLU A 613 -3.37 38.84 21.89
CA GLU A 613 -4.35 37.78 21.75
C GLU A 613 -3.73 36.39 21.72
N LEU A 614 -2.44 36.27 22.03
CA LEU A 614 -1.78 34.96 21.94
C LEU A 614 -2.26 34.00 23.01
N THR A 615 -2.56 34.49 24.21
CA THR A 615 -2.99 33.60 25.28
C THR A 615 -4.31 32.93 24.95
N HIS A 616 -5.25 33.69 24.40
CA HIS A 616 -6.53 33.12 24.01
C HIS A 616 -6.35 32.13 22.87
N ILE A 617 -5.48 32.43 21.92
CA ILE A 617 -5.27 31.53 20.81
C ILE A 617 -4.69 30.21 21.29
N LYS A 618 -3.74 30.26 22.21
CA LYS A 618 -3.20 29.03 22.78
C LYS A 618 -4.26 28.25 23.54
N LEU A 619 -5.08 28.95 24.31
CA LEU A 619 -6.15 28.26 25.03
C LEU A 619 -7.08 27.55 24.06
N LEU A 620 -7.49 28.23 22.99
CA LEU A 620 -8.46 27.66 22.08
C LEU A 620 -7.89 26.49 21.32
N THR A 621 -6.62 26.57 20.92
CA THR A 621 -6.01 25.44 20.22
C THR A 621 -5.93 24.22 21.12
N LYS A 622 -5.51 24.40 22.37
CA LYS A 622 -5.46 23.26 23.27
C LYS A 622 -6.85 22.69 23.54
N MET A 623 -7.85 23.56 23.66
CA MET A 623 -9.22 23.08 23.83
C MET A 623 -9.66 22.23 22.66
N ILE A 624 -9.35 22.65 21.44
CA ILE A 624 -9.71 21.87 20.26
C ILE A 624 -9.05 20.50 20.30
N LEU A 625 -7.76 20.47 20.64
CA LEU A 625 -7.04 19.20 20.67
C LEU A 625 -7.60 18.26 21.72
N VAL A 626 -7.86 18.77 22.93
CA VAL A 626 -8.38 17.92 23.99
C VAL A 626 -9.78 17.44 23.67
N LEU A 627 -10.58 18.26 22.99
CA LEU A 627 -11.92 17.84 22.62
C LEU A 627 -11.89 16.73 21.59
N ILE A 628 -11.07 16.85 20.55
CA ILE A 628 -11.06 15.78 19.57
C ILE A 628 -10.38 14.52 20.11
N LEU A 629 -9.55 14.63 21.14
CA LEU A 629 -8.99 13.41 21.71
C LEU A 629 -9.93 12.75 22.70
N ALA A 630 -10.73 13.53 23.43
CA ALA A 630 -11.66 12.98 24.40
C ALA A 630 -12.89 12.38 23.73
N HIS A 631 -13.37 12.98 22.65
CA HIS A 631 -14.56 12.54 21.93
C HIS A 631 -14.22 12.36 20.46
N PRO A 632 -13.69 11.21 20.08
CA PRO A 632 -13.26 10.98 18.70
C PRO A 632 -14.44 10.68 17.77
N SER A 633 -15.07 11.74 17.27
CA SER A 633 -16.27 11.60 16.47
C SER A 633 -15.91 11.74 15.00
N LYS A 634 -16.58 10.97 14.15
CA LYS A 634 -16.36 11.11 12.71
C LYS A 634 -16.93 12.42 12.19
N ARG A 635 -18.04 12.87 12.77
CA ARG A 635 -18.61 14.14 12.35
C ARG A 635 -17.81 15.33 12.82
N SER A 636 -16.87 15.16 13.74
CA SER A 636 -15.94 16.23 14.08
C SER A 636 -14.68 16.16 13.26
N GLN A 637 -14.27 14.95 12.89
CA GLN A 637 -13.23 14.76 11.88
C GLN A 637 -13.58 15.50 10.59
N LYS A 638 -14.81 15.34 10.09
CA LYS A 638 -15.19 16.03 8.87
C LYS A 638 -15.25 17.54 9.04
N LEU A 639 -15.72 18.00 10.19
CA LEU A 639 -15.81 19.44 10.41
C LEU A 639 -14.43 20.07 10.45
N LEU A 640 -13.48 19.42 11.11
CA LEU A 640 -12.12 19.94 11.11
C LEU A 640 -11.47 19.81 9.75
N GLN A 641 -11.92 18.86 8.94
CA GLN A 641 -11.33 18.68 7.62
C GLN A 641 -11.73 19.79 6.65
N ASN A 642 -12.99 20.20 6.66
CA ASN A 642 -13.42 21.22 5.71
C ASN A 642 -12.80 22.59 5.97
N LEU A 643 -12.17 22.79 7.11
CA LEU A 643 -11.57 24.09 7.40
C LEU A 643 -10.42 24.39 6.44
N ARG A 644 -9.80 23.37 5.86
CA ARG A 644 -8.74 23.65 4.90
C ARG A 644 -9.30 24.25 3.63
N TYR A 645 -10.50 23.84 3.22
CA TYR A 645 -11.14 24.48 2.07
C TYR A 645 -11.61 25.88 2.42
N PHE A 646 -12.10 26.08 3.64
CA PHE A 646 -12.47 27.43 4.03
C PHE A 646 -11.27 28.38 3.94
N ILE A 647 -10.13 28.00 4.54
CA ILE A 647 -8.99 28.91 4.55
C ILE A 647 -8.37 29.03 3.16
N MET A 648 -8.37 27.95 2.38
CA MET A 648 -7.86 28.02 1.02
C MET A 648 -8.65 29.05 0.22
N ALA A 649 -9.98 29.03 0.34
CA ALA A 649 -10.78 30.05 -0.29
C ALA A 649 -10.45 31.43 0.25
N TYR A 650 -10.24 31.54 1.56
CA TYR A 650 -10.05 32.83 2.18
C TYR A 650 -8.83 33.56 1.62
N VAL A 651 -7.73 32.84 1.43
CA VAL A 651 -6.53 33.51 0.91
C VAL A 651 -6.56 33.75 -0.60
N SER A 652 -7.50 33.13 -1.30
CA SER A 652 -7.53 33.13 -2.75
C SER A 652 -8.37 34.28 -3.26
N ASP A 653 -8.75 34.24 -4.54
CA ASP A 653 -9.41 35.37 -5.21
C ASP A 653 -10.83 35.08 -5.65
N TYR A 654 -11.07 33.98 -6.35
CA TYR A 654 -12.42 33.56 -6.71
C TYR A 654 -12.68 32.19 -6.08
N HIS A 655 -13.93 31.91 -5.75
CA HIS A 655 -14.27 30.59 -5.24
C HIS A 655 -15.65 30.19 -5.75
N HIS A 656 -15.94 28.91 -5.69
CA HIS A 656 -17.23 28.41 -6.16
C HIS A 656 -18.35 29.01 -5.32
N VAL A 657 -19.50 29.23 -5.94
CA VAL A 657 -20.60 29.84 -5.20
C VAL A 657 -21.14 28.91 -4.15
N ASP A 658 -21.00 27.59 -4.34
CA ASP A 658 -21.49 26.60 -3.39
C ASP A 658 -20.40 26.12 -2.45
N LEU A 659 -19.41 26.94 -2.15
CA LEU A 659 -18.35 26.51 -1.24
C LEU A 659 -18.89 26.30 0.16
N MET A 660 -19.66 27.26 0.65
CA MET A 660 -20.16 27.19 2.02
C MET A 660 -21.28 26.19 2.19
N ASP A 661 -21.85 25.67 1.11
CA ASP A 661 -22.71 24.50 1.23
C ASP A 661 -21.92 23.21 1.28
N LYS A 662 -20.65 23.25 0.89
CA LYS A 662 -19.76 22.10 0.96
C LYS A 662 -19.05 22.03 2.31
N ILE A 663 -18.73 23.18 2.89
CA ILE A 663 -18.09 23.20 4.20
C ILE A 663 -19.04 22.70 5.28
N LYS A 664 -20.31 23.04 5.19
CA LYS A 664 -21.27 22.68 6.24
C LYS A 664 -21.34 21.18 6.44
N GLU A 665 -21.25 20.76 7.68
CA GLU A 665 -21.24 19.36 8.07
C GLU A 665 -22.43 19.10 9.00
N LYS A 666 -22.96 17.89 8.97
CA LYS A 666 -24.13 17.57 9.78
C LYS A 666 -23.67 17.20 11.19
N LEU A 667 -23.86 18.11 12.14
CA LEU A 667 -23.48 17.90 13.52
C LEU A 667 -24.67 17.40 14.32
N ILE A 668 -24.39 16.60 15.35
CA ILE A 668 -25.44 15.92 16.08
C ILE A 668 -25.34 16.19 17.58
N THR A 669 -24.18 15.90 18.16
CA THR A 669 -24.01 15.93 19.60
C THR A 669 -23.66 17.32 20.09
N GLU A 670 -23.59 17.46 21.42
CA GLU A 670 -23.29 18.76 22.02
C GLU A 670 -21.82 19.10 21.89
N THR A 671 -20.94 18.11 21.99
CA THR A 671 -19.52 18.37 21.86
C THR A 671 -19.13 18.75 20.43
N GLU A 672 -19.87 18.28 19.43
CA GLU A 672 -19.59 18.71 18.06
C GLU A 672 -19.94 20.18 17.84
N PHE A 673 -21.06 20.64 18.41
CA PHE A 673 -21.36 22.06 18.34
C PHE A 673 -20.38 22.87 19.19
N LEU A 674 -19.92 22.30 20.30
CA LEU A 674 -18.89 22.98 21.08
C LEU A 674 -17.62 23.13 20.27
N LEU A 675 -17.24 22.09 19.52
CA LEU A 675 -16.06 22.16 18.67
C LEU A 675 -16.23 23.22 17.59
N TYR A 676 -17.41 23.29 16.98
CA TYR A 676 -17.63 24.34 16.00
C TYR A 676 -17.51 25.72 16.64
N LYS A 677 -18.02 25.87 17.87
CA LYS A 677 -17.90 27.15 18.56
C LYS A 677 -16.44 27.53 18.79
N LEU A 678 -15.62 26.56 19.21
CA LEU A 678 -14.21 26.82 19.44
C LEU A 678 -13.50 27.19 18.14
N ILE A 679 -13.82 26.49 17.06
CA ILE A 679 -13.21 26.80 15.77
C ILE A 679 -13.60 28.19 15.31
N ARG A 680 -14.89 28.54 15.46
CA ARG A 680 -15.34 29.86 15.08
C ARG A 680 -14.62 30.94 15.86
N ALA A 681 -14.46 30.74 17.18
CA ALA A 681 -13.75 31.72 17.99
C ALA A 681 -12.31 31.87 17.57
N LEU A 682 -11.63 30.74 17.33
CA LEU A 682 -10.22 30.79 16.96
C LEU A 682 -10.03 31.51 15.62
N ILE A 683 -10.83 31.14 14.62
CA ILE A 683 -10.73 31.77 13.31
C ILE A 683 -11.06 33.25 13.41
N SER A 684 -12.07 33.60 14.19
CA SER A 684 -12.45 35.00 14.36
C SER A 684 -11.33 35.79 15.01
N LEU A 685 -10.50 35.14 15.82
CA LEU A 685 -9.36 35.83 16.42
C LEU A 685 -8.23 36.02 15.41
N ILE A 686 -7.81 34.93 14.76
CA ILE A 686 -6.64 34.98 13.89
C ILE A 686 -6.93 35.76 12.62
N LEU A 687 -8.11 35.59 12.05
CA LEU A 687 -8.43 36.15 10.74
C LEU A 687 -9.18 37.46 10.84
N CYS A 688 -8.90 38.27 11.86
CA CYS A 688 -9.54 39.56 11.98
C CYS A 688 -9.12 40.46 10.82
N ASN A 689 -9.86 41.54 10.62
CA ASN A 689 -9.49 42.52 9.60
C ASN A 689 -8.56 43.60 10.15
N GLU A 690 -8.36 43.63 11.47
CA GLU A 690 -7.34 44.50 12.03
C GLU A 690 -5.95 43.94 11.81
N VAL A 691 -5.81 42.61 11.87
CA VAL A 691 -4.53 41.95 11.66
C VAL A 691 -4.27 41.82 10.16
N LYS A 692 -3.14 42.36 9.71
CA LYS A 692 -2.80 42.43 8.31
C LYS A 692 -1.47 41.78 7.95
N SER A 693 -0.49 41.82 8.83
CA SER A 693 0.85 41.34 8.51
C SER A 693 0.97 39.85 8.79
N MET A 694 2.04 39.26 8.27
CA MET A 694 2.35 37.85 8.47
C MET A 694 1.15 36.98 8.12
N MET A 695 0.68 37.11 6.89
CA MET A 695 -0.46 36.30 6.49
C MET A 695 -0.05 34.85 6.26
N THR A 696 1.19 34.63 5.84
CA THR A 696 1.64 33.28 5.55
C THR A 696 1.63 32.42 6.81
N ASN A 697 2.06 32.97 7.94
CA ASN A 697 2.11 32.22 9.19
C ASN A 697 0.72 31.87 9.68
N ARG A 698 -0.25 32.76 9.47
CA ARG A 698 -1.61 32.49 9.89
C ARG A 698 -2.28 31.47 8.99
N PHE A 699 -2.01 31.51 7.68
CA PHE A 699 -2.49 30.44 6.81
C PHE A 699 -1.92 29.10 7.25
N LYS A 700 -0.63 29.07 7.55
CA LYS A 700 0.02 27.85 8.03
C LYS A 700 -0.67 27.35 9.30
N PHE A 701 -0.88 28.25 10.25
CA PHE A 701 -1.49 27.90 11.52
C PHE A 701 -2.87 27.28 11.33
N ILE A 702 -3.74 27.96 10.57
CA ILE A 702 -5.10 27.47 10.47
C ILE A 702 -5.16 26.19 9.65
N LEU A 703 -4.29 26.03 8.67
CA LEU A 703 -4.26 24.78 7.93
C LEU A 703 -3.84 23.62 8.82
N ASN A 704 -2.91 23.85 9.74
CA ASN A 704 -2.54 22.78 10.66
C ASN A 704 -3.66 22.50 11.67
N VAL A 705 -4.37 23.53 12.10
CA VAL A 705 -5.54 23.29 12.95
C VAL A 705 -6.53 22.40 12.23
N SER A 706 -6.72 22.62 10.93
CA SER A 706 -7.65 21.78 10.19
C SER A 706 -7.12 20.37 10.01
N TYR A 707 -5.81 20.22 9.85
CA TYR A 707 -5.23 18.87 9.79
C TYR A 707 -5.20 18.17 11.13
N MET A 708 -5.54 18.85 12.23
CA MET A 708 -5.76 18.11 13.47
C MET A 708 -6.82 17.04 13.36
N CYS A 709 -7.56 16.97 12.26
CA CYS A 709 -8.55 15.92 12.09
C CYS A 709 -7.93 14.54 11.99
N HIS A 710 -6.60 14.45 11.84
CA HIS A 710 -5.91 13.18 11.72
C HIS A 710 -5.64 12.53 13.07
N PHE A 711 -5.95 13.20 14.17
CA PHE A 711 -5.84 12.62 15.49
C PHE A 711 -7.01 11.72 15.84
N ILE A 712 -7.94 11.54 14.92
CA ILE A 712 -9.09 10.65 15.10
C ILE A 712 -8.92 9.48 14.16
N THR A 713 -9.11 8.28 14.67
CA THR A 713 -8.76 7.08 13.94
C THR A 713 -9.53 6.95 12.64
N LYS A 714 -8.94 6.23 11.68
CA LYS A 714 -9.59 6.02 10.39
C LYS A 714 -10.71 5.01 10.47
N GLU A 715 -10.64 4.07 11.39
CA GLU A 715 -11.56 2.94 11.41
C GLU A 715 -13.00 3.42 11.52
N THR A 716 -13.91 2.62 10.98
CA THR A 716 -15.32 2.98 10.92
C THR A 716 -15.94 2.93 12.30
N PRO A 717 -16.64 3.97 12.72
CA PRO A 717 -17.39 3.89 13.98
C PRO A 717 -18.50 2.85 13.96
N ASP A 718 -19.12 2.63 12.81
CA ASP A 718 -20.09 1.56 12.60
C ASP A 718 -19.94 1.03 11.20
N ARG A 719 -20.01 -0.30 11.05
CA ARG A 719 -19.76 -0.92 9.76
C ARG A 719 -20.99 -0.94 8.88
N LEU A 720 -22.14 -1.36 9.43
CA LEU A 720 -23.35 -1.42 8.64
C LEU A 720 -23.74 -0.06 8.11
N THR A 721 -23.69 0.97 8.95
CA THR A 721 -24.06 2.30 8.47
C THR A 721 -23.11 2.76 7.37
N ASP A 722 -21.82 2.53 7.54
CA ASP A 722 -20.86 2.94 6.54
C ASP A 722 -21.12 2.23 5.22
N GLN A 723 -21.47 0.95 5.29
CA GLN A 723 -21.71 0.16 4.10
C GLN A 723 -22.98 0.60 3.39
N ILE A 724 -24.05 0.87 4.14
CA ILE A 724 -25.28 1.37 3.53
C ILE A 724 -25.05 2.72 2.89
N LYS A 725 -24.25 3.57 3.52
CA LYS A 725 -24.00 4.89 2.95
C LYS A 725 -23.15 4.79 1.69
N CYS A 726 -22.19 3.86 1.67
CA CYS A 726 -21.42 3.65 0.45
C CYS A 726 -22.30 3.15 -0.68
N PHE A 727 -23.22 2.24 -0.39
CA PHE A 727 -24.11 1.78 -1.44
C PHE A 727 -25.07 2.89 -1.90
N GLU A 728 -25.51 3.74 -1.00
CA GLU A 728 -26.32 4.89 -1.41
C GLU A 728 -25.54 5.77 -2.36
N LYS A 729 -24.25 5.98 -2.08
CA LYS A 729 -23.41 6.76 -2.98
C LYS A 729 -23.29 6.09 -4.34
N PHE A 730 -23.17 4.77 -4.36
CA PHE A 730 -23.10 4.08 -5.64
C PHE A 730 -24.39 4.20 -6.44
N LEU A 731 -25.53 4.09 -5.77
CA LEU A 731 -26.79 3.92 -6.48
C LEU A 731 -27.52 5.22 -6.81
N GLU A 732 -27.32 6.29 -6.05
CA GLU A 732 -28.12 7.49 -6.27
C GLU A 732 -27.89 8.13 -7.64
N PRO A 733 -26.65 8.33 -8.12
CA PRO A 733 -26.49 8.93 -9.45
C PRO A 733 -27.16 8.14 -10.56
N LYS A 734 -27.15 6.81 -10.46
CA LYS A 734 -27.77 6.00 -11.49
C LYS A 734 -29.28 6.17 -11.51
N ILE A 735 -29.90 6.19 -10.33
CA ILE A 735 -31.34 6.41 -10.28
C ILE A 735 -31.68 7.78 -10.81
N GLU A 736 -30.84 8.77 -10.54
CA GLU A 736 -31.13 10.12 -11.02
C GLU A 736 -30.98 10.21 -12.54
N PHE A 737 -30.02 9.50 -13.11
CA PHE A 737 -29.90 9.44 -14.56
C PHE A 737 -31.08 8.70 -15.19
N GLY A 738 -31.37 7.51 -14.68
CA GLY A 738 -32.50 6.75 -15.18
C GLY A 738 -32.21 5.29 -15.42
N HIS A 739 -30.94 4.91 -15.44
CA HIS A 739 -30.54 3.56 -15.85
C HIS A 739 -30.04 2.78 -14.65
N VAL A 740 -30.87 1.87 -14.17
CA VAL A 740 -30.44 0.85 -13.22
C VAL A 740 -31.05 -0.47 -13.68
N SER A 741 -30.27 -1.29 -14.36
CA SER A 741 -30.75 -2.56 -14.88
C SER A 741 -30.63 -3.59 -13.77
N VAL A 742 -31.72 -3.90 -13.12
CA VAL A 742 -31.73 -4.80 -11.98
C VAL A 742 -31.63 -6.24 -12.45
N ASN A 743 -30.78 -7.02 -11.79
CA ASN A 743 -30.59 -8.44 -12.01
C ASN A 743 -30.31 -8.76 -13.47
N PRO A 744 -29.14 -8.42 -13.99
CA PRO A 744 -28.76 -8.86 -15.33
C PRO A 744 -28.32 -10.32 -15.31
N ALA A 745 -28.21 -10.90 -16.51
CA ALA A 745 -27.82 -12.29 -16.68
C ALA A 745 -26.60 -12.38 -17.57
N ASP A 746 -25.95 -13.55 -17.57
CA ASP A 746 -24.78 -13.73 -18.44
C ASP A 746 -25.16 -13.66 -19.91
N ILE A 747 -26.29 -14.24 -20.29
CA ILE A 747 -26.83 -14.10 -21.63
C ILE A 747 -27.83 -12.95 -21.57
N ALA A 748 -27.38 -11.75 -21.90
CA ALA A 748 -28.18 -10.56 -21.67
C ALA A 748 -29.46 -10.60 -22.49
N THR A 749 -30.56 -10.23 -21.86
CA THR A 749 -31.86 -10.24 -22.51
C THR A 749 -31.92 -9.13 -23.55
N GLU A 750 -33.03 -9.08 -24.29
CA GLU A 750 -33.20 -8.04 -25.29
C GLU A 750 -33.59 -6.70 -24.68
N GLU A 751 -34.37 -6.72 -23.60
CA GLU A 751 -34.77 -5.47 -22.96
C GLU A 751 -33.56 -4.75 -22.38
N GLU A 752 -32.64 -5.51 -21.78
CA GLU A 752 -31.43 -4.92 -21.23
C GLU A 752 -30.59 -4.26 -22.31
N LEU A 753 -30.45 -4.93 -23.45
CA LEU A 753 -29.68 -4.38 -24.55
C LEU A 753 -30.32 -3.12 -25.11
N MET A 754 -31.64 -3.14 -25.31
CA MET A 754 -32.31 -1.95 -25.81
C MET A 754 -32.17 -0.79 -24.83
N ASP A 755 -32.26 -1.08 -23.53
CA ASP A 755 -32.10 -0.04 -22.53
C ASP A 755 -30.70 0.55 -22.56
N MET A 756 -29.68 -0.31 -22.67
CA MET A 756 -28.32 0.20 -22.70
C MET A 756 -28.08 1.06 -23.92
N ALA A 757 -28.62 0.66 -25.08
CA ALA A 757 -28.47 1.47 -26.28
C ALA A 757 -29.20 2.80 -26.13
N TYR A 758 -30.39 2.79 -25.54
CA TYR A 758 -31.16 4.01 -25.37
C TYR A 758 -30.43 4.99 -24.48
N HIS A 759 -29.89 4.52 -23.37
CA HIS A 759 -29.22 5.43 -22.45
C HIS A 759 -27.82 5.81 -22.91
N ALA A 760 -27.17 4.97 -23.72
CA ALA A 760 -25.96 5.42 -24.40
C ALA A 760 -26.27 6.57 -25.33
N LYS A 761 -27.38 6.50 -26.05
CA LYS A 761 -27.78 7.61 -26.91
C LYS A 761 -28.10 8.84 -26.09
N LYS A 762 -28.68 8.67 -24.91
CA LYS A 762 -29.04 9.80 -24.06
C LYS A 762 -27.82 10.43 -23.40
N PHE A 763 -26.75 9.67 -23.19
CA PHE A 763 -25.52 10.20 -22.62
C PHE A 763 -24.90 11.25 -23.53
N LEU A 764 -24.96 11.04 -24.84
CA LEU A 764 -24.29 11.90 -25.80
C LEU A 764 -25.12 13.11 -26.21
N SER A 765 -26.33 13.25 -25.70
CA SER A 765 -27.23 14.31 -26.17
C SER A 765 -27.28 15.49 -25.21
N LYS A 766 -26.17 15.83 -24.60
CA LYS A 766 -26.12 17.01 -23.74
C LYS A 766 -26.23 18.27 -24.57
N GLU A 767 -26.93 19.27 -24.06
CA GLU A 767 -27.16 20.52 -24.76
C GLU A 767 -26.47 21.65 -24.03
N GLY A 768 -26.04 22.66 -24.77
CA GLY A 768 -25.40 23.78 -24.13
C GLY A 768 -25.39 25.12 -24.84
N CYS A 769 -25.90 26.14 -24.15
CA CYS A 769 -25.75 27.56 -24.44
C CYS A 769 -26.27 27.95 -25.83
N THR A 770 -26.79 26.99 -26.57
CA THR A 770 -27.48 27.26 -27.81
C THR A 770 -28.90 26.73 -27.82
N ALA A 771 -29.28 25.99 -26.84
CA ALA A 771 -30.62 25.54 -26.55
C ALA A 771 -31.37 26.59 -25.76
N PRO A 772 -32.70 26.65 -25.89
CA PRO A 772 -33.45 27.66 -25.13
C PRO A 772 -33.26 27.57 -23.63
N ARG A 773 -33.09 26.36 -23.09
CA ARG A 773 -32.85 26.22 -21.66
C ARG A 773 -31.40 26.47 -21.28
N GLY A 774 -30.50 26.55 -22.25
CA GLY A 774 -29.11 26.84 -21.98
C GLY A 774 -28.39 25.64 -21.43
N PRO A 775 -27.11 25.82 -21.08
CA PRO A 775 -26.33 24.72 -20.52
C PRO A 775 -26.93 24.26 -19.22
N GLU A 776 -26.93 22.95 -19.01
CA GLU A 776 -27.60 22.35 -17.85
C GLU A 776 -26.56 21.57 -17.07
N TYR A 777 -25.88 22.24 -16.16
CA TYR A 777 -24.97 21.55 -15.26
C TYR A 777 -25.75 20.55 -14.42
N LYS A 778 -25.01 19.73 -13.68
CA LYS A 778 -25.54 18.66 -12.84
C LYS A 778 -26.10 17.49 -13.63
N LYS A 779 -25.95 17.47 -14.95
CA LYS A 779 -26.47 16.40 -15.78
C LYS A 779 -25.32 15.64 -16.41
N PRO A 780 -25.18 14.34 -16.16
CA PRO A 780 -24.10 13.58 -16.77
C PRO A 780 -24.26 13.50 -18.27
N GLY A 781 -23.15 13.66 -18.97
CA GLY A 781 -23.17 13.53 -20.41
C GLY A 781 -22.09 14.37 -21.02
N VAL A 782 -21.82 14.09 -22.29
CA VAL A 782 -20.83 14.83 -23.07
C VAL A 782 -21.54 15.34 -24.30
N SER A 783 -21.24 16.58 -24.69
CA SER A 783 -21.89 17.16 -25.85
C SER A 783 -21.42 16.44 -27.11
N LYS A 784 -22.07 16.76 -28.23
CA LYS A 784 -21.57 16.28 -29.51
C LYS A 784 -20.69 17.31 -30.19
N LYS A 785 -21.03 18.58 -30.04
CA LYS A 785 -20.19 19.64 -30.57
C LYS A 785 -18.81 19.60 -29.94
N PHE A 786 -18.75 19.45 -28.63
CA PHE A 786 -17.45 19.49 -27.97
C PHE A 786 -16.71 18.17 -28.09
N LEU A 787 -17.42 17.06 -28.20
CA LEU A 787 -16.74 15.81 -28.51
C LEU A 787 -16.12 15.85 -29.89
N SER A 788 -16.85 16.38 -30.86
CA SER A 788 -16.33 16.45 -32.22
C SER A 788 -15.41 17.63 -32.44
N LEU A 789 -15.23 18.50 -31.44
CA LEU A 789 -14.13 19.44 -31.46
C LEU A 789 -12.89 18.88 -30.78
N LEU A 790 -13.05 18.16 -29.68
CA LEU A 790 -11.90 17.56 -29.00
C LEU A 790 -11.22 16.55 -29.90
N THR A 791 -11.99 15.63 -30.49
CA THR A 791 -11.36 14.67 -31.38
C THR A 791 -10.92 15.32 -32.68
N SER A 792 -11.63 16.35 -33.14
CA SER A 792 -11.23 17.02 -34.38
C SER A 792 -9.91 17.72 -34.23
N SER A 793 -9.57 18.19 -33.04
CA SER A 793 -8.28 18.83 -32.84
C SER A 793 -7.22 17.89 -32.29
N PHE A 794 -7.59 16.71 -31.81
CA PHE A 794 -6.57 15.70 -31.61
C PHE A 794 -6.12 15.09 -32.93
N ASN A 795 -7.07 14.80 -33.82
CA ASN A 795 -6.78 14.28 -35.15
C ASN A 795 -6.28 15.34 -36.10
N ASN A 796 -5.77 16.43 -35.55
CA ASN A 796 -5.37 17.59 -36.30
C ASN A 796 -3.99 18.08 -35.90
N GLY A 797 -3.42 17.56 -34.83
CA GLY A 797 -2.15 18.03 -34.34
C GLY A 797 -2.21 19.45 -33.82
N SER A 798 -3.31 19.83 -33.18
CA SER A 798 -3.45 21.12 -32.55
C SER A 798 -3.26 21.07 -31.05
N LEU A 799 -3.74 19.99 -30.42
CA LEU A 799 -3.55 19.83 -28.98
C LEU A 799 -2.08 19.62 -28.64
N PHE A 800 -1.53 18.50 -29.04
CA PHE A 800 -0.21 18.09 -28.59
C PHE A 800 0.77 18.36 -29.72
N LYS A 801 1.30 19.57 -29.73
CA LYS A 801 2.23 20.03 -30.75
C LYS A 801 3.52 20.48 -30.08
N GLU A 802 4.64 20.28 -30.75
CA GLU A 802 5.93 20.70 -30.21
C GLU A 802 6.79 21.40 -31.26
N LYS A 806 2.18 18.94 -35.59
CA LYS A 806 3.55 18.46 -35.42
C LYS A 806 3.66 17.53 -34.23
N LYS A 807 3.40 16.25 -34.47
CA LYS A 807 3.60 15.23 -33.46
C LYS A 807 3.79 13.90 -34.16
N GLU A 808 4.16 12.88 -33.39
CA GLU A 808 4.33 11.52 -33.92
C GLU A 808 4.01 10.54 -32.79
N LEU A 809 2.75 10.15 -32.70
CA LEU A 809 2.42 9.06 -31.80
C LEU A 809 2.99 7.76 -32.35
N ARG A 810 3.01 6.74 -31.50
CA ARG A 810 3.42 5.42 -31.95
C ARG A 810 2.42 4.41 -31.40
N ASP A 811 2.27 3.30 -32.11
CA ASP A 811 1.19 2.36 -31.84
C ASP A 811 1.29 1.84 -30.42
N PRO A 812 0.25 1.95 -29.62
CA PRO A 812 0.29 1.46 -28.23
C PRO A 812 -0.03 -0.01 -28.05
N ILE A 813 -0.24 -0.78 -29.12
CA ILE A 813 -0.23 -2.23 -28.99
C ILE A 813 1.18 -2.73 -28.81
N ILE A 814 2.12 -2.18 -29.58
CA ILE A 814 3.52 -2.59 -29.50
C ILE A 814 4.16 -2.09 -28.23
N THR A 815 3.89 -0.84 -27.86
CA THR A 815 4.57 -0.17 -26.76
C THR A 815 3.92 -0.40 -25.40
N SER A 816 2.80 -1.11 -25.34
CA SER A 816 2.14 -1.37 -24.08
C SER A 816 2.97 -2.31 -23.23
N GLY A 817 2.90 -2.12 -21.92
CA GLY A 817 3.66 -2.96 -21.01
C GLY A 817 3.09 -4.35 -20.92
N CYS A 818 3.99 -5.33 -20.75
CA CYS A 818 3.62 -6.73 -20.64
C CYS A 818 3.60 -7.10 -19.17
N ALA A 819 2.46 -7.59 -18.69
CA ALA A 819 2.24 -7.81 -17.27
C ALA A 819 2.34 -9.28 -16.94
N THR A 820 3.19 -9.61 -15.97
CA THR A 820 3.36 -10.98 -15.52
C THR A 820 2.28 -11.34 -14.52
N ALA A 821 2.32 -12.57 -14.02
CA ALA A 821 1.33 -12.99 -13.04
C ALA A 821 1.55 -12.31 -11.70
N LEU A 822 2.78 -12.28 -11.21
CA LEU A 822 3.06 -11.71 -9.91
C LEU A 822 2.85 -10.21 -9.85
N ASP A 823 2.71 -9.53 -10.99
CA ASP A 823 2.32 -8.14 -10.97
C ASP A 823 0.91 -7.95 -10.42
N LEU A 824 0.08 -8.96 -10.51
CA LEU A 824 -1.30 -8.88 -10.09
C LEU A 824 -1.57 -9.67 -8.81
N ALA A 825 -0.53 -10.22 -8.18
CA ALA A 825 -0.66 -10.99 -6.96
C ALA A 825 -0.30 -10.16 -5.74
N SER A 826 -1.04 -10.37 -4.66
CA SER A 826 -0.85 -9.73 -3.36
C SER A 826 -1.71 -10.50 -2.37
N ASN A 827 -1.88 -9.95 -1.18
CA ASN A 827 -2.77 -10.51 -0.18
C ASN A 827 -4.09 -9.77 -0.10
N LYS A 828 -4.42 -8.99 -1.12
CA LYS A 828 -5.66 -8.25 -1.17
C LYS A 828 -6.79 -9.20 -1.52
N SER A 829 -8.00 -8.68 -1.66
CA SER A 829 -9.15 -9.54 -1.83
C SER A 829 -9.49 -9.71 -3.30
N VAL A 830 -10.17 -10.81 -3.60
CA VAL A 830 -10.71 -11.05 -4.93
C VAL A 830 -11.96 -11.90 -4.78
N VAL A 831 -12.96 -11.60 -5.61
CA VAL A 831 -14.25 -12.28 -5.56
C VAL A 831 -14.12 -13.66 -6.20
N VAL A 832 -14.84 -14.63 -5.64
CA VAL A 832 -14.84 -16.00 -6.14
C VAL A 832 -16.26 -16.39 -6.44
N ASN A 833 -16.53 -16.73 -7.69
CA ASN A 833 -17.87 -17.02 -8.14
C ASN A 833 -18.37 -18.34 -7.58
N LYS A 834 -19.68 -18.46 -7.46
CA LYS A 834 -20.33 -19.66 -6.94
C LYS A 834 -21.16 -20.31 -8.03
N TYR A 835 -20.95 -21.60 -8.25
CA TYR A 835 -21.59 -22.33 -9.34
C TYR A 835 -22.57 -23.35 -8.79
N THR A 836 -23.75 -23.40 -9.39
CA THR A 836 -24.66 -24.52 -9.20
C THR A 836 -25.18 -24.96 -10.55
N ASP A 837 -25.39 -26.27 -10.69
CA ASP A 837 -25.80 -26.87 -11.96
C ASP A 837 -24.89 -26.45 -13.10
N GLY A 838 -23.65 -26.09 -12.78
CA GLY A 838 -22.69 -25.67 -13.77
C GLY A 838 -22.83 -24.24 -14.24
N SER A 839 -23.75 -23.47 -13.68
CA SER A 839 -23.97 -22.09 -14.08
C SER A 839 -23.77 -21.16 -12.89
N ARG A 840 -23.09 -20.04 -13.14
CA ARG A 840 -22.79 -19.10 -12.07
C ARG A 840 -24.06 -18.56 -11.45
N VAL A 841 -24.05 -18.42 -10.13
CA VAL A 841 -25.20 -17.93 -9.37
C VAL A 841 -25.12 -16.42 -9.30
N LEU A 842 -26.20 -15.74 -9.69
CA LEU A 842 -26.21 -14.28 -9.74
C LEU A 842 -27.42 -13.65 -9.06
N ASN A 843 -28.23 -14.41 -8.35
CA ASN A 843 -29.47 -13.89 -7.81
C ASN A 843 -29.66 -14.40 -6.39
N TYR A 844 -29.91 -13.49 -5.46
CA TYR A 844 -30.31 -13.91 -4.13
C TYR A 844 -31.69 -14.54 -4.20
N ASP A 845 -31.96 -15.45 -3.29
CA ASP A 845 -33.25 -16.12 -3.23
C ASP A 845 -34.21 -15.31 -2.37
N PHE A 846 -35.38 -15.00 -2.90
CA PHE A 846 -36.35 -14.24 -2.12
C PHE A 846 -36.82 -15.02 -0.91
N ASN A 847 -37.08 -16.32 -1.08
CA ASN A 847 -37.56 -17.12 0.03
C ASN A 847 -36.50 -17.23 1.12
N LYS A 848 -35.27 -17.58 0.76
CA LYS A 848 -34.22 -17.71 1.75
C LYS A 848 -33.91 -16.38 2.41
N LEU A 849 -33.86 -15.29 1.64
CA LEU A 849 -33.56 -13.99 2.24
C LEU A 849 -34.67 -13.55 3.19
N THR A 850 -35.92 -13.77 2.82
CA THR A 850 -37.03 -13.43 3.72
C THR A 850 -36.98 -14.23 5.00
N ALA A 851 -36.72 -15.54 4.91
CA ALA A 851 -36.61 -16.35 6.12
C ALA A 851 -35.45 -15.87 6.99
N LEU A 852 -34.33 -15.53 6.36
CA LEU A 852 -33.16 -15.09 7.12
C LEU A 852 -33.43 -13.78 7.85
N ALA A 853 -34.06 -12.83 7.18
CA ALA A 853 -34.39 -11.57 7.83
C ALA A 853 -35.38 -11.77 8.96
N VAL A 854 -36.34 -12.66 8.78
CA VAL A 854 -37.28 -12.94 9.87
C VAL A 854 -36.55 -13.53 11.06
N THR A 855 -35.62 -14.46 10.83
CA THR A 855 -34.86 -15.03 11.95
C THR A 855 -34.05 -13.97 12.67
N GLN A 856 -33.40 -13.07 11.93
CA GLN A 856 -32.61 -12.02 12.59
C GLN A 856 -33.50 -11.09 13.39
N LEU A 857 -34.66 -10.71 12.85
CA LEU A 857 -35.59 -9.89 13.60
C LEU A 857 -36.04 -10.59 14.87
N THR A 858 -36.26 -11.91 14.80
CA THR A 858 -36.65 -12.64 15.98
C THR A 858 -35.57 -12.60 17.05
N GLU A 859 -34.31 -12.77 16.65
CA GLU A 859 -33.21 -12.70 17.61
C GLU A 859 -33.20 -11.34 18.30
N VAL A 860 -33.25 -10.27 17.52
CA VAL A 860 -33.17 -8.93 18.10
C VAL A 860 -34.37 -8.65 19.00
N PHE A 861 -35.56 -9.13 18.62
CA PHE A 861 -36.71 -9.05 19.50
C PHE A 861 -36.48 -9.78 20.81
N SER A 862 -35.94 -10.99 20.76
CA SER A 862 -35.76 -11.76 21.99
C SER A 862 -34.82 -11.03 22.93
N ARG A 863 -33.75 -10.44 22.41
CA ARG A 863 -32.81 -9.73 23.29
C ARG A 863 -33.41 -8.44 23.84
N LYS A 864 -34.02 -7.63 22.98
CA LYS A 864 -34.44 -6.28 23.35
C LYS A 864 -35.95 -6.15 23.53
N GLY A 865 -36.74 -6.51 22.52
CA GLY A 865 -38.16 -6.20 22.56
C GLY A 865 -38.97 -7.10 23.47
N LYS A 866 -38.50 -8.33 23.70
CA LYS A 866 -39.25 -9.24 24.56
C LYS A 866 -39.31 -8.71 25.99
N HIS A 867 -38.22 -8.12 26.47
CA HIS A 867 -38.11 -7.66 27.85
C HIS A 867 -38.58 -6.23 28.05
N LEU A 868 -39.12 -5.58 27.02
CA LEU A 868 -39.57 -4.21 27.14
C LEU A 868 -40.71 -4.00 26.14
N LEU A 869 -41.08 -2.74 25.91
CA LEU A 869 -41.98 -2.33 24.83
C LEU A 869 -43.43 -2.71 25.08
N ASN A 870 -43.86 -2.72 26.34
CA ASN A 870 -45.29 -2.71 26.70
C ASN A 870 -46.01 -3.92 26.08
N ARG A 871 -45.73 -5.08 26.66
CA ARG A 871 -46.01 -6.39 26.07
C ARG A 871 -47.51 -6.69 25.91
N GLN A 872 -48.43 -5.75 26.08
CA GLN A 872 -49.83 -5.95 25.73
C GLN A 872 -50.25 -5.13 24.52
N ASP A 873 -49.31 -4.53 23.80
CA ASP A 873 -49.61 -3.59 22.73
C ASP A 873 -49.52 -4.29 21.37
N TYR A 874 -49.61 -3.49 20.31
CA TYR A 874 -49.62 -4.02 18.95
C TYR A 874 -48.31 -4.72 18.62
N GLU A 875 -47.19 -4.03 18.82
CA GLU A 875 -45.92 -4.50 18.29
C GLU A 875 -45.48 -5.80 18.97
N TYR A 876 -45.77 -5.94 20.27
CA TYR A 876 -45.43 -7.19 20.95
C TYR A 876 -46.19 -8.36 20.36
N LYS A 877 -47.51 -8.19 20.13
CA LYS A 877 -48.28 -9.28 19.55
C LYS A 877 -47.80 -9.60 18.14
N VAL A 878 -47.53 -8.57 17.33
CA VAL A 878 -47.09 -8.79 15.96
C VAL A 878 -45.77 -9.54 15.93
N GLN A 879 -44.77 -9.06 16.67
CA GLN A 879 -43.46 -9.68 16.62
C GLN A 879 -43.45 -11.02 17.33
N GLN A 880 -44.33 -11.23 18.32
CA GLN A 880 -44.48 -12.56 18.88
C GLN A 880 -45.02 -13.54 17.85
N ALA A 881 -46.06 -13.14 17.12
CA ALA A 881 -46.61 -14.02 16.09
C ALA A 881 -45.58 -14.31 15.01
N MET A 882 -44.83 -13.28 14.61
CA MET A 882 -43.78 -13.43 13.61
C MET A 882 -42.61 -14.26 14.15
N SER A 883 -42.46 -14.37 15.46
CA SER A 883 -41.34 -15.10 16.04
C SER A 883 -41.66 -16.55 16.38
N ASN A 884 -42.93 -16.89 16.62
CA ASN A 884 -43.27 -18.29 16.88
C ASN A 884 -43.02 -19.16 15.66
N LEU A 885 -43.33 -18.64 14.47
CA LEU A 885 -43.24 -19.41 13.25
C LEU A 885 -41.81 -19.76 12.83
N VAL A 886 -40.79 -19.17 13.45
CA VAL A 886 -39.41 -19.58 13.20
C VAL A 886 -39.11 -20.81 14.06
N LEU A 887 -38.83 -21.92 13.40
CA LEU A 887 -38.53 -23.17 14.08
C LEU A 887 -37.04 -23.43 14.10
N GLY A 888 -36.65 -24.60 14.61
CA GLY A 888 -35.26 -25.01 14.62
C GLY A 888 -34.40 -24.25 15.60
N SER A 889 -34.24 -22.95 15.37
CA SER A 889 -33.30 -22.16 16.15
C SER A 889 -33.75 -22.02 17.60
N GLN A 890 -32.79 -22.01 18.51
CA GLN A 890 -33.08 -21.80 19.92
C GLN A 890 -33.19 -20.32 20.24
N GLY A 908 -56.36 -4.57 7.51
CA GLY A 908 -55.18 -3.95 6.90
C GLY A 908 -54.35 -4.90 6.08
N SER A 909 -53.42 -4.34 5.29
CA SER A 909 -52.55 -5.17 4.47
C SER A 909 -51.63 -6.04 5.31
N ALA A 910 -51.47 -5.73 6.58
CA ALA A 910 -50.60 -6.54 7.45
C ALA A 910 -51.08 -7.98 7.53
N SER A 911 -52.39 -8.21 7.50
CA SER A 911 -52.91 -9.57 7.53
C SER A 911 -52.48 -10.35 6.30
N LEU A 912 -52.63 -9.73 5.12
CA LEU A 912 -52.20 -10.39 3.89
C LEU A 912 -50.70 -10.62 3.87
N TYR A 913 -49.92 -9.61 4.28
CA TYR A 913 -48.47 -9.77 4.27
C TYR A 913 -48.03 -10.85 5.24
N PHE A 914 -48.66 -10.93 6.40
CA PHE A 914 -48.29 -11.98 7.34
C PHE A 914 -48.70 -13.35 6.84
N ASP A 915 -49.80 -13.43 6.09
CA ASP A 915 -50.13 -14.69 5.42
C ASP A 915 -49.00 -15.10 4.49
N GLN A 916 -48.56 -14.18 3.63
CA GLN A 916 -47.46 -14.49 2.71
C GLN A 916 -46.20 -14.88 3.47
N LEU A 917 -45.91 -14.18 4.55
CA LEU A 917 -44.71 -14.44 5.32
C LEU A 917 -44.75 -15.82 5.95
N ARG A 918 -45.90 -16.20 6.50
CA ARG A 918 -46.04 -17.55 7.04
C ARG A 918 -45.82 -18.58 5.97
N GLU A 919 -46.37 -18.37 4.77
CA GLU A 919 -46.18 -19.32 3.69
C GLU A 919 -44.70 -19.46 3.34
N THR A 920 -44.00 -18.33 3.17
CA THR A 920 -42.60 -18.38 2.79
C THR A 920 -41.75 -19.08 3.84
N VAL A 921 -41.98 -18.76 5.12
CA VAL A 921 -41.15 -19.35 6.17
C VAL A 921 -41.44 -20.83 6.29
N GLN A 922 -42.71 -21.23 6.12
CA GLN A 922 -43.02 -22.65 6.16
C GLN A 922 -42.34 -23.40 5.02
N LYS A 923 -42.32 -22.78 3.84
CA LYS A 923 -41.61 -23.39 2.71
C LYS A 923 -40.14 -23.62 3.04
N ILE A 924 -39.48 -22.60 3.58
CA ILE A 924 -38.05 -22.73 3.87
C ILE A 924 -37.81 -23.77 4.95
N VAL A 925 -38.60 -23.73 6.03
CA VAL A 925 -38.36 -24.67 7.12
C VAL A 925 -38.68 -26.10 6.68
N ASP A 926 -39.52 -26.27 5.66
CA ASP A 926 -39.60 -27.57 5.01
C ASP A 926 -38.31 -27.90 4.28
N GLN A 927 -37.74 -26.93 3.57
CA GLN A 927 -36.52 -27.20 2.81
C GLN A 927 -35.36 -27.62 3.71
N TYR A 928 -35.19 -26.93 4.83
CA TYR A 928 -34.08 -27.23 5.73
C TYR A 928 -34.53 -28.06 6.93
N ASP A 1062 -29.86 -25.01 10.73
CA ASP A 1062 -31.13 -24.40 10.31
C ASP A 1062 -30.95 -22.89 10.13
N THR A 1063 -29.84 -22.35 10.63
CA THR A 1063 -29.52 -20.94 10.42
C THR A 1063 -28.17 -20.76 9.76
N GLY A 1064 -27.14 -21.49 10.18
CA GLY A 1064 -25.84 -21.36 9.52
C GLY A 1064 -25.89 -21.78 8.06
N LYS A 1065 -26.51 -22.93 7.79
CA LYS A 1065 -26.64 -23.37 6.40
C LYS A 1065 -27.47 -22.40 5.59
N LEU A 1066 -28.57 -21.90 6.14
CA LEU A 1066 -29.39 -20.94 5.41
C LEU A 1066 -28.59 -19.68 5.10
N SER A 1067 -27.88 -19.16 6.09
CA SER A 1067 -27.14 -17.91 5.91
C SER A 1067 -25.99 -18.07 4.95
N ASP A 1068 -25.38 -19.26 4.88
CA ASP A 1068 -24.35 -19.49 3.90
C ASP A 1068 -24.90 -19.87 2.53
N ASP A 1069 -26.16 -20.29 2.47
CA ASP A 1069 -26.81 -20.58 1.20
C ASP A 1069 -27.46 -19.37 0.58
N VAL A 1070 -27.58 -18.26 1.32
CA VAL A 1070 -28.06 -17.04 0.68
C VAL A 1070 -26.93 -16.31 -0.06
N ARG A 1071 -25.69 -16.41 0.41
CA ARG A 1071 -24.60 -15.71 -0.26
C ARG A 1071 -24.44 -16.23 -1.68
N ILE A 1072 -23.97 -15.34 -2.57
CA ILE A 1072 -23.74 -15.68 -3.97
C ILE A 1072 -22.30 -15.47 -4.38
N SER A 1073 -21.40 -15.21 -3.43
CA SER A 1073 -20.01 -14.97 -3.75
C SER A 1073 -19.16 -15.39 -2.57
N GLU A 1074 -17.88 -15.60 -2.83
CA GLU A 1074 -16.91 -15.87 -1.79
C GLU A 1074 -15.74 -14.92 -1.99
N ARG A 1075 -14.80 -14.95 -1.07
CA ARG A 1075 -13.60 -14.15 -1.23
C ARG A 1075 -12.36 -15.00 -1.00
N GLU A 1076 -11.32 -14.67 -1.77
CA GLU A 1076 -10.00 -15.20 -1.54
C GLU A 1076 -9.01 -14.06 -1.59
N SER A 1077 -7.73 -14.38 -1.56
CA SER A 1077 -6.71 -13.39 -1.83
C SER A 1077 -6.29 -13.48 -3.29
N ASN A 1078 -5.63 -12.43 -3.76
CA ASN A 1078 -5.15 -12.44 -5.14
C ASN A 1078 -4.23 -13.62 -5.38
N SER A 1079 -3.38 -13.94 -4.40
CA SER A 1079 -2.41 -15.01 -4.57
C SER A 1079 -3.06 -16.38 -4.62
N GLU A 1080 -4.08 -16.62 -3.80
CA GLU A 1080 -4.76 -17.91 -3.85
C GLU A 1080 -5.39 -18.14 -5.20
N ALA A 1081 -6.11 -17.13 -5.71
CA ALA A 1081 -6.74 -17.26 -7.02
C ALA A 1081 -5.70 -17.45 -8.12
N LEU A 1082 -4.61 -16.68 -8.08
CA LEU A 1082 -3.59 -16.81 -9.12
C LEU A 1082 -2.91 -18.18 -9.05
N SER A 1083 -2.58 -18.65 -7.86
CA SER A 1083 -1.92 -19.94 -7.74
C SER A 1083 -2.83 -21.08 -8.15
N LYS A 1084 -4.15 -20.90 -7.98
CA LYS A 1084 -5.09 -21.85 -8.58
C LYS A 1084 -5.13 -21.72 -10.09
N ALA A 1085 -4.94 -20.50 -10.62
CA ALA A 1085 -5.02 -20.29 -12.06
C ALA A 1085 -3.79 -20.83 -12.78
N LEU A 1086 -2.61 -20.62 -12.24
CA LEU A 1086 -1.39 -21.10 -12.89
C LEU A 1086 -1.31 -22.62 -12.92
N SER A 1087 -2.07 -23.31 -12.08
CA SER A 1087 -2.14 -24.77 -12.13
C SER A 1087 -2.97 -25.28 -13.28
N LEU A 1088 -3.40 -24.39 -14.19
CA LEU A 1088 -4.16 -24.77 -15.35
C LEU A 1088 -3.48 -24.42 -16.65
N THR A 1089 -2.57 -23.45 -16.65
CA THR A 1089 -1.84 -23.07 -17.84
C THR A 1089 -0.72 -24.07 -18.14
N ASN A 1090 -0.23 -24.03 -19.37
CA ASN A 1090 0.72 -25.02 -19.88
C ASN A 1090 1.86 -24.34 -20.61
N CYS A 1091 2.40 -23.27 -20.03
CA CYS A 1091 3.53 -22.55 -20.59
C CYS A 1091 4.60 -22.40 -19.52
N THR A 1092 5.74 -21.85 -19.91
CA THR A 1092 6.81 -21.60 -18.96
C THR A 1092 6.68 -20.24 -18.32
N THR A 1093 6.71 -19.17 -19.11
CA THR A 1093 6.56 -17.83 -18.57
C THR A 1093 5.12 -17.61 -18.13
N ALA A 1094 4.96 -16.95 -16.98
CA ALA A 1094 3.65 -16.72 -16.38
C ALA A 1094 3.25 -15.27 -16.61
N MET A 1095 2.77 -14.98 -17.81
CA MET A 1095 2.26 -13.67 -18.16
C MET A 1095 0.74 -13.66 -18.13
N LEU A 1096 0.16 -12.46 -18.15
CA LEU A 1096 -1.30 -12.36 -18.12
C LEU A 1096 -1.93 -12.96 -19.37
N LYS A 1097 -1.33 -12.72 -20.53
CA LYS A 1097 -1.88 -13.30 -21.76
C LYS A 1097 -1.96 -14.81 -21.69
N ASN A 1098 -1.08 -15.44 -20.91
CA ASN A 1098 -1.13 -16.89 -20.78
C ASN A 1098 -2.23 -17.36 -19.85
N LEU A 1099 -2.81 -16.46 -19.05
CA LEU A 1099 -3.88 -16.82 -18.14
C LEU A 1099 -5.26 -16.47 -18.65
N CYS A 1100 -5.37 -15.43 -19.47
CA CYS A 1100 -6.67 -15.07 -20.00
C CYS A 1100 -7.04 -15.93 -21.20
N PHE A 1101 -6.10 -16.11 -22.14
CA PHE A 1101 -6.43 -16.63 -23.45
C PHE A 1101 -5.87 -18.01 -23.74
N TYR A 1102 -4.73 -18.40 -23.15
CA TYR A 1102 -4.10 -19.67 -23.45
C TYR A 1102 -4.16 -20.65 -22.28
N SER A 1103 -4.97 -20.38 -21.28
CA SER A 1103 -5.09 -21.27 -20.13
C SER A 1103 -6.12 -22.34 -20.41
N GLN A 1104 -6.28 -23.26 -19.46
CA GLN A 1104 -7.21 -24.38 -19.66
C GLN A 1104 -8.66 -23.93 -19.54
N GLU A 1105 -8.95 -23.07 -18.57
CA GLU A 1105 -10.30 -22.57 -18.36
C GLU A 1105 -10.51 -21.20 -18.99
N SER A 1106 -9.92 -20.97 -20.14
CA SER A 1106 -9.99 -19.70 -20.83
C SER A 1106 -11.23 -19.62 -21.71
N PRO A 1107 -11.76 -18.42 -21.95
CA PRO A 1107 -12.93 -18.28 -22.81
C PRO A 1107 -12.64 -18.75 -24.22
N GLN A 1108 -13.69 -19.23 -24.89
CA GLN A 1108 -13.57 -19.74 -26.25
C GLN A 1108 -14.20 -18.84 -27.29
N SER A 1109 -15.37 -18.27 -27.03
CA SER A 1109 -15.96 -17.27 -27.89
C SER A 1109 -16.23 -16.02 -27.08
N TYR A 1110 -16.62 -14.95 -27.76
CA TYR A 1110 -16.91 -13.71 -27.06
C TYR A 1110 -17.91 -12.90 -27.86
N ASN A 1111 -18.64 -12.06 -27.15
CA ASN A 1111 -19.66 -11.17 -27.66
C ASN A 1111 -19.21 -9.76 -27.36
N SER A 1112 -20.12 -8.79 -27.50
CA SER A 1112 -19.81 -7.47 -27.02
C SER A 1112 -20.25 -7.22 -25.59
N VAL A 1113 -20.94 -8.16 -24.95
CA VAL A 1113 -21.38 -7.97 -23.57
C VAL A 1113 -20.43 -8.69 -22.62
N GLY A 1114 -19.76 -9.72 -23.09
CA GLY A 1114 -18.84 -10.44 -22.26
C GLY A 1114 -18.36 -11.71 -22.92
N PRO A 1115 -17.26 -12.25 -22.42
CA PRO A 1115 -16.68 -13.45 -23.03
C PRO A 1115 -17.55 -14.68 -22.82
N ASP A 1116 -17.05 -15.84 -23.23
CA ASP A 1116 -17.81 -17.07 -23.05
C ASP A 1116 -18.07 -17.39 -21.59
N THR A 1117 -17.13 -17.04 -20.71
CA THR A 1117 -17.22 -17.39 -19.29
C THR A 1117 -17.79 -16.22 -18.50
N GLY A 1118 -19.04 -15.89 -18.79
CA GLY A 1118 -19.75 -14.86 -18.06
C GLY A 1118 -19.23 -13.46 -18.27
N ARG A 1119 -19.99 -12.46 -17.85
CA ARG A 1119 -19.57 -11.08 -17.99
C ARG A 1119 -18.59 -10.69 -16.90
N LEU A 1120 -18.07 -9.47 -17.02
CA LEU A 1120 -17.21 -8.92 -15.98
C LEU A 1120 -18.06 -8.57 -14.78
N LYS A 1121 -17.62 -8.99 -13.60
CA LYS A 1121 -18.39 -8.79 -12.38
C LYS A 1121 -17.51 -8.22 -11.29
N PHE A 1122 -17.98 -7.17 -10.65
CA PHE A 1122 -17.33 -6.57 -9.51
C PHE A 1122 -18.15 -6.88 -8.26
N SER A 1123 -17.67 -6.38 -7.14
CA SER A 1123 -18.42 -6.44 -5.90
C SER A 1123 -18.08 -5.19 -5.12
N LEU A 1124 -18.94 -4.83 -4.19
CA LEU A 1124 -18.80 -3.57 -3.48
C LEU A 1124 -18.36 -3.80 -2.04
N SER A 1125 -17.51 -2.92 -1.55
CA SER A 1125 -17.20 -2.84 -0.13
C SER A 1125 -16.94 -1.38 0.20
N TYR A 1126 -16.43 -1.10 1.40
CA TYR A 1126 -16.22 0.26 1.84
C TYR A 1126 -14.78 0.45 2.26
N LYS A 1127 -14.33 1.71 2.25
CA LYS A 1127 -12.98 2.03 2.69
C LYS A 1127 -13.03 2.83 3.98
N GLU A 1128 -12.11 2.50 4.89
CA GLU A 1128 -11.90 3.24 6.13
C GLU A 1128 -10.86 4.32 5.86
N GLN A 1129 -11.30 5.57 5.77
CA GLN A 1129 -10.41 6.68 5.51
C GLN A 1129 -10.80 7.85 6.40
N VAL A 1130 -10.12 8.98 6.23
CA VAL A 1130 -10.30 10.15 7.07
C VAL A 1130 -11.41 11.00 6.47
N GLY A 1131 -12.57 10.98 7.11
CA GLY A 1131 -13.63 11.91 6.76
C GLY A 1131 -14.27 11.67 5.41
N GLY A 1132 -15.02 10.60 5.28
CA GLY A 1132 -15.73 10.35 4.04
C GLY A 1132 -15.85 8.87 3.77
N ASN A 1133 -16.70 8.55 2.80
CA ASN A 1133 -16.98 7.18 2.39
C ASN A 1133 -16.40 6.96 1.00
N ARG A 1134 -15.68 5.85 0.83
CA ARG A 1134 -15.28 5.40 -0.50
C ARG A 1134 -15.92 4.05 -0.76
N GLU A 1135 -16.64 3.95 -1.86
CA GLU A 1135 -17.13 2.66 -2.32
C GLU A 1135 -16.00 1.99 -3.11
N LEU A 1136 -15.81 0.71 -2.88
CA LEU A 1136 -14.69 -0.01 -3.44
C LEU A 1136 -15.21 -1.16 -4.28
N TYR A 1137 -14.59 -1.35 -5.44
CA TYR A 1137 -15.01 -2.37 -6.40
C TYR A 1137 -13.95 -3.46 -6.42
N ILE A 1138 -14.35 -4.68 -6.08
CA ILE A 1138 -13.44 -5.82 -6.04
C ILE A 1138 -13.90 -6.78 -7.13
N GLY A 1139 -13.28 -6.73 -8.30
CA GLY A 1139 -13.67 -7.65 -9.34
C GLY A 1139 -13.10 -9.03 -9.12
N ASP A 1140 -13.66 -10.02 -9.81
CA ASP A 1140 -13.07 -11.34 -9.71
C ASP A 1140 -11.78 -11.39 -10.50
N LEU A 1141 -11.13 -12.56 -10.56
CA LEU A 1141 -9.80 -12.61 -11.14
C LEU A 1141 -9.81 -12.26 -12.62
N ARG A 1142 -10.75 -12.82 -13.38
CA ARG A 1142 -10.80 -12.56 -14.80
C ARG A 1142 -11.04 -11.09 -15.09
N THR A 1143 -11.95 -10.46 -14.34
CA THR A 1143 -12.16 -9.03 -14.47
C THR A 1143 -10.89 -8.26 -14.20
N LYS A 1144 -10.15 -8.62 -13.15
CA LYS A 1144 -8.92 -7.93 -12.83
C LYS A 1144 -7.90 -8.05 -13.95
N MET A 1145 -7.80 -9.23 -14.55
CA MET A 1145 -6.84 -9.45 -15.62
C MET A 1145 -7.18 -8.64 -16.87
N PHE A 1146 -8.45 -8.67 -17.28
CA PHE A 1146 -8.84 -7.94 -18.48
C PHE A 1146 -8.71 -6.43 -18.28
N THR A 1147 -9.16 -5.93 -17.13
CA THR A 1147 -9.00 -4.50 -16.89
C THR A 1147 -7.55 -4.11 -16.73
N ARG A 1148 -6.68 -5.03 -16.29
CA ARG A 1148 -5.26 -4.74 -16.29
C ARG A 1148 -4.74 -4.56 -17.71
N LEU A 1149 -5.20 -5.38 -18.65
CA LEU A 1149 -4.79 -5.17 -20.03
C LEU A 1149 -5.21 -3.80 -20.54
N ILE A 1150 -6.44 -3.40 -20.22
CA ILE A 1150 -6.90 -2.07 -20.64
C ILE A 1150 -6.03 -0.97 -20.05
N GLU A 1151 -5.71 -1.07 -18.76
CA GLU A 1151 -4.90 -0.05 -18.10
C GLU A 1151 -3.52 0.02 -18.70
N ASP A 1152 -2.92 -1.12 -19.00
CA ASP A 1152 -1.60 -1.11 -19.63
C ASP A 1152 -1.64 -0.35 -20.94
N TYR A 1153 -2.67 -0.61 -21.75
CA TYR A 1153 -2.79 0.10 -23.03
C TYR A 1153 -2.83 1.61 -22.80
N PHE A 1154 -3.70 2.06 -21.91
CA PHE A 1154 -3.89 3.51 -21.81
C PHE A 1154 -2.76 4.20 -21.06
N GLU A 1155 -2.04 3.48 -20.20
CA GLU A 1155 -0.81 4.05 -19.64
C GLU A 1155 0.26 4.21 -20.70
N ALA A 1156 0.35 3.24 -21.62
CA ALA A 1156 1.26 3.37 -22.75
C ALA A 1156 0.94 4.61 -23.58
N LEU A 1157 -0.34 4.87 -23.83
CA LEU A 1157 -0.68 6.14 -24.49
C LEU A 1157 -0.29 7.35 -23.64
N SER A 1158 -0.66 7.35 -22.37
CA SER A 1158 -0.49 8.56 -21.58
C SER A 1158 0.97 8.94 -21.44
N LEU A 1159 1.87 7.95 -21.40
CA LEU A 1159 3.29 8.27 -21.22
C LEU A 1159 3.92 8.90 -22.45
N GLN A 1160 3.24 8.91 -23.59
CA GLN A 1160 3.76 9.54 -24.80
C GLN A 1160 3.38 11.00 -24.93
N LEU A 1161 2.54 11.51 -24.04
CA LEU A 1161 2.06 12.88 -24.08
C LEU A 1161 2.42 13.56 -22.78
N SER A 1162 2.79 14.83 -22.86
CA SER A 1162 3.33 15.52 -21.69
C SER A 1162 2.22 16.24 -20.94
N GLY A 1163 2.11 15.97 -19.64
CA GLY A 1163 1.18 16.69 -18.82
C GLY A 1163 0.51 15.91 -17.71
N SER A 1164 0.71 14.59 -17.66
CA SER A 1164 0.07 13.75 -16.66
C SER A 1164 1.10 13.36 -15.61
N CYS A 1165 0.75 13.58 -14.35
CA CYS A 1165 1.63 13.25 -13.24
C CYS A 1165 1.23 11.95 -12.56
N LEU A 1166 0.49 11.09 -13.26
CA LEU A 1166 0.00 9.88 -12.61
C LEU A 1166 1.04 8.76 -12.62
N ASN A 1167 1.70 8.54 -13.74
CA ASN A 1167 2.72 7.50 -13.86
C ASN A 1167 4.05 8.08 -14.33
N ASN A 1168 4.37 9.29 -13.86
CA ASN A 1168 5.53 10.01 -14.38
C ASN A 1168 6.07 10.87 -13.25
N GLU A 1169 7.11 10.39 -12.56
CA GLU A 1169 7.67 11.15 -11.45
C GLU A 1169 8.42 12.38 -11.94
N LYS A 1170 9.07 12.30 -13.10
CA LYS A 1170 9.72 13.47 -13.67
C LYS A 1170 8.71 14.57 -13.95
N GLU A 1171 7.53 14.19 -14.47
CA GLU A 1171 6.48 15.16 -14.71
C GLU A 1171 5.95 15.75 -13.41
N PHE A 1172 5.82 14.95 -12.36
CA PHE A 1172 5.38 15.48 -11.09
C PHE A 1172 6.37 16.49 -10.53
N GLU A 1173 7.67 16.20 -10.64
CA GLU A 1173 8.66 17.14 -10.15
C GLU A 1173 8.66 18.43 -10.99
N ASN A 1174 8.43 18.31 -12.29
CA ASN A 1174 8.29 19.52 -13.08
C ASN A 1174 7.05 20.31 -12.68
N ALA A 1175 5.97 19.61 -12.33
CA ALA A 1175 4.77 20.29 -11.85
C ALA A 1175 5.04 21.04 -10.55
N ILE A 1176 5.78 20.42 -9.65
CA ILE A 1176 6.12 21.07 -8.39
C ILE A 1176 6.97 22.31 -8.66
N LEU A 1177 7.94 22.19 -9.54
CA LEU A 1177 8.81 23.32 -9.84
C LEU A 1177 8.02 24.45 -10.48
N SER A 1178 7.04 24.10 -11.32
CA SER A 1178 6.23 25.12 -11.98
C SER A 1178 5.30 25.82 -11.00
N MET A 1179 4.72 25.07 -10.06
CA MET A 1179 3.89 25.70 -9.03
C MET A 1179 4.72 26.64 -8.16
N LYS A 1180 5.92 26.20 -7.77
CA LYS A 1180 6.80 27.06 -7.00
C LYS A 1180 7.12 28.35 -7.75
N LEU A 1181 7.49 28.24 -9.02
CA LEU A 1181 7.79 29.42 -9.82
C LEU A 1181 6.58 30.32 -9.98
N ASN A 1182 5.39 29.72 -10.13
CA ASN A 1182 4.19 30.51 -10.31
C ASN A 1182 3.88 31.34 -9.08
N VAL A 1183 3.85 30.69 -7.92
CA VAL A 1183 3.56 31.42 -6.69
C VAL A 1183 4.65 32.43 -6.41
N SER A 1184 5.87 32.16 -6.87
CA SER A 1184 6.97 33.11 -6.69
C SER A 1184 6.71 34.43 -7.40
N LEU A 1185 6.22 34.37 -8.63
CA LEU A 1185 5.99 35.57 -9.42
C LEU A 1185 4.64 36.20 -9.17
N ALA A 1186 3.84 35.60 -8.28
CA ALA A 1186 2.48 36.04 -8.01
C ALA A 1186 1.63 36.02 -9.27
N HIS A 1187 1.58 34.86 -9.93
CA HIS A 1187 0.69 34.62 -11.05
C HIS A 1187 -0.53 33.86 -10.56
N VAL A 1188 -1.64 34.04 -11.28
CA VAL A 1188 -2.86 33.33 -10.92
C VAL A 1188 -2.64 31.85 -11.07
N SER A 1189 -3.34 31.06 -10.28
CA SER A 1189 -3.13 29.60 -10.29
C SER A 1189 -4.37 28.92 -9.77
N TYR A 1190 -5.08 28.24 -10.66
CA TYR A 1190 -6.36 27.64 -10.39
C TYR A 1190 -6.19 26.21 -9.90
N SER A 1191 -6.51 25.97 -8.63
CA SER A 1191 -6.16 24.76 -7.91
C SER A 1191 -7.37 23.83 -7.95
N MET A 1192 -7.51 23.13 -9.06
CA MET A 1192 -8.78 22.56 -9.44
C MET A 1192 -9.05 21.29 -8.67
N ASP A 1193 -10.25 20.75 -8.86
CA ASP A 1193 -10.62 19.48 -8.28
C ASP A 1193 -11.95 19.09 -8.87
N HIS A 1194 -12.14 17.80 -9.16
CA HIS A 1194 -13.30 17.34 -9.91
C HIS A 1194 -14.21 16.48 -9.05
N SER A 1195 -15.47 16.86 -8.97
CA SER A 1195 -16.47 16.07 -8.28
C SER A 1195 -16.87 14.88 -9.14
N LYS A 1196 -17.13 13.76 -8.49
CA LYS A 1196 -17.70 12.60 -9.14
C LYS A 1196 -16.91 12.22 -10.39
N TRP A 1197 -15.67 11.80 -10.16
CA TRP A 1197 -14.86 11.29 -11.25
C TRP A 1197 -15.37 9.92 -11.68
N GLY A 1198 -15.34 8.96 -10.77
CA GLY A 1198 -15.83 7.64 -11.04
C GLY A 1198 -17.32 7.59 -11.33
N PRO A 1199 -18.15 8.13 -10.44
CA PRO A 1199 -19.60 7.98 -10.61
C PRO A 1199 -20.18 8.60 -11.87
N MET A 1200 -19.45 9.42 -12.61
CA MET A 1200 -20.02 10.07 -13.78
C MET A 1200 -19.38 9.63 -15.09
N MET A 1201 -18.06 9.64 -15.21
CA MET A 1201 -17.47 9.08 -16.41
C MET A 1201 -17.63 7.58 -16.47
N CYS A 1202 -17.87 7.11 -17.67
CA CYS A 1202 -18.29 5.74 -17.96
C CYS A 1202 -17.44 5.20 -19.07
N PRO A 1203 -17.35 3.87 -19.20
CA PRO A 1203 -16.61 3.30 -20.33
C PRO A 1203 -17.18 3.67 -21.68
N PHE A 1204 -18.45 4.07 -21.77
CA PHE A 1204 -18.98 4.49 -23.06
C PHE A 1204 -18.35 5.79 -23.53
N LEU A 1205 -18.09 6.72 -22.62
CA LEU A 1205 -17.42 7.94 -23.00
C LEU A 1205 -16.03 7.64 -23.55
N PHE A 1206 -15.31 6.74 -22.89
CA PHE A 1206 -13.99 6.37 -23.36
C PHE A 1206 -14.07 5.65 -24.69
N LEU A 1207 -15.11 4.85 -24.89
CA LEU A 1207 -15.28 4.16 -26.16
C LEU A 1207 -15.55 5.12 -27.30
N ALA A 1208 -16.41 6.11 -27.09
CA ALA A 1208 -16.67 7.11 -28.12
C ALA A 1208 -15.41 7.87 -28.47
N VAL A 1209 -14.67 8.32 -27.45
CA VAL A 1209 -13.45 9.07 -27.69
C VAL A 1209 -12.43 8.21 -28.42
N LEU A 1210 -12.29 6.95 -28.03
CA LEU A 1210 -11.34 6.08 -28.68
C LEU A 1210 -11.72 5.83 -30.14
N GLN A 1211 -13.00 5.60 -30.40
CA GLN A 1211 -13.45 5.35 -31.77
C GLN A 1211 -13.22 6.56 -32.66
N ASN A 1212 -13.19 7.76 -32.09
CA ASN A 1212 -13.03 8.93 -32.93
C ASN A 1212 -11.59 9.45 -33.01
N LEU A 1213 -10.65 8.86 -32.28
CA LEU A 1213 -9.27 9.34 -32.30
C LEU A 1213 -8.46 8.56 -33.34
N ILE A 1214 -7.46 9.23 -33.92
CA ILE A 1214 -6.55 8.61 -34.87
C ILE A 1214 -5.15 8.67 -34.27
N PHE A 1215 -4.54 7.51 -34.00
CA PHE A 1215 -3.24 7.48 -33.34
C PHE A 1215 -2.09 7.43 -34.34
N LEU A 1216 -2.08 6.42 -35.20
CA LEU A 1216 -1.10 6.31 -36.27
C LEU A 1216 -1.77 6.73 -37.56
N SER A 1217 -1.48 7.93 -38.03
CA SER A 1217 -2.04 8.42 -39.27
C SER A 1217 -1.20 8.02 -40.48
N LYS A 1218 -0.10 7.30 -40.27
CA LYS A 1218 0.67 6.77 -41.39
C LYS A 1218 0.05 5.47 -41.90
N ASP A 1219 0.01 4.46 -41.05
CA ASP A 1219 -0.67 3.20 -41.36
C ASP A 1219 -2.02 3.19 -40.66
N LEU A 1220 -3.08 2.99 -41.42
CA LEU A 1220 -4.43 3.04 -40.86
C LEU A 1220 -5.01 1.67 -40.56
N GLN A 1221 -4.55 0.63 -41.24
CA GLN A 1221 -5.12 -0.71 -41.01
C GLN A 1221 -4.81 -1.20 -39.61
N ALA A 1222 -3.53 -1.17 -39.21
CA ALA A 1222 -3.17 -1.59 -37.87
C ALA A 1222 -3.75 -0.67 -36.81
N ASP A 1223 -3.84 0.62 -37.13
CA ASP A 1223 -4.49 1.58 -36.24
C ASP A 1223 -5.92 1.16 -35.94
N ILE A 1224 -6.70 0.90 -36.99
CA ILE A 1224 -8.10 0.54 -36.79
C ILE A 1224 -8.22 -0.81 -36.12
N LYS A 1225 -7.31 -1.74 -36.42
CA LYS A 1225 -7.39 -3.05 -35.78
C LYS A 1225 -7.16 -2.95 -34.26
N GLY A 1226 -6.15 -2.18 -33.85
CA GLY A 1226 -5.92 -2.00 -32.43
C GLY A 1226 -7.07 -1.27 -31.75
N ARG A 1227 -7.57 -0.23 -32.40
CA ARG A 1227 -8.72 0.47 -31.85
C ARG A 1227 -9.91 -0.46 -31.72
N ASP A 1228 -10.05 -1.43 -32.62
CA ASP A 1228 -11.10 -2.43 -32.53
C ASP A 1228 -10.93 -3.33 -31.31
N TYR A 1229 -9.70 -3.79 -31.06
CA TYR A 1229 -9.47 -4.63 -29.88
C TYR A 1229 -9.84 -3.88 -28.61
N LEU A 1230 -9.40 -2.64 -28.49
CA LEU A 1230 -9.76 -1.88 -27.30
C LEU A 1230 -11.23 -1.55 -27.25
N SER A 1231 -11.88 -1.33 -28.39
CA SER A 1231 -13.33 -1.11 -28.36
C SER A 1231 -14.04 -2.31 -27.77
N THR A 1232 -13.63 -3.52 -28.16
CA THR A 1232 -14.23 -4.72 -27.58
C THR A 1232 -14.00 -4.79 -26.09
N LEU A 1233 -12.77 -4.58 -25.65
CA LEU A 1233 -12.48 -4.70 -24.22
C LEU A 1233 -13.23 -3.64 -23.42
N LEU A 1234 -13.41 -2.45 -23.98
CA LEU A 1234 -14.13 -1.39 -23.29
C LEU A 1234 -15.63 -1.60 -23.31
N THR A 1235 -16.15 -2.32 -24.29
CA THR A 1235 -17.55 -2.70 -24.26
C THR A 1235 -17.82 -3.82 -23.28
N TRP A 1236 -16.83 -4.65 -22.95
CA TRP A 1236 -17.04 -5.59 -21.86
C TRP A 1236 -17.25 -4.89 -20.54
N HIS A 1237 -16.62 -3.72 -20.34
CA HIS A 1237 -16.84 -2.90 -19.16
C HIS A 1237 -18.09 -2.04 -19.22
N MET A 1238 -18.69 -1.88 -20.39
CA MET A 1238 -19.98 -1.21 -20.47
C MET A 1238 -21.06 -2.05 -19.83
N HIS A 1239 -20.90 -3.37 -19.84
CA HIS A 1239 -21.96 -4.30 -19.48
C HIS A 1239 -21.63 -5.07 -18.21
N LYS A 1240 -20.72 -4.55 -17.40
CA LYS A 1240 -20.32 -5.21 -16.18
C LYS A 1240 -21.48 -5.22 -15.19
N MET A 1241 -21.41 -6.15 -14.25
CA MET A 1241 -22.43 -6.35 -13.23
C MET A 1241 -21.81 -6.09 -11.88
N VAL A 1242 -22.30 -5.08 -11.17
CA VAL A 1242 -21.79 -4.73 -9.85
C VAL A 1242 -22.72 -5.34 -8.81
N GLU A 1243 -22.16 -6.14 -7.92
CA GLU A 1243 -22.94 -6.91 -6.97
C GLU A 1243 -23.32 -6.07 -5.76
N ILE A 1244 -24.54 -6.26 -5.29
CA ILE A 1244 -25.03 -5.57 -4.10
C ILE A 1244 -24.62 -6.39 -2.87
N PRO A 1245 -23.95 -5.78 -1.90
CA PRO A 1245 -23.40 -6.55 -0.78
C PRO A 1245 -24.46 -7.34 -0.03
N PHE A 1246 -24.01 -8.34 0.72
CA PHE A 1246 -24.94 -9.20 1.42
C PHE A 1246 -25.60 -8.47 2.60
N ASN A 1247 -24.82 -7.72 3.36
CA ASN A 1247 -25.38 -7.01 4.51
C ASN A 1247 -26.37 -5.96 4.07
N VAL A 1248 -26.14 -5.32 2.93
CA VAL A 1248 -27.05 -4.28 2.48
C VAL A 1248 -28.42 -4.86 2.15
N VAL A 1249 -28.45 -5.97 1.41
CA VAL A 1249 -29.75 -6.56 1.10
C VAL A 1249 -30.39 -7.16 2.34
N SER A 1250 -29.60 -7.70 3.27
CA SER A 1250 -30.20 -8.25 4.48
C SER A 1250 -30.85 -7.15 5.33
N ALA A 1251 -30.14 -6.04 5.52
CA ALA A 1251 -30.71 -4.92 6.25
C ALA A 1251 -31.93 -4.38 5.54
N MET A 1252 -31.88 -4.29 4.21
CA MET A 1252 -33.03 -3.79 3.48
C MET A 1252 -34.22 -4.71 3.61
N MET A 1253 -34.01 -6.02 3.70
CA MET A 1253 -35.17 -6.89 3.84
C MET A 1253 -35.76 -6.83 5.24
N LYS A 1254 -34.92 -6.73 6.28
CA LYS A 1254 -35.47 -6.51 7.61
C LYS A 1254 -36.28 -5.23 7.67
N SER A 1255 -35.74 -4.15 7.10
CA SER A 1255 -36.47 -2.89 7.07
C SER A 1255 -37.78 -3.04 6.32
N PHE A 1256 -37.77 -3.76 5.19
CA PHE A 1256 -38.98 -4.03 4.43
C PHE A 1256 -40.03 -4.71 5.28
N ILE A 1257 -39.67 -5.80 5.95
CA ILE A 1257 -40.65 -6.52 6.77
C ILE A 1257 -41.20 -5.63 7.87
N LYS A 1258 -40.33 -4.86 8.53
CA LYS A 1258 -40.83 -3.96 9.57
C LYS A 1258 -41.83 -2.99 8.99
N ALA A 1259 -41.46 -2.29 7.93
CA ALA A 1259 -42.38 -1.33 7.32
C ALA A 1259 -43.68 -1.98 6.90
N GLN A 1260 -43.61 -3.24 6.44
CA GLN A 1260 -44.84 -3.92 6.03
C GLN A 1260 -45.76 -4.18 7.21
N LEU A 1261 -45.19 -4.59 8.33
CA LEU A 1261 -46.01 -4.88 9.51
C LEU A 1261 -46.37 -3.63 10.30
N GLY A 1262 -45.97 -2.45 9.85
CA GLY A 1262 -46.26 -1.21 10.53
C GLY A 1262 -45.33 -0.83 11.64
N LEU A 1263 -44.23 -1.57 11.82
CA LEU A 1263 -43.37 -1.40 12.98
C LEU A 1263 -42.35 -0.30 12.78
N ARG A 1264 -42.79 0.90 12.41
CA ARG A 1264 -41.86 2.00 12.21
C ARG A 1264 -42.54 3.30 12.60
N LYS A 1265 -41.72 4.26 13.02
CA LYS A 1265 -42.23 5.52 13.55
C LYS A 1265 -42.79 6.39 12.44
N SER A 1266 -41.97 6.75 11.46
CA SER A 1266 -42.36 7.63 10.38
C SER A 1266 -42.50 6.84 9.09
N THR A 1267 -42.92 7.55 8.03
CA THR A 1267 -43.05 6.98 6.70
C THR A 1267 -42.13 7.68 5.70
N SER A 1268 -41.00 8.19 6.19
CA SER A 1268 -40.00 8.78 5.32
C SER A 1268 -39.14 7.68 4.70
N GLN A 1269 -38.88 7.80 3.40
CA GLN A 1269 -38.10 6.81 2.68
C GLN A 1269 -37.11 7.50 1.76
N SER A 1270 -35.83 7.19 1.90
CA SER A 1270 -34.86 7.70 0.96
C SER A 1270 -35.01 6.96 -0.37
N ILE A 1271 -34.31 7.46 -1.39
CA ILE A 1271 -34.45 6.90 -2.73
C ILE A 1271 -34.06 5.43 -2.73
N THR A 1272 -33.00 5.08 -1.99
CA THR A 1272 -32.51 3.72 -1.99
C THR A 1272 -33.55 2.76 -1.43
N GLU A 1273 -34.23 3.16 -0.37
CA GLU A 1273 -35.24 2.28 0.21
C GLU A 1273 -36.43 2.11 -0.72
N ASP A 1274 -36.78 3.16 -1.48
CA ASP A 1274 -37.79 2.99 -2.51
C ASP A 1274 -37.34 1.96 -3.54
N PHE A 1275 -36.10 2.08 -4.01
CA PHE A 1275 -35.58 1.14 -4.99
C PHE A 1275 -35.69 -0.30 -4.49
N PHE A 1276 -35.26 -0.55 -3.26
CA PHE A 1276 -35.30 -1.91 -2.74
C PHE A 1276 -36.72 -2.37 -2.48
N TYR A 1277 -37.61 -1.48 -2.05
CA TYR A 1277 -38.95 -1.92 -1.66
C TYR A 1277 -39.81 -2.22 -2.88
N SER A 1278 -39.66 -1.45 -3.95
CA SER A 1278 -40.41 -1.74 -5.16
C SER A 1278 -40.12 -3.16 -5.65
N ASN A 1279 -38.85 -3.58 -5.58
CA ASN A 1279 -38.49 -4.91 -6.03
C ASN A 1279 -38.88 -5.98 -5.02
N PHE A 1280 -38.77 -5.69 -3.73
CA PHE A 1280 -39.22 -6.66 -2.73
C PHE A 1280 -40.72 -6.90 -2.79
N GLN A 1281 -41.50 -5.92 -3.20
CA GLN A 1281 -42.95 -6.11 -3.26
C GLN A 1281 -43.36 -7.05 -4.38
N VAL A 1282 -42.83 -6.85 -5.59
CA VAL A 1282 -43.19 -7.72 -6.70
C VAL A 1282 -42.61 -9.12 -6.50
N GLY A 1283 -41.48 -9.24 -5.81
CA GLY A 1283 -40.96 -10.55 -5.49
C GLY A 1283 -39.54 -10.84 -5.93
N VAL A 1284 -38.81 -9.86 -6.41
CA VAL A 1284 -37.46 -10.04 -6.92
C VAL A 1284 -36.48 -9.28 -6.04
N VAL A 1285 -35.37 -9.94 -5.70
CA VAL A 1285 -34.30 -9.32 -4.90
C VAL A 1285 -33.28 -8.69 -5.84
N PRO A 1286 -32.93 -7.42 -5.67
CA PRO A 1286 -31.91 -6.83 -6.53
C PRO A 1286 -30.51 -7.32 -6.18
N SER A 1287 -29.96 -8.24 -6.96
CA SER A 1287 -28.68 -8.85 -6.67
C SER A 1287 -27.53 -8.12 -7.35
N HIS A 1288 -27.59 -7.96 -8.66
CA HIS A 1288 -26.59 -7.23 -9.42
C HIS A 1288 -27.25 -6.05 -10.10
N VAL A 1289 -26.45 -5.06 -10.45
CA VAL A 1289 -26.93 -3.84 -11.09
C VAL A 1289 -26.00 -3.48 -12.24
N SER A 1290 -26.56 -3.24 -13.42
CA SER A 1290 -25.80 -2.73 -14.55
C SER A 1290 -26.33 -1.35 -14.92
N SER A 1291 -25.46 -0.52 -15.46
CA SER A 1291 -25.82 0.85 -15.78
C SER A 1291 -24.86 1.36 -16.84
N ILE A 1292 -25.20 2.50 -17.41
CA ILE A 1292 -24.32 3.10 -18.41
C ILE A 1292 -23.18 3.85 -17.75
N LEU A 1293 -23.36 4.32 -16.52
CA LEU A 1293 -22.41 5.17 -15.83
C LEU A 1293 -21.42 4.35 -15.00
N ASP A 1294 -20.64 5.04 -14.16
CA ASP A 1294 -19.80 4.40 -13.14
C ASP A 1294 -18.70 3.54 -13.74
N MET A 1295 -17.68 4.23 -14.26
CA MET A 1295 -16.42 3.56 -14.59
C MET A 1295 -15.86 2.71 -13.46
N GLY A 1296 -16.14 3.05 -12.22
CA GLY A 1296 -15.55 2.35 -11.09
C GLY A 1296 -14.50 3.23 -10.45
N GLN A 1297 -14.47 3.23 -9.12
CA GLN A 1297 -13.52 4.08 -8.40
C GLN A 1297 -12.13 3.50 -8.54
N GLY A 1298 -11.32 4.10 -9.39
CA GLY A 1298 -9.95 3.71 -9.54
C GLY A 1298 -9.72 2.45 -10.35
N ILE A 1299 -10.79 1.85 -10.89
CA ILE A 1299 -10.62 0.65 -11.70
C ILE A 1299 -10.04 1.02 -13.06
N LEU A 1300 -10.66 1.96 -13.75
CA LEU A 1300 -10.10 2.47 -15.01
C LEU A 1300 -9.35 3.77 -14.73
N HIS A 1301 -8.28 3.64 -13.97
CA HIS A 1301 -7.61 4.83 -13.45
C HIS A 1301 -6.73 5.48 -14.50
N ASN A 1302 -5.94 4.67 -15.22
CA ASN A 1302 -5.10 5.20 -16.28
C ASN A 1302 -5.91 5.61 -17.48
N THR A 1303 -7.03 4.95 -17.74
CA THR A 1303 -7.92 5.33 -18.83
C THR A 1303 -8.51 6.71 -18.59
N SER A 1304 -9.00 6.95 -17.38
CA SER A 1304 -9.56 8.26 -17.06
C SER A 1304 -8.48 9.31 -16.97
N ASP A 1305 -7.27 8.94 -16.56
CA ASP A 1305 -6.17 9.90 -16.61
C ASP A 1305 -5.86 10.31 -18.04
N PHE A 1306 -5.88 9.37 -18.98
CA PHE A 1306 -5.66 9.74 -20.37
C PHE A 1306 -6.75 10.69 -20.86
N TYR A 1307 -8.01 10.38 -20.56
CA TYR A 1307 -9.08 11.28 -20.96
C TYR A 1307 -8.91 12.67 -20.34
N ALA A 1308 -8.54 12.72 -19.06
CA ALA A 1308 -8.34 14.01 -18.42
C ALA A 1308 -7.26 14.80 -19.10
N LEU A 1309 -6.17 14.13 -19.46
CA LEU A 1309 -5.07 14.79 -20.16
C LEU A 1309 -5.53 15.42 -21.46
N ILE A 1310 -6.18 14.63 -22.32
CA ILE A 1310 -6.51 15.16 -23.64
C ILE A 1310 -7.61 16.21 -23.56
N SER A 1311 -8.62 15.99 -22.73
CA SER A 1311 -9.71 16.96 -22.63
C SER A 1311 -9.24 18.26 -22.01
N GLU A 1312 -8.38 18.21 -20.99
CA GLU A 1312 -7.86 19.44 -20.41
C GLU A 1312 -6.97 20.17 -21.40
N ARG A 1313 -6.20 19.44 -22.18
CA ARG A 1313 -5.40 20.09 -23.21
C ARG A 1313 -6.29 20.84 -24.19
N PHE A 1314 -7.41 20.22 -24.60
CA PHE A 1314 -8.32 20.92 -25.51
C PHE A 1314 -8.93 22.14 -24.85
N ILE A 1315 -9.33 22.03 -23.58
CA ILE A 1315 -9.98 23.17 -22.93
C ILE A 1315 -9.01 24.35 -22.82
N ASN A 1316 -7.77 24.10 -22.41
CA ASN A 1316 -6.79 25.17 -22.31
C ASN A 1316 -6.51 25.77 -23.68
N TYR A 1317 -6.45 24.93 -24.72
CA TYR A 1317 -6.25 25.44 -26.07
C TYR A 1317 -7.42 26.32 -26.51
N ALA A 1318 -8.64 25.91 -26.18
CA ALA A 1318 -9.81 26.70 -26.53
C ALA A 1318 -9.78 28.06 -25.87
N ILE A 1319 -9.46 28.10 -24.59
CA ILE A 1319 -9.40 29.38 -23.88
C ILE A 1319 -8.29 30.26 -24.45
N SER A 1320 -7.13 29.66 -24.74
CA SER A 1320 -6.05 30.44 -25.32
C SER A 1320 -6.46 31.04 -26.66
N SER A 1321 -7.23 30.29 -27.45
CA SER A 1321 -7.71 30.83 -28.72
C SER A 1321 -8.73 31.93 -28.52
N VAL A 1322 -9.55 31.83 -27.47
CA VAL A 1322 -10.62 32.79 -27.26
C VAL A 1322 -10.09 34.12 -26.76
N CYS A 1323 -9.32 34.11 -25.67
CA CYS A 1323 -8.86 35.37 -25.08
C CYS A 1323 -7.40 35.27 -24.66
N GLY A 1324 -6.50 35.58 -25.57
CA GLY A 1324 -5.09 35.80 -25.28
C GLY A 1324 -4.45 34.76 -24.39
N GLY A 1325 -3.40 35.17 -23.67
CA GLY A 1325 -2.83 34.37 -22.60
C GLY A 1325 -2.52 32.93 -22.91
N SER A 1326 -2.41 32.13 -21.86
CA SER A 1326 -2.15 30.69 -21.95
C SER A 1326 -2.33 30.11 -20.57
N ILE A 1327 -2.40 28.79 -20.51
CA ILE A 1327 -2.55 28.06 -19.26
C ILE A 1327 -1.64 26.85 -19.31
N ASP A 1328 -1.07 26.47 -18.17
CA ASP A 1328 -0.18 25.32 -18.07
C ASP A 1328 -0.81 24.33 -17.10
N ALA A 1329 -1.42 23.26 -17.58
CA ALA A 1329 -2.19 22.39 -16.72
C ALA A 1329 -1.46 21.09 -16.46
N TYR A 1330 -1.37 20.70 -15.20
CA TYR A 1330 -0.86 19.40 -14.81
C TYR A 1330 -2.00 18.64 -14.17
N THR A 1331 -2.33 17.49 -14.73
CA THR A 1331 -3.44 16.67 -14.28
C THR A 1331 -2.91 15.38 -13.68
N SER A 1332 -3.69 14.81 -12.78
CA SER A 1332 -3.36 13.50 -12.23
C SER A 1332 -4.62 12.68 -12.02
N SER A 1333 -5.52 12.69 -13.01
CA SER A 1333 -6.71 11.86 -12.91
C SER A 1333 -7.61 12.17 -11.74
N ASP A 1334 -8.41 13.24 -11.83
CA ASP A 1334 -9.27 13.84 -10.78
C ASP A 1334 -8.62 14.96 -9.99
N ASP A 1335 -7.35 15.28 -10.22
CA ASP A 1335 -6.74 16.42 -9.59
C ASP A 1335 -6.07 17.25 -10.68
N GLN A 1336 -6.08 18.56 -10.51
CA GLN A 1336 -5.43 19.39 -11.51
C GLN A 1336 -4.93 20.67 -10.90
N ILE A 1337 -3.85 21.19 -11.47
CA ILE A 1337 -3.35 22.52 -11.18
C ILE A 1337 -3.18 23.23 -12.51
N SER A 1338 -3.82 24.39 -12.67
CA SER A 1338 -3.73 25.17 -13.90
C SER A 1338 -2.98 26.44 -13.59
N LEU A 1339 -1.81 26.60 -14.17
CA LEU A 1339 -0.90 27.68 -13.85
C LEU A 1339 -1.10 28.73 -14.93
N PHE A 1340 -1.70 29.85 -14.57
CA PHE A 1340 -2.08 30.82 -15.59
C PHE A 1340 -0.86 31.58 -16.07
N ASN A 1341 -1.00 32.19 -17.23
CA ASN A 1341 0.08 32.97 -17.83
C ASN A 1341 0.21 34.29 -17.09
N GLN A 1342 1.15 35.12 -17.54
CA GLN A 1342 1.24 36.48 -17.03
C GLN A 1342 0.20 37.39 -17.63
N ASP A 1343 -0.17 37.16 -18.89
CA ASP A 1343 -1.20 38.00 -19.50
C ASP A 1343 -2.56 37.76 -18.85
N LEU A 1344 -2.88 36.52 -18.51
CA LEU A 1344 -4.12 36.27 -17.79
C LEU A 1344 -4.11 36.93 -16.42
N THR A 1345 -2.96 36.87 -15.73
CA THR A 1345 -2.85 37.56 -14.45
C THR A 1345 -3.08 39.04 -14.61
N ASP A 1346 -2.55 39.65 -15.68
CA ASP A 1346 -2.77 41.07 -15.92
C ASP A 1346 -4.23 41.35 -16.24
N LEU A 1347 -4.85 40.50 -17.05
CA LEU A 1347 -6.27 40.66 -17.38
C LEU A 1347 -7.13 40.59 -16.13
N MET A 1348 -6.69 39.85 -15.12
CA MET A 1348 -7.44 39.78 -13.88
C MET A 1348 -7.56 41.14 -13.22
N GLN A 1349 -6.54 41.99 -13.34
CA GLN A 1349 -6.57 43.32 -12.78
C GLN A 1349 -7.14 44.36 -13.74
N ARG A 1350 -7.00 44.13 -15.04
CA ARG A 1350 -7.49 45.11 -16.01
C ARG A 1350 -9.01 45.11 -16.08
N ASP A 1351 -9.60 43.99 -16.49
CA ASP A 1351 -11.04 43.87 -16.64
C ASP A 1351 -11.51 42.61 -15.94
N PRO A 1352 -11.76 42.68 -14.63
CA PRO A 1352 -12.16 41.48 -13.89
C PRO A 1352 -13.47 40.87 -14.34
N GLU A 1353 -14.36 41.64 -14.99
CA GLU A 1353 -15.54 41.04 -15.58
C GLU A 1353 -15.15 40.06 -16.68
N GLU A 1354 -14.16 40.44 -17.50
CA GLU A 1354 -13.71 39.54 -18.55
C GLU A 1354 -13.08 38.29 -17.98
N PHE A 1355 -12.35 38.43 -16.87
CA PHE A 1355 -11.75 37.26 -16.24
C PHE A 1355 -12.81 36.34 -15.64
N LYS A 1356 -13.85 36.91 -15.05
CA LYS A 1356 -14.90 36.03 -14.55
C LYS A 1356 -15.65 35.36 -15.69
N THR A 1357 -15.78 36.05 -16.82
CA THR A 1357 -16.36 35.40 -18.00
C THR A 1357 -15.48 34.26 -18.48
N LEU A 1358 -14.17 34.44 -18.44
CA LEU A 1358 -13.26 33.38 -18.88
C LEU A 1358 -13.28 32.19 -17.93
N LEU A 1359 -13.38 32.43 -16.63
CA LEU A 1359 -13.53 31.32 -15.69
C LEU A 1359 -14.85 30.60 -15.88
N GLU A 1360 -15.93 31.34 -16.13
CA GLU A 1360 -17.21 30.71 -16.36
C GLU A 1360 -17.21 29.90 -17.67
N PHE A 1361 -16.51 30.40 -18.69
CA PHE A 1361 -16.38 29.64 -19.93
C PHE A 1361 -15.58 28.38 -19.72
N HIS A 1362 -14.53 28.44 -18.92
CA HIS A 1362 -13.80 27.22 -18.57
C HIS A 1362 -14.72 26.23 -17.87
N TYR A 1363 -15.54 26.71 -16.93
CA TYR A 1363 -16.48 25.82 -16.27
C TYR A 1363 -17.43 25.18 -17.27
N TYR A 1364 -17.95 25.98 -18.19
CA TYR A 1364 -18.90 25.48 -19.17
C TYR A 1364 -18.28 24.43 -20.08
N MET A 1365 -17.11 24.74 -20.64
CA MET A 1365 -16.43 23.79 -21.52
C MET A 1365 -16.08 22.51 -20.79
N SER A 1366 -15.63 22.60 -19.53
CA SER A 1366 -15.36 21.40 -18.77
C SER A 1366 -16.61 20.58 -18.57
N ASN A 1367 -17.72 21.22 -18.24
CA ASN A 1367 -18.95 20.48 -17.97
C ASN A 1367 -19.52 19.84 -19.24
N GLN A 1368 -19.32 20.48 -20.40
CA GLN A 1368 -19.76 19.92 -21.65
C GLN A 1368 -18.94 18.72 -22.08
N LEU A 1369 -17.83 18.46 -21.41
CA LEU A 1369 -16.98 17.30 -21.65
C LEU A 1369 -17.01 16.32 -20.49
N ASN A 1370 -18.04 16.38 -19.66
CA ASN A 1370 -18.25 15.46 -18.54
C ASN A 1370 -17.16 15.60 -17.48
N LYS A 1371 -16.90 16.82 -17.05
CA LYS A 1371 -15.95 17.09 -15.98
C LYS A 1371 -16.53 18.15 -15.08
N PHE A 1372 -16.93 17.79 -13.88
CA PHE A 1372 -17.61 18.69 -12.96
C PHE A 1372 -16.61 19.22 -11.96
N ILE A 1373 -16.25 20.50 -12.08
CA ILE A 1373 -15.30 21.11 -11.16
C ILE A 1373 -15.93 21.16 -9.77
N SER A 1374 -15.17 20.75 -8.77
CA SER A 1374 -15.68 20.68 -7.41
C SER A 1374 -15.88 22.08 -6.85
N PRO A 1375 -16.80 22.24 -5.90
CA PRO A 1375 -16.90 23.53 -5.20
C PRO A 1375 -15.69 23.87 -4.38
N LYS A 1376 -14.85 22.89 -4.05
CA LYS A 1376 -13.59 23.11 -3.36
C LYS A 1376 -12.47 23.48 -4.33
N SER A 1377 -12.72 24.43 -5.22
CA SER A 1377 -11.75 24.83 -6.23
C SER A 1377 -11.58 26.32 -6.19
N VAL A 1378 -10.34 26.78 -6.11
CA VAL A 1378 -10.07 28.19 -5.86
C VAL A 1378 -9.17 28.72 -6.94
N VAL A 1379 -9.27 30.03 -7.18
CA VAL A 1379 -8.42 30.77 -8.09
C VAL A 1379 -7.69 31.78 -7.25
N GLY A 1380 -6.37 31.82 -7.34
CA GLY A 1380 -5.72 32.76 -6.46
C GLY A 1380 -4.29 33.01 -6.84
N ARG A 1381 -3.71 34.03 -6.21
CA ARG A 1381 -2.31 34.36 -6.38
C ARG A 1381 -1.49 34.08 -5.14
N PHE A 1382 -2.11 33.65 -4.05
CA PHE A 1382 -1.40 33.46 -2.80
C PHE A 1382 -0.85 32.05 -2.65
N VAL A 1383 -1.67 31.05 -2.90
CA VAL A 1383 -1.29 29.67 -2.63
C VAL A 1383 -1.61 28.80 -3.83
N ALA A 1384 -0.83 27.75 -4.01
CA ALA A 1384 -1.06 26.72 -5.02
C ALA A 1384 -1.38 25.41 -4.31
N GLU A 1385 -1.77 24.42 -5.09
CA GLU A 1385 -2.27 23.17 -4.51
C GLU A 1385 -2.36 22.08 -5.55
N PHE A 1386 -1.64 20.98 -5.32
CA PHE A 1386 -1.69 19.83 -6.22
C PHE A 1386 -1.28 18.63 -5.40
N LYS A 1387 -2.23 17.75 -5.12
CA LYS A 1387 -1.98 16.51 -4.38
C LYS A 1387 -1.54 16.80 -2.95
N SER A 1388 -2.32 17.61 -2.26
CA SER A 1388 -2.10 17.94 -0.85
C SER A 1388 -0.70 18.49 -0.61
N ARG A 1389 -0.24 19.36 -1.49
CA ARG A 1389 1.10 19.96 -1.39
C ARG A 1389 0.98 21.45 -1.65
N PHE A 1390 0.89 22.23 -0.58
CA PHE A 1390 0.64 23.65 -0.64
C PHE A 1390 1.93 24.41 -0.84
N TYR A 1391 1.84 25.54 -1.56
CA TYR A 1391 3.03 26.28 -1.95
C TYR A 1391 2.72 27.78 -1.88
N VAL A 1392 2.98 28.38 -0.73
CA VAL A 1392 2.88 29.82 -0.57
C VAL A 1392 4.16 30.46 -1.03
N TRP A 1393 4.18 31.78 -1.15
CA TRP A 1393 5.31 32.48 -1.73
C TRP A 1393 6.63 32.39 -0.98
N GLY A 1394 6.74 33.02 0.17
CA GLY A 1394 8.05 33.25 0.73
C GLY A 1394 8.36 32.39 1.93
N ASP A 1395 7.82 31.17 1.95
CA ASP A 1395 7.92 30.32 3.12
C ASP A 1395 7.54 28.91 2.70
N GLU A 1396 7.66 27.97 3.62
CA GLU A 1396 7.30 26.59 3.38
C GLU A 1396 6.11 26.23 4.28
N VAL A 1397 5.25 25.35 3.80
CA VAL A 1397 4.05 24.99 4.53
C VAL A 1397 4.18 23.56 5.05
N PRO A 1398 4.64 23.36 6.30
CA PRO A 1398 4.71 22.01 6.85
C PRO A 1398 3.38 21.58 7.46
N LEU A 1399 2.96 20.35 7.14
CA LEU A 1399 1.78 19.76 7.74
C LEU A 1399 2.23 19.01 8.99
N LEU A 1400 2.43 19.78 10.06
CA LEU A 1400 3.00 19.25 11.30
C LEU A 1400 2.05 18.30 11.99
N THR A 1401 0.76 18.64 12.04
CA THR A 1401 -0.17 17.83 12.80
C THR A 1401 -0.51 16.53 12.10
N LYS A 1402 -0.53 16.51 10.76
CA LYS A 1402 -0.78 15.26 10.06
C LYS A 1402 0.29 14.22 10.38
N PHE A 1403 1.55 14.64 10.39
CA PHE A 1403 2.65 13.70 10.60
C PHE A 1403 2.95 13.44 12.07
N VAL A 1404 2.60 14.36 12.96
CA VAL A 1404 2.63 14.02 14.38
C VAL A 1404 1.53 13.02 14.69
N ALA A 1405 0.36 13.20 14.09
CA ALA A 1405 -0.78 12.34 14.37
C ALA A 1405 -0.65 10.99 13.72
N ALA A 1406 0.12 10.88 12.63
CA ALA A 1406 0.33 9.58 12.01
C ALA A 1406 1.01 8.62 12.96
N ALA A 1407 1.99 9.09 13.71
CA ALA A 1407 2.83 8.23 14.54
C ALA A 1407 2.18 7.81 15.84
N LEU A 1408 1.07 8.44 16.25
CA LEU A 1408 0.48 8.19 17.55
C LEU A 1408 -0.63 7.16 17.52
N HIS A 1409 -0.89 6.53 16.40
CA HIS A 1409 -2.03 5.64 16.26
C HIS A 1409 -1.63 4.20 16.51
N ASN A 1410 -2.65 3.35 16.69
CA ASN A 1410 -2.44 1.93 16.96
C ASN A 1410 -2.02 1.26 15.67
N ILE A 1411 -0.73 1.39 15.34
CA ILE A 1411 -0.22 0.76 14.13
C ILE A 1411 -0.22 -0.75 14.32
N LYS A 1412 -0.71 -1.47 13.32
CA LYS A 1412 -0.92 -2.91 13.42
C LYS A 1412 0.42 -3.63 13.26
N CYS A 1413 1.21 -3.62 14.33
CA CYS A 1413 2.53 -4.23 14.34
C CYS A 1413 2.55 -5.36 15.36
N LYS A 1414 3.38 -6.36 15.12
CA LYS A 1414 3.26 -7.63 15.82
C LYS A 1414 4.40 -7.97 16.77
N GLU A 1415 5.60 -7.49 16.53
CA GLU A 1415 6.72 -7.74 17.41
C GLU A 1415 7.37 -6.44 17.81
N PRO A 1416 8.08 -6.41 18.94
CA PRO A 1416 8.59 -5.13 19.45
C PRO A 1416 9.65 -4.47 18.60
N HIS A 1417 10.29 -5.18 17.67
CA HIS A 1417 11.25 -4.52 16.80
C HIS A 1417 10.62 -4.00 15.52
N GLN A 1418 9.58 -4.67 15.04
CA GLN A 1418 8.81 -4.15 13.91
C GLN A 1418 8.16 -2.81 14.27
N LEU A 1419 7.65 -2.70 15.50
CA LEU A 1419 7.04 -1.45 15.93
C LEU A 1419 8.05 -0.32 15.94
N ALA A 1420 9.25 -0.59 16.43
CA ALA A 1420 10.28 0.44 16.48
C ALA A 1420 10.72 0.85 15.08
N GLU A 1421 10.88 -0.12 14.18
CA GLU A 1421 11.23 0.22 12.80
C GLU A 1421 10.14 1.05 12.13
N THR A 1422 8.88 0.69 12.38
CA THR A 1422 7.77 1.44 11.79
C THR A 1422 7.77 2.89 12.27
N ILE A 1423 7.96 3.10 13.57
CA ILE A 1423 7.97 4.45 14.09
C ILE A 1423 9.17 5.23 13.55
N ASP A 1424 10.31 4.56 13.38
CA ASP A 1424 11.46 5.20 12.77
C ASP A 1424 11.15 5.66 11.36
N THR A 1425 10.46 4.84 10.57
CA THR A 1425 10.11 5.21 9.20
C THR A 1425 9.14 6.40 9.17
N ILE A 1426 8.10 6.36 10.00
CA ILE A 1426 7.15 7.46 10.04
C ILE A 1426 7.85 8.75 10.45
N ILE A 1427 8.81 8.65 11.37
CA ILE A 1427 9.45 9.87 11.84
C ILE A 1427 10.45 10.40 10.83
N ASP A 1428 11.07 9.51 10.05
CA ASP A 1428 11.87 9.95 8.91
C ASP A 1428 11.02 10.74 7.94
N GLN A 1429 9.82 10.24 7.64
CA GLN A 1429 8.87 10.96 6.78
C GLN A 1429 8.51 12.32 7.38
N SER A 1430 8.22 12.36 8.67
CA SER A 1430 7.88 13.60 9.35
C SER A 1430 8.99 14.62 9.23
N VAL A 1431 10.22 14.21 9.56
CA VAL A 1431 11.33 15.16 9.51
C VAL A 1431 11.51 15.67 8.09
N ALA A 1432 11.31 14.80 7.10
CA ALA A 1432 11.37 15.24 5.72
C ALA A 1432 10.27 16.22 5.38
N ASN A 1433 9.18 16.24 6.14
CA ASN A 1433 8.06 17.12 5.84
C ASN A 1433 7.81 18.17 6.93
N GLY A 1434 8.87 18.77 7.45
CA GLY A 1434 8.78 20.00 8.20
C GLY A 1434 8.68 19.87 9.71
N VAL A 1435 8.29 18.72 10.23
CA VAL A 1435 8.17 18.56 11.69
C VAL A 1435 9.53 18.78 12.33
N PRO A 1436 9.64 19.57 13.40
CA PRO A 1436 10.94 19.75 14.06
C PRO A 1436 11.44 18.44 14.63
N VAL A 1437 12.68 18.44 15.08
CA VAL A 1437 13.29 17.21 15.55
C VAL A 1437 13.11 17.01 17.05
N HIS A 1438 13.06 18.09 17.84
CA HIS A 1438 12.83 17.94 19.26
C HIS A 1438 11.47 17.37 19.55
N LEU A 1439 10.54 17.46 18.60
CA LEU A 1439 9.24 16.82 18.71
C LEU A 1439 9.30 15.36 18.30
N CYS A 1440 10.18 15.03 17.35
CA CYS A 1440 10.36 13.65 16.94
C CYS A 1440 11.01 12.83 18.05
N ASN A 1441 11.91 13.44 18.83
CA ASN A 1441 12.47 12.73 19.97
C ASN A 1441 11.39 12.41 20.99
N LEU A 1442 10.45 13.32 21.20
CA LEU A 1442 9.35 13.06 22.12
C LEU A 1442 8.47 11.92 21.61
N ILE A 1443 8.23 11.87 20.29
CA ILE A 1443 7.43 10.76 19.76
C ILE A 1443 8.17 9.43 19.94
N GLN A 1444 9.48 9.42 19.73
CA GLN A 1444 10.25 8.20 19.95
C GLN A 1444 10.22 7.78 21.42
N LEU A 1445 10.29 8.73 22.33
CA LEU A 1445 10.19 8.39 23.75
C LEU A 1445 8.80 7.86 24.08
N ARG A 1446 7.77 8.37 23.42
CA ARG A 1446 6.43 7.85 23.62
C ARG A 1446 6.34 6.40 23.19
N THR A 1447 6.95 6.05 22.07
CA THR A 1447 6.96 4.66 21.65
C THR A 1447 7.75 3.78 22.60
N LEU A 1448 8.90 4.27 23.08
CA LEU A 1448 9.68 3.48 24.02
C LEU A 1448 8.92 3.27 25.32
N SER A 1449 8.13 4.25 25.76
CA SER A 1449 7.31 4.07 26.94
C SER A 1449 6.20 3.08 26.69
N LEU A 1450 5.62 3.07 25.49
CA LEU A 1450 4.65 2.04 25.17
C LEU A 1450 5.27 0.66 25.26
N LEU A 1451 6.51 0.51 24.79
CA LEU A 1451 7.20 -0.77 24.88
C LEU A 1451 7.48 -1.14 26.33
N GLN A 1452 7.91 -0.18 27.14
CA GLN A 1452 8.21 -0.46 28.54
C GLN A 1452 6.96 -0.87 29.30
N TYR A 1453 5.82 -0.24 28.99
CA TYR A 1453 4.57 -0.66 29.62
C TYR A 1453 4.26 -2.11 29.31
N ALA A 1454 4.62 -2.59 28.13
CA ALA A 1454 4.39 -3.96 27.72
C ALA A 1454 5.32 -4.95 28.42
N ARG A 1455 6.27 -4.46 29.21
CA ARG A 1455 7.28 -5.27 29.88
C ARG A 1455 8.22 -5.93 28.87
N TYR A 1456 8.89 -5.10 28.09
CA TYR A 1456 9.91 -5.53 27.16
C TYR A 1456 11.23 -4.87 27.53
N PRO A 1457 12.34 -5.62 27.56
CA PRO A 1457 13.64 -4.98 27.83
C PRO A 1457 14.06 -4.09 26.68
N ILE A 1458 14.41 -2.85 27.00
CA ILE A 1458 14.68 -1.83 25.98
C ILE A 1458 16.19 -1.85 25.70
N ASP A 1459 16.57 -2.61 24.68
CA ASP A 1459 17.94 -2.78 24.23
C ASP A 1459 18.36 -1.64 23.32
N PRO A 1460 19.67 -1.47 23.09
CA PRO A 1460 20.14 -0.32 22.31
C PRO A 1460 19.75 -0.34 20.85
N PHE A 1461 19.00 -1.33 20.38
CA PHE A 1461 18.72 -1.52 18.96
C PHE A 1461 17.26 -1.27 18.61
N LEU A 1462 16.55 -0.48 19.40
CA LEU A 1462 15.15 -0.17 19.16
C LEU A 1462 14.96 1.22 18.55
N LEU A 1463 15.39 2.26 19.26
CA LEU A 1463 15.19 3.64 18.82
C LEU A 1463 16.30 4.52 19.38
N ASN A 1464 16.63 5.57 18.64
CA ASN A 1464 17.63 6.55 19.06
C ASN A 1464 16.92 7.85 19.35
N CYS A 1465 16.55 8.08 20.60
CA CYS A 1465 15.79 9.27 20.96
C CYS A 1465 16.70 10.41 21.41
N GLU A 1466 17.72 10.70 20.62
CA GLU A 1466 18.55 11.88 20.80
C GLU A 1466 19.04 12.42 19.46
N THR A 1467 18.27 12.22 18.40
CA THR A 1467 18.76 12.49 17.05
C THR A 1467 18.88 13.97 16.77
N ASP A 1468 19.63 14.28 15.73
CA ASP A 1468 19.82 15.62 15.19
C ASP A 1468 19.08 15.72 13.88
N VAL A 1469 19.28 16.84 13.18
CA VAL A 1469 18.86 16.89 11.78
C VAL A 1469 19.68 15.93 10.94
N LYS A 1470 20.99 15.90 11.16
CA LYS A 1470 21.89 15.11 10.33
C LYS A 1470 21.68 13.61 10.48
N ASP A 1471 21.03 13.15 11.53
CA ASP A 1471 20.78 11.72 11.64
C ASP A 1471 19.61 11.28 10.79
N TRP A 1472 18.87 12.22 10.21
CA TRP A 1472 17.77 11.90 9.31
C TRP A 1472 18.06 12.31 7.89
N VAL A 1473 18.55 13.53 7.68
CA VAL A 1473 18.89 13.97 6.35
C VAL A 1473 20.03 13.13 5.78
N ASP A 1474 21.08 12.93 6.56
CA ASP A 1474 22.30 12.34 6.05
C ASP A 1474 22.46 10.86 6.35
N GLY A 1475 21.81 10.34 7.39
CA GLY A 1475 21.95 8.96 7.77
C GLY A 1475 20.74 8.11 7.40
N ASN A 1476 20.87 6.82 7.71
CA ASN A 1476 19.76 5.89 7.60
C ASN A 1476 19.60 5.23 8.96
N ARG A 1477 18.73 4.23 9.08
CA ARG A 1477 18.46 3.65 10.38
C ARG A 1477 19.74 3.13 11.03
N SER A 1478 20.59 2.46 10.26
CA SER A 1478 21.83 1.92 10.81
C SER A 1478 22.71 3.01 11.37
N TYR A 1479 22.68 4.21 10.80
CA TYR A 1479 23.45 5.31 11.34
C TYR A 1479 22.92 5.72 12.70
N ARG A 1480 21.60 5.71 12.88
CA ARG A 1480 21.06 6.06 14.18
C ARG A 1480 21.40 5.01 15.22
N ILE A 1481 21.45 3.73 14.83
CA ILE A 1481 21.89 2.72 15.78
C ILE A 1481 23.36 2.91 16.14
N MET A 1482 24.20 3.20 15.15
CA MET A 1482 25.60 3.53 15.45
C MET A 1482 25.69 4.68 16.42
N ARG A 1483 24.90 5.72 16.20
CA ARG A 1483 25.02 6.93 16.99
C ARG A 1483 24.43 6.77 18.37
N GLN A 1484 23.60 5.75 18.59
CA GLN A 1484 23.21 5.45 19.95
C GLN A 1484 24.29 4.67 20.68
N ILE A 1485 24.84 3.65 20.02
CA ILE A 1485 25.90 2.88 20.66
C ILE A 1485 27.11 3.76 20.95
N GLU A 1486 27.40 4.72 20.07
CA GLU A 1486 28.52 5.62 20.27
C GLU A 1486 28.32 6.54 21.45
N SER A 1487 27.10 6.63 21.97
CA SER A 1487 26.86 7.42 23.17
C SER A 1487 26.78 6.55 24.41
N LEU A 1488 26.40 5.28 24.27
CA LEU A 1488 26.47 4.38 25.41
C LEU A 1488 27.90 4.14 25.84
N ILE A 1489 28.78 3.79 24.91
CA ILE A 1489 30.17 3.49 25.23
C ILE A 1489 31.09 4.30 24.33
N PRO A 1490 31.26 5.59 24.60
CA PRO A 1490 31.98 6.45 23.65
C PRO A 1490 33.47 6.23 23.66
N GLU A 1491 34.04 5.67 24.72
CA GLU A 1491 35.48 5.50 24.78
C GLU A 1491 35.96 4.40 23.84
N ALA A 1492 35.27 3.25 23.83
CA ALA A 1492 35.70 2.11 23.04
C ALA A 1492 35.39 2.27 21.56
N CYS A 1493 34.27 2.92 21.24
CA CYS A 1493 33.88 3.10 19.86
C CYS A 1493 34.90 3.94 19.11
N GLY A 1494 35.66 4.78 19.82
CA GLY A 1494 36.74 5.49 19.17
C GLY A 1494 37.82 4.57 18.66
N LYS A 1495 38.19 3.58 19.48
CA LYS A 1495 39.18 2.60 19.03
C LYS A 1495 38.63 1.75 17.89
N ILE A 1496 37.37 1.35 17.98
CA ILE A 1496 36.77 0.58 16.89
C ILE A 1496 36.74 1.38 15.60
N ARG A 1497 36.39 2.66 15.67
CA ARG A 1497 36.36 3.46 14.45
C ARG A 1497 37.75 3.78 13.92
N SER A 1498 38.75 3.89 14.78
CA SER A 1498 40.11 4.03 14.27
C SER A 1498 40.50 2.78 13.49
N MET A 1499 40.21 1.61 14.06
CA MET A 1499 40.51 0.37 13.34
C MET A 1499 39.74 0.29 12.03
N LEU A 1500 38.48 0.72 12.04
CA LEU A 1500 37.66 0.62 10.83
C LEU A 1500 38.13 1.59 9.76
N ARG A 1501 38.52 2.81 10.13
CA ARG A 1501 39.08 3.71 9.14
C ARG A 1501 40.33 3.11 8.53
N LYS A 1502 41.20 2.52 9.35
CA LYS A 1502 42.40 1.93 8.79
C LYS A 1502 42.09 0.70 7.95
N LEU A 1503 41.01 0.00 8.25
CA LEU A 1503 40.68 -1.24 7.54
C LEU A 1503 39.95 -0.97 6.24
N PHE A 1504 38.84 -0.24 6.32
CA PHE A 1504 38.01 0.00 5.15
C PHE A 1504 38.80 0.58 3.99
N ASN A 1505 39.84 1.36 4.29
CA ASN A 1505 40.66 1.92 3.24
C ASN A 1505 41.46 0.84 2.53
N LYS A 1506 41.91 -0.17 3.26
CA LYS A 1506 42.73 -1.22 2.65
C LYS A 1506 41.89 -2.22 1.87
N LEU A 1507 40.69 -2.54 2.35
CA LEU A 1507 39.84 -3.48 1.63
C LEU A 1507 39.42 -2.93 0.28
N LYS A 1508 39.06 -1.64 0.21
CA LYS A 1508 38.62 -1.07 -1.06
C LYS A 1508 39.75 -1.09 -2.08
N THR A 1509 40.97 -0.79 -1.65
CA THR A 1509 42.12 -0.96 -2.53
C THR A 1509 42.33 -2.43 -2.86
N GLY A 1510 42.20 -3.30 -1.86
CA GLY A 1510 42.23 -4.73 -2.10
C GLY A 1510 43.41 -5.43 -1.46
N GLN A 1511 43.90 -4.93 -0.33
CA GLN A 1511 45.14 -5.45 0.22
C GLN A 1511 44.94 -6.56 1.24
N LEU A 1512 44.28 -6.26 2.36
CA LEU A 1512 44.14 -7.22 3.46
C LEU A 1512 42.79 -7.93 3.35
N HIS A 1513 42.74 -8.94 2.49
CA HIS A 1513 41.50 -9.65 2.27
C HIS A 1513 41.45 -10.99 2.99
N GLU A 1514 42.55 -11.73 3.06
CA GLU A 1514 42.53 -13.02 3.73
C GLU A 1514 42.60 -12.90 5.24
N GLU A 1515 43.28 -11.88 5.76
CA GLU A 1515 43.30 -11.66 7.20
C GLU A 1515 42.00 -11.10 7.71
N PHE A 1516 41.11 -10.68 6.81
CA PHE A 1516 39.75 -10.35 7.17
C PHE A 1516 38.80 -11.50 6.83
N THR A 1517 38.81 -11.94 5.57
CA THR A 1517 37.74 -12.79 5.07
C THR A 1517 37.64 -14.11 5.81
N THR A 1518 38.54 -15.04 5.52
CA THR A 1518 38.53 -16.32 6.22
C THR A 1518 39.48 -16.36 7.40
N ASN A 1519 39.58 -15.28 8.16
CA ASN A 1519 40.23 -15.38 9.45
C ASN A 1519 39.40 -14.76 10.55
N TYR A 1520 39.11 -13.46 10.43
CA TYR A 1520 38.55 -12.70 11.54
C TYR A 1520 37.22 -12.05 11.20
N LEU A 1521 36.43 -12.66 10.32
CA LEU A 1521 34.99 -12.46 10.34
C LEU A 1521 34.30 -13.77 10.66
N SER A 1522 35.01 -14.70 11.29
CA SER A 1522 34.47 -16.01 11.63
C SER A 1522 35.14 -16.50 12.91
N GLY A 1523 34.35 -17.09 13.80
CA GLY A 1523 34.85 -17.62 15.05
C GLY A 1523 34.50 -16.76 16.24
N GLU A 1524 35.33 -16.87 17.27
CA GLU A 1524 35.19 -16.07 18.48
C GLU A 1524 35.31 -14.58 18.15
N HIS A 1525 34.28 -13.81 18.54
CA HIS A 1525 34.22 -12.41 18.14
C HIS A 1525 35.27 -11.55 18.83
N VAL A 1526 35.54 -11.78 20.11
CA VAL A 1526 36.43 -10.88 20.83
C VAL A 1526 37.87 -11.08 20.39
N SER A 1527 38.29 -12.33 20.23
CA SER A 1527 39.62 -12.60 19.70
C SER A 1527 39.75 -12.04 18.30
N SER A 1528 38.69 -12.13 17.50
CA SER A 1528 38.72 -11.58 16.15
C SER A 1528 38.95 -10.07 16.19
N LEU A 1529 38.22 -9.37 17.04
CA LEU A 1529 38.37 -7.92 17.13
C LEU A 1529 39.76 -7.55 17.59
N LYS A 1530 40.28 -8.26 18.59
CA LYS A 1530 41.64 -8.00 19.06
C LYS A 1530 42.67 -8.19 17.96
N ASN A 1531 42.57 -9.31 17.23
CA ASN A 1531 43.53 -9.59 16.17
C ASN A 1531 43.45 -8.55 15.06
N LEU A 1532 42.23 -8.14 14.70
CA LEU A 1532 42.07 -7.12 13.67
C LEU A 1532 42.75 -5.83 14.09
N CYS A 1533 42.57 -5.43 15.36
CA CYS A 1533 43.24 -4.24 15.83
C CYS A 1533 44.76 -4.41 15.85
N ILE A 1534 45.25 -5.62 16.13
CA ILE A 1534 46.69 -5.84 16.18
C ILE A 1534 47.31 -5.73 14.79
N ILE A 1535 46.72 -6.39 13.79
CA ILE A 1535 47.33 -6.43 12.47
C ILE A 1535 47.28 -5.09 11.74
N LEU A 1536 46.53 -4.12 12.26
CA LEU A 1536 46.45 -2.80 11.64
C LEU A 1536 47.19 -1.73 12.42
N ASP A 1537 47.92 -2.12 13.48
CA ASP A 1537 48.71 -1.20 14.29
C ASP A 1537 47.83 -0.16 14.97
N VAL A 1538 46.79 -0.64 15.64
CA VAL A 1538 45.86 0.20 16.39
C VAL A 1538 45.68 -0.42 17.76
N ASP A 1539 45.65 0.41 18.79
CA ASP A 1539 45.54 -0.09 20.15
C ASP A 1539 44.26 -0.90 20.31
N PRO A 1540 44.35 -2.17 20.69
CA PRO A 1540 43.15 -3.01 20.79
C PRO A 1540 42.24 -2.52 21.89
N PRO A 1541 40.95 -2.87 21.82
CA PRO A 1541 40.05 -2.49 22.91
C PRO A 1541 40.49 -3.10 24.23
N SER A 1542 40.37 -2.31 25.29
CA SER A 1542 40.75 -2.80 26.60
C SER A 1542 39.82 -3.92 27.03
N GLU A 1543 40.35 -4.82 27.87
CA GLU A 1543 39.60 -6.00 28.25
C GLU A 1543 38.27 -5.64 28.89
N SER A 1544 38.22 -4.50 29.59
CA SER A 1544 36.96 -4.05 30.17
C SER A 1544 35.95 -3.70 29.09
N ASP A 1545 36.41 -3.11 27.99
CA ASP A 1545 35.49 -2.68 26.94
C ASP A 1545 34.85 -3.87 26.23
N LEU A 1546 35.53 -5.01 26.19
CA LEU A 1546 34.99 -6.18 25.50
C LEU A 1546 33.88 -6.86 26.28
N GLU A 1547 33.63 -6.46 27.52
CA GLU A 1547 32.59 -7.10 28.33
C GLU A 1547 31.22 -6.50 28.12
N PHE A 1548 31.12 -5.33 27.50
CA PHE A 1548 29.82 -4.73 27.24
C PHE A 1548 29.02 -5.63 26.32
N SER A 1549 27.72 -5.71 26.57
CA SER A 1549 26.88 -6.64 25.84
C SER A 1549 25.47 -6.06 25.74
N TRP A 1550 24.62 -6.77 25.03
CA TRP A 1550 23.20 -6.46 25.03
C TRP A 1550 22.42 -7.76 24.96
N LEU A 1551 21.26 -7.77 25.62
CA LEU A 1551 20.47 -8.98 25.76
C LEU A 1551 19.62 -9.17 24.51
N ASN A 1552 19.84 -10.27 23.82
CA ASN A 1552 19.15 -10.58 22.58
C ASN A 1552 18.15 -11.68 22.87
N LEU A 1553 16.90 -11.31 23.13
CA LEU A 1553 15.92 -12.31 23.53
C LEU A 1553 15.50 -13.23 22.39
N ALA A 1554 15.82 -12.88 21.16
CA ALA A 1554 15.55 -13.73 20.01
C ALA A 1554 16.82 -14.36 19.48
N ALA A 1555 17.78 -14.65 20.37
CA ALA A 1555 19.06 -15.18 19.92
C ALA A 1555 18.90 -16.57 19.32
N TYR A 1556 18.27 -17.48 20.05
CA TYR A 1556 18.17 -18.84 19.53
C TYR A 1556 17.10 -18.93 18.46
N HIS A 1557 15.94 -18.32 18.69
CA HIS A 1557 14.81 -18.39 17.76
CA HIS A 1557 14.83 -18.37 17.75
C HIS A 1557 13.95 -17.16 17.98
N PRO A 1558 13.35 -16.61 16.92
CA PRO A 1558 12.50 -15.43 17.08
C PRO A 1558 11.36 -15.67 18.06
N LEU A 1559 10.80 -14.56 18.54
CA LEU A 1559 9.80 -14.63 19.61
C LEU A 1559 8.57 -15.37 19.14
N ARG A 1560 8.07 -16.27 19.98
CA ARG A 1560 6.87 -17.05 19.68
C ARG A 1560 5.65 -16.22 20.05
N MET A 1561 4.96 -15.70 19.04
CA MET A 1561 3.89 -14.74 19.26
C MET A 1561 2.53 -15.41 19.26
N VAL A 1562 1.67 -14.99 20.19
CA VAL A 1562 0.37 -15.63 20.37
C VAL A 1562 -0.43 -15.55 19.08
N LEU A 1563 -1.37 -16.48 18.95
CA LEU A 1563 -2.19 -16.61 17.76
C LEU A 1563 -3.63 -16.42 18.18
N ARG A 1564 -4.33 -15.46 17.57
CA ARG A 1564 -5.75 -15.32 17.85
C ARG A 1564 -6.56 -16.42 17.18
N GLN A 1565 -6.27 -16.69 15.90
CA GLN A 1565 -6.95 -17.70 15.09
C GLN A 1565 -8.45 -17.83 15.36
N ILE A 1580 21.69 -23.22 1.26
CA ILE A 1580 21.77 -22.22 0.19
C ILE A 1580 21.86 -20.83 0.78
N PRO A 1581 22.79 -20.03 0.27
CA PRO A 1581 22.97 -18.66 0.79
C PRO A 1581 21.75 -17.79 0.53
N THR A 1582 21.71 -16.65 1.23
CA THR A 1582 20.67 -15.67 0.97
C THR A 1582 20.97 -14.87 -0.29
N ILE A 1583 22.25 -14.71 -0.65
CA ILE A 1583 22.59 -14.04 -1.89
C ILE A 1583 22.08 -14.83 -3.09
N VAL A 1584 22.27 -16.15 -3.06
CA VAL A 1584 21.81 -17.00 -4.15
C VAL A 1584 20.29 -17.05 -4.18
N LYS A 1585 19.64 -17.10 -3.01
CA LYS A 1585 18.19 -17.04 -3.01
C LYS A 1585 17.70 -15.72 -3.59
N THR A 1586 18.41 -14.63 -3.31
CA THR A 1586 18.00 -13.33 -3.84
C THR A 1586 18.04 -13.32 -5.35
N ILE A 1587 19.17 -13.70 -5.94
CA ILE A 1587 19.27 -13.66 -7.40
C ILE A 1587 18.35 -14.70 -8.01
N GLN A 1588 18.22 -15.87 -7.38
CA GLN A 1588 17.31 -16.90 -7.87
C GLN A 1588 15.88 -16.39 -7.95
N ASN A 1589 15.38 -15.80 -6.86
CA ASN A 1589 14.01 -15.28 -6.88
C ASN A 1589 13.85 -14.19 -7.93
N LYS A 1590 14.82 -13.28 -8.01
CA LYS A 1590 14.68 -12.17 -8.96
C LYS A 1590 14.61 -12.68 -10.39
N LEU A 1591 15.39 -13.71 -10.73
CA LEU A 1591 15.34 -14.24 -12.09
C LEU A 1591 14.18 -15.21 -12.31
N SER A 1592 13.73 -15.89 -11.25
CA SER A 1592 12.75 -16.95 -11.36
C SER A 1592 11.32 -16.48 -11.24
N SER A 1593 11.10 -15.22 -10.86
CA SER A 1593 9.73 -14.75 -10.68
C SER A 1593 8.93 -14.78 -11.98
N THR A 1594 9.58 -14.86 -13.14
CA THR A 1594 8.88 -14.79 -14.43
C THR A 1594 8.64 -16.17 -15.04
N PHE A 1595 8.68 -17.23 -14.25
CA PHE A 1595 8.47 -18.59 -14.73
C PHE A 1595 7.28 -19.19 -14.01
N THR A 1596 6.60 -20.14 -14.65
CA THR A 1596 5.39 -20.70 -14.06
C THR A 1596 5.69 -21.43 -12.76
N ARG A 1597 6.69 -22.32 -12.77
CA ARG A 1597 7.05 -23.02 -11.55
C ARG A 1597 7.69 -22.07 -10.53
N GLY A 1598 8.48 -21.11 -11.00
CA GLY A 1598 9.02 -20.12 -10.09
C GLY A 1598 7.94 -19.27 -9.45
N ALA A 1599 7.02 -18.77 -10.27
CA ALA A 1599 5.92 -17.99 -9.72
C ALA A 1599 5.08 -18.83 -8.78
N GLN A 1600 4.93 -20.12 -9.05
CA GLN A 1600 4.14 -20.95 -8.16
C GLN A 1600 4.82 -21.14 -6.82
N LYS A 1601 6.13 -21.35 -6.81
CA LYS A 1601 6.83 -21.49 -5.54
C LYS A 1601 6.76 -20.21 -4.74
N LEU A 1602 6.98 -19.06 -5.38
CA LEU A 1602 6.83 -17.79 -4.68
C LEU A 1602 5.43 -17.60 -4.14
N LEU A 1603 4.42 -17.88 -4.96
CA LEU A 1603 3.04 -17.67 -4.55
C LEU A 1603 2.68 -18.56 -3.38
N SER A 1604 3.12 -19.82 -3.39
CA SER A 1604 2.82 -20.73 -2.30
C SER A 1604 3.47 -20.28 -1.01
N GLU A 1605 4.73 -19.86 -1.08
CA GLU A 1605 5.39 -19.36 0.11
C GLU A 1605 4.68 -18.15 0.67
N ALA A 1606 4.28 -17.22 -0.19
CA ALA A 1606 3.57 -16.02 0.26
C ALA A 1606 2.22 -16.39 0.87
N ILE A 1607 1.51 -17.36 0.28
CA ILE A 1607 0.22 -17.76 0.83
C ILE A 1607 0.37 -18.30 2.23
N ASN A 1608 1.33 -19.20 2.44
CA ASN A 1608 1.51 -19.78 3.76
C ASN A 1608 1.98 -18.73 4.77
N LYS A 1609 2.90 -17.86 4.36
CA LYS A 1609 3.37 -16.82 5.26
C LYS A 1609 2.24 -15.87 5.66
N SER A 1610 1.38 -15.51 4.71
CA SER A 1610 0.27 -14.63 5.05
C SER A 1610 -0.77 -15.34 5.91
N ALA A 1611 -1.02 -16.62 5.66
CA ALA A 1611 -1.95 -17.34 6.51
C ALA A 1611 -1.43 -17.43 7.93
N PHE A 1612 -0.11 -17.51 8.11
CA PHE A 1612 0.44 -17.47 9.45
C PHE A 1612 0.33 -16.09 10.07
N GLN A 1613 0.72 -15.04 9.33
CA GLN A 1613 0.72 -13.69 9.89
C GLN A 1613 -0.67 -13.19 10.22
N SER A 1614 -1.70 -13.71 9.54
CA SER A 1614 -3.05 -13.23 9.80
C SER A 1614 -3.58 -13.70 11.14
N SER A 1615 -3.06 -14.81 11.66
CA SER A 1615 -3.54 -15.32 12.93
C SER A 1615 -2.86 -14.70 14.14
N ILE A 1616 -1.86 -13.87 13.93
CA ILE A 1616 -1.11 -13.27 15.02
C ILE A 1616 -1.84 -12.03 15.51
N ALA A 1617 -1.99 -11.92 16.83
CA ALA A 1617 -2.61 -10.73 17.40
C ALA A 1617 -1.74 -9.53 17.14
N SER A 1618 -2.35 -8.48 16.60
CA SER A 1618 -1.64 -7.27 16.20
C SER A 1618 -2.17 -6.10 17.00
N GLY A 1619 -1.33 -5.09 17.15
CA GLY A 1619 -1.68 -3.90 17.89
C GLY A 1619 -1.02 -3.88 19.25
N PHE A 1620 -1.32 -2.82 20.00
CA PHE A 1620 -0.79 -2.70 21.35
C PHE A 1620 -1.31 -3.80 22.25
N VAL A 1621 -2.60 -4.14 22.13
CA VAL A 1621 -3.18 -5.17 22.97
C VAL A 1621 -2.56 -6.53 22.67
N GLY A 1622 -2.39 -6.85 21.39
CA GLY A 1622 -1.74 -8.10 21.04
C GLY A 1622 -0.28 -8.12 21.44
N LEU A 1623 0.40 -6.98 21.35
CA LEU A 1623 1.78 -6.92 21.79
C LEU A 1623 1.91 -7.22 23.27
N CYS A 1624 1.04 -6.62 24.09
CA CYS A 1624 1.08 -6.91 25.52
C CYS A 1624 0.75 -8.37 25.79
N ARG A 1625 -0.21 -8.94 25.06
CA ARG A 1625 -0.50 -10.36 25.23
C ARG A 1625 0.74 -11.19 24.93
N THR A 1626 1.38 -10.94 23.78
CA THR A 1626 2.50 -11.75 23.36
C THR A 1626 3.64 -11.66 24.36
N LEU A 1627 3.96 -10.45 24.80
CA LEU A 1627 5.08 -10.26 25.71
C LEU A 1627 4.73 -10.65 27.14
N GLY A 1628 3.47 -10.98 27.42
CA GLY A 1628 3.15 -11.58 28.70
C GLY A 1628 3.16 -13.09 28.72
N SER A 1629 3.29 -13.74 27.58
CA SER A 1629 3.22 -15.19 27.46
C SER A 1629 4.63 -15.79 27.45
N LYS A 1630 4.72 -17.07 27.09
CA LYS A 1630 5.99 -17.78 27.00
C LYS A 1630 6.64 -17.50 25.63
N CYS A 1631 7.10 -16.27 25.46
CA CYS A 1631 7.46 -15.80 24.14
C CYS A 1631 8.94 -15.95 23.82
N VAL A 1632 9.77 -16.38 24.76
CA VAL A 1632 11.21 -16.48 24.55
C VAL A 1632 11.58 -17.94 24.35
N ARG A 1633 12.14 -18.26 23.18
CA ARG A 1633 12.58 -19.61 22.90
C ARG A 1633 13.89 -19.90 23.59
N GLY A 1634 13.93 -20.97 24.37
CA GLY A 1634 15.13 -21.37 25.04
C GLY A 1634 16.14 -21.95 24.08
N PRO A 1635 17.31 -22.32 24.60
CA PRO A 1635 18.36 -22.83 23.71
C PRO A 1635 17.96 -24.05 22.91
N ASN A 1636 17.27 -25.00 23.54
CA ASN A 1636 16.95 -26.29 22.91
C ASN A 1636 15.49 -26.67 23.15
N LYS A 1637 14.61 -26.13 22.32
CA LYS A 1637 13.21 -26.55 22.23
C LYS A 1637 12.49 -26.44 23.58
N GLU A 1638 12.37 -25.21 24.06
CA GLU A 1638 11.48 -24.90 25.17
C GLU A 1638 11.19 -23.41 25.14
N ASN A 1639 10.18 -23.01 25.92
CA ASN A 1639 9.72 -21.64 25.98
C ASN A 1639 9.82 -21.13 27.41
N LEU A 1640 10.23 -19.87 27.55
CA LEU A 1640 10.37 -19.27 28.87
C LEU A 1640 9.79 -17.88 28.85
N TYR A 1641 9.12 -17.50 29.93
CA TYR A 1641 8.68 -16.12 30.06
C TYR A 1641 9.88 -15.18 30.04
N ILE A 1642 9.64 -13.93 29.69
CA ILE A 1642 10.72 -12.96 29.75
C ILE A 1642 11.18 -12.79 31.20
N LYS A 1643 10.24 -12.88 32.15
CA LYS A 1643 10.61 -12.78 33.55
C LYS A 1643 11.53 -13.91 33.99
N SER A 1644 11.36 -15.11 33.43
CA SER A 1644 12.27 -16.20 33.77
C SER A 1644 13.70 -15.86 33.34
N ILE A 1645 13.86 -15.35 32.12
CA ILE A 1645 15.18 -14.98 31.65
C ILE A 1645 15.77 -13.89 32.52
N GLN A 1646 14.95 -12.90 32.88
CA GLN A 1646 15.47 -11.81 33.70
C GLN A 1646 15.86 -12.29 35.09
N SER A 1647 15.11 -13.23 35.64
CA SER A 1647 15.48 -13.77 36.95
C SER A 1647 16.78 -14.55 36.88
N LEU A 1648 16.94 -15.40 35.85
CA LEU A 1648 18.20 -16.13 35.75
C LEU A 1648 19.38 -15.19 35.51
N ILE A 1649 19.18 -14.08 34.82
CA ILE A 1649 20.25 -13.10 34.74
C ILE A 1649 20.51 -12.46 36.10
N SER A 1650 19.45 -12.20 36.85
CA SER A 1650 19.61 -11.56 38.16
C SER A 1650 20.41 -12.43 39.11
N ASN A 1651 20.13 -13.74 39.11
CA ASN A 1651 20.87 -14.65 39.99
C ASN A 1651 22.35 -14.70 39.62
N THR A 1652 22.66 -14.80 38.34
CA THR A 1652 24.03 -15.03 37.91
C THR A 1652 24.94 -13.92 38.37
N GLN A 1653 26.14 -14.28 38.80
CA GLN A 1653 27.07 -13.35 39.41
C GLN A 1653 27.90 -12.64 38.35
N GLY A 1654 28.12 -11.34 38.54
CA GLY A 1654 28.98 -10.54 37.72
C GLY A 1654 28.29 -9.79 36.60
N ILE A 1655 27.10 -10.23 36.18
CA ILE A 1655 26.38 -9.58 35.10
C ILE A 1655 25.73 -8.33 35.66
N GLU A 1656 26.27 -7.18 35.34
CA GLU A 1656 25.68 -5.92 35.77
C GLU A 1656 24.76 -5.38 34.70
N LEU A 1657 23.86 -4.50 35.12
CA LEU A 1657 22.97 -3.77 34.23
C LEU A 1657 23.31 -2.30 34.29
N LEU A 1658 23.43 -1.67 33.13
CA LEU A 1658 23.69 -0.24 33.05
C LEU A 1658 22.60 0.39 32.19
N THR A 1659 22.24 1.62 32.52
CA THR A 1659 21.16 2.32 31.83
C THR A 1659 21.54 3.77 31.65
N ASN A 1660 21.18 4.34 30.50
CA ASN A 1660 21.32 5.77 30.33
C ASN A 1660 20.06 6.44 30.87
N ASN A 1661 19.91 7.75 30.65
CA ASN A 1661 18.79 8.45 31.26
C ASN A 1661 17.46 8.01 30.66
N HIS A 1662 17.41 7.78 29.35
CA HIS A 1662 16.14 7.48 28.70
C HIS A 1662 15.62 6.10 29.07
N GLY A 1663 16.50 5.14 29.28
CA GLY A 1663 16.04 3.82 29.68
C GLY A 1663 16.65 2.69 28.89
N ILE A 1664 17.71 3.01 28.13
CA ILE A 1664 18.37 2.03 27.26
C ILE A 1664 19.28 1.15 28.10
N GLN A 1665 19.07 -0.16 28.03
CA GLN A 1665 19.76 -1.09 28.89
C GLN A 1665 20.91 -1.74 28.15
N TYR A 1666 22.13 -1.55 28.63
CA TYR A 1666 23.24 -2.35 28.16
C TYR A 1666 23.91 -3.01 29.33
N TRP A 1667 24.29 -4.26 29.15
CA TRP A 1667 24.76 -5.08 30.25
C TRP A 1667 26.27 -5.11 30.31
N ARG A 1668 26.79 -5.77 31.33
CA ARG A 1668 28.22 -6.02 31.47
C ARG A 1668 28.40 -7.46 31.91
N VAL A 1669 28.90 -8.29 31.00
CA VAL A 1669 28.98 -9.73 31.17
C VAL A 1669 30.44 -10.14 31.18
N PRO A 1670 30.97 -10.70 32.27
CA PRO A 1670 32.38 -11.08 32.31
C PRO A 1670 32.68 -12.19 31.31
N LEU A 1671 33.87 -12.14 30.73
CA LEU A 1671 34.24 -13.08 29.69
C LEU A 1671 34.72 -14.41 30.24
N ASN A 1672 33.96 -15.01 31.15
CA ASN A 1672 34.24 -16.36 31.60
C ASN A 1672 32.97 -17.15 31.92
N LEU A 1673 31.80 -16.59 31.64
CA LEU A 1673 30.55 -17.24 32.04
C LEU A 1673 30.12 -18.30 31.03
N LYS A 1674 30.36 -18.05 29.74
CA LYS A 1674 30.01 -19.05 28.74
C LYS A 1674 30.75 -20.36 28.98
N GLU A 1675 32.02 -20.28 29.37
CA GLU A 1675 32.72 -21.47 29.82
C GLU A 1675 32.10 -22.02 31.10
N GLU A 1676 31.77 -21.14 32.04
CA GLU A 1676 31.36 -21.58 33.38
C GLU A 1676 29.87 -21.88 33.47
N LYS A 1677 29.38 -22.69 32.52
CA LYS A 1677 28.04 -23.28 32.56
C LYS A 1677 26.99 -22.23 32.92
N ILE A 1678 26.85 -21.25 32.03
CA ILE A 1678 25.85 -20.19 32.17
C ILE A 1678 24.83 -20.37 31.06
N SER A 1679 23.62 -20.76 31.43
CA SER A 1679 22.54 -20.96 30.46
C SER A 1679 22.03 -19.64 29.90
N VAL A 1680 22.35 -18.53 30.55
CA VAL A 1680 21.90 -17.22 30.13
C VAL A 1680 23.04 -16.39 29.56
N ALA A 1681 24.14 -17.03 29.19
CA ALA A 1681 25.20 -16.33 28.49
C ALA A 1681 25.06 -16.44 26.98
N GLY A 1682 24.15 -17.26 26.50
CA GLY A 1682 23.88 -17.35 25.09
C GLY A 1682 22.87 -16.37 24.57
N TYR A 1683 22.25 -15.62 25.47
CA TYR A 1683 21.31 -14.58 25.10
C TYR A 1683 21.98 -13.25 24.85
N PHE A 1684 23.21 -13.08 25.32
CA PHE A 1684 23.91 -11.82 25.26
C PHE A 1684 24.80 -11.78 24.01
N ARG A 1685 24.95 -10.58 23.46
CA ARG A 1685 25.80 -10.39 22.31
C ARG A 1685 26.78 -9.26 22.62
N PRO A 1686 28.06 -9.42 22.34
CA PRO A 1686 29.01 -8.34 22.58
C PRO A 1686 28.61 -7.11 21.79
N LEU A 1687 28.85 -5.95 22.35
CA LEU A 1687 28.31 -4.74 21.79
C LEU A 1687 29.29 -4.04 20.87
N LEU A 1688 30.59 -4.17 21.11
CA LEU A 1688 31.58 -3.64 20.17
C LEU A 1688 31.59 -4.44 18.87
N TRP A 1689 31.39 -5.75 18.93
CA TRP A 1689 31.36 -6.51 17.69
C TRP A 1689 30.17 -6.10 16.84
N ASP A 1690 28.99 -5.97 17.44
CA ASP A 1690 27.84 -5.50 16.68
C ASP A 1690 28.05 -4.09 16.19
N TYR A 1691 28.73 -3.26 16.98
CA TYR A 1691 29.02 -1.91 16.51
C TYR A 1691 29.92 -1.96 15.28
N MET A 1692 30.91 -2.84 15.29
CA MET A 1692 31.81 -2.96 14.14
C MET A 1692 31.06 -3.42 12.90
N CYS A 1693 30.18 -4.42 13.07
CA CYS A 1693 29.43 -4.92 11.91
C CYS A 1693 28.47 -3.87 11.35
N ILE A 1694 27.73 -3.20 12.23
CA ILE A 1694 26.83 -2.13 11.79
C ILE A 1694 27.61 -1.02 11.12
N SER A 1695 28.71 -0.59 11.73
CA SER A 1695 29.49 0.51 11.20
C SER A 1695 30.08 0.17 9.83
N LEU A 1696 30.55 -1.07 9.67
CA LEU A 1696 31.12 -1.48 8.39
C LEU A 1696 30.06 -1.55 7.30
N SER A 1697 28.93 -2.18 7.58
CA SER A 1697 27.90 -2.28 6.56
C SER A 1697 27.36 -0.91 6.18
N THR A 1698 27.13 -0.04 7.16
CA THR A 1698 26.62 1.28 6.83
C THR A 1698 27.69 2.21 6.27
N ALA A 1699 28.97 1.88 6.42
CA ALA A 1699 29.97 2.61 5.66
C ALA A 1699 30.03 2.13 4.22
N ILE A 1700 29.72 0.87 3.98
CA ILE A 1700 29.56 0.39 2.61
C ILE A 1700 28.39 1.11 1.95
N GLU A 1701 27.28 1.24 2.66
CA GLU A 1701 26.09 1.85 2.07
C GLU A 1701 26.21 3.37 1.96
N LEU A 1702 26.34 4.05 3.09
CA LEU A 1702 26.23 5.51 3.09
C LEU A 1702 27.46 6.17 2.52
N GLY A 1703 28.62 5.69 2.87
CA GLY A 1703 29.85 6.32 2.43
C GLY A 1703 30.92 6.12 3.48
N ALA A 1704 32.07 6.73 3.23
CA ALA A 1704 33.16 6.62 4.17
C ALA A 1704 33.14 7.69 5.25
N TRP A 1705 32.31 8.72 5.11
CA TRP A 1705 32.24 9.74 6.15
C TRP A 1705 31.72 9.18 7.46
N VAL A 1706 31.02 8.04 7.42
CA VAL A 1706 30.44 7.48 8.62
C VAL A 1706 31.51 7.14 9.64
N LEU A 1707 32.72 6.87 9.18
CA LEU A 1707 33.80 6.44 10.06
C LEU A 1707 34.63 7.60 10.59
N GLY A 1708 34.26 8.83 10.29
CA GLY A 1708 34.97 9.97 10.81
C GLY A 1708 34.69 10.17 12.28
N GLU A 1709 35.26 11.21 12.81
CA GLU A 1709 35.07 11.43 14.24
C GLU A 1709 33.83 12.28 14.48
N PRO A 1710 32.92 11.85 15.35
CA PRO A 1710 31.75 12.67 15.66
C PRO A 1710 32.19 13.91 16.41
N LYS A 1711 31.80 15.07 15.89
CA LYS A 1711 32.13 16.35 16.50
C LYS A 1711 30.85 17.12 16.74
N ALA A 1712 30.61 17.49 18.00
CA ALA A 1712 29.43 18.28 18.32
C ALA A 1712 29.62 19.71 17.85
N ALA A 1713 28.49 20.39 17.66
CA ALA A 1713 28.51 21.76 17.16
C ALA A 1713 28.79 22.74 18.29
N LYS A 1714 29.62 23.74 17.98
CA LYS A 1714 29.94 24.82 18.91
C LYS A 1714 29.45 26.15 18.34
N PRO A 1715 28.15 26.28 18.08
CA PRO A 1715 27.68 27.43 17.30
C PRO A 1715 27.85 28.76 18.01
N LEU A 1716 27.25 28.88 19.20
CA LEU A 1716 27.42 30.03 20.09
C LEU A 1716 27.24 31.37 19.37
N GLU A 1717 26.46 31.39 18.30
CA GLU A 1717 26.26 32.61 17.54
C GLU A 1717 25.18 33.51 18.12
N PHE A 1718 24.48 33.05 19.16
CA PHE A 1718 23.43 33.81 19.83
C PHE A 1718 22.39 34.33 18.83
N PHE A 1719 21.96 33.43 17.95
CA PHE A 1719 20.99 33.78 16.91
C PHE A 1719 19.56 33.61 17.43
N LYS A 1720 18.60 34.13 16.66
CA LYS A 1720 17.20 33.94 16.96
C LYS A 1720 16.73 32.57 16.46
N HIS A 1721 15.70 32.05 17.11
CA HIS A 1721 15.15 30.76 16.70
C HIS A 1721 14.50 30.84 15.33
N ASN A 1722 13.60 31.81 15.14
CA ASN A 1722 12.85 31.95 13.90
C ASN A 1722 12.17 30.64 13.52
N PRO A 1723 11.02 30.33 14.13
CA PRO A 1723 10.42 29.00 13.94
C PRO A 1723 9.97 28.68 12.53
N CYS A 1724 9.86 29.69 11.65
CA CYS A 1724 9.51 29.43 10.26
C CYS A 1724 10.64 29.82 9.33
N ASP A 1725 11.86 29.35 9.63
CA ASP A 1725 13.02 29.55 8.77
C ASP A 1725 13.32 28.30 7.97
N TYR A 1726 12.28 27.62 7.50
CA TYR A 1726 12.47 26.32 6.87
C TYR A 1726 13.37 26.43 5.65
N PHE A 1727 14.10 25.36 5.41
CA PHE A 1727 15.18 25.32 4.44
C PHE A 1727 15.20 23.96 3.77
N PRO A 1728 15.06 23.88 2.45
CA PRO A 1728 15.21 22.59 1.77
C PRO A 1728 16.66 22.15 1.72
N LEU A 1729 16.86 20.88 2.00
CA LEU A 1729 18.19 20.28 2.15
C LEU A 1729 18.21 18.98 1.38
N LYS A 1730 19.41 18.57 0.95
CA LYS A 1730 19.54 17.36 0.16
C LYS A 1730 20.58 16.47 0.84
N PRO A 1731 20.30 15.19 1.01
CA PRO A 1731 21.28 14.29 1.62
C PRO A 1731 22.60 14.28 0.88
N THR A 1732 23.64 14.87 1.47
CA THR A 1732 24.91 14.94 0.77
C THR A 1732 25.49 13.53 0.61
N ALA A 1733 25.94 13.23 -0.62
CA ALA A 1733 26.47 11.92 -0.94
C ALA A 1733 27.69 12.09 -1.82
N SER A 1734 28.52 11.05 -1.85
CA SER A 1734 29.76 11.06 -2.61
C SER A 1734 29.76 10.13 -3.81
N LYS A 1735 29.09 9.00 -3.73
CA LYS A 1735 29.12 7.99 -4.79
C LYS A 1735 27.74 7.94 -5.46
N LEU A 1736 27.69 8.34 -6.71
CA LEU A 1736 26.46 8.30 -7.49
C LEU A 1736 26.56 7.32 -8.64
N LEU A 1737 27.54 7.48 -9.53
CA LEU A 1737 27.75 6.52 -10.61
C LEU A 1737 28.88 5.54 -10.34
N GLU A 1738 29.80 5.89 -9.44
CA GLU A 1738 30.95 5.03 -9.19
C GLU A 1738 30.54 3.67 -8.65
N ASP A 1739 29.58 3.64 -7.73
CA ASP A 1739 29.18 2.41 -7.06
C ASP A 1739 27.74 2.03 -7.39
N ARG A 1740 27.38 2.11 -8.67
CA ARG A 1740 26.13 1.52 -9.14
C ARG A 1740 26.37 0.05 -9.50
N VAL A 1741 26.53 -0.75 -8.46
CA VAL A 1741 26.68 -2.19 -8.62
C VAL A 1741 25.30 -2.81 -8.78
N GLY A 1742 25.07 -3.46 -9.92
CA GLY A 1742 23.79 -4.03 -10.24
C GLY A 1742 23.76 -5.54 -10.06
N VAL A 1743 22.66 -6.13 -10.52
CA VAL A 1743 22.50 -7.58 -10.42
C VAL A 1743 23.51 -8.30 -11.29
N ASN A 1744 23.82 -7.72 -12.46
CA ASN A 1744 24.72 -8.37 -13.40
C ASN A 1744 26.12 -8.54 -12.80
N HIS A 1745 26.61 -7.52 -12.08
CA HIS A 1745 27.91 -7.64 -11.44
C HIS A 1745 27.94 -8.81 -10.47
N ILE A 1746 26.89 -8.94 -9.65
CA ILE A 1746 26.85 -10.01 -8.67
C ILE A 1746 26.76 -11.36 -9.37
N ILE A 1747 25.99 -11.44 -10.45
CA ILE A 1747 25.88 -12.71 -11.18
C ILE A 1747 27.24 -13.10 -11.75
N HIS A 1748 27.94 -12.15 -12.38
CA HIS A 1748 29.22 -12.47 -12.98
C HIS A 1748 30.23 -12.89 -11.92
N SER A 1749 30.31 -12.15 -10.82
CA SER A 1749 31.22 -12.51 -9.74
C SER A 1749 30.86 -13.87 -9.17
N LEU A 1750 29.58 -14.15 -8.98
CA LEU A 1750 29.17 -15.42 -8.42
C LEU A 1750 29.53 -16.57 -9.33
N ARG A 1751 29.37 -16.37 -10.64
CA ARG A 1751 29.77 -17.40 -11.60
C ARG A 1751 31.27 -17.64 -11.55
N ARG A 1752 32.05 -16.56 -11.44
CA ARG A 1752 33.49 -16.71 -11.42
C ARG A 1752 33.97 -17.43 -10.16
N LEU A 1753 33.51 -16.99 -8.98
CA LEU A 1753 34.00 -17.57 -7.74
C LEU A 1753 33.41 -18.94 -7.46
N TYR A 1754 32.12 -19.13 -7.68
CA TYR A 1754 31.43 -20.37 -7.30
C TYR A 1754 30.67 -20.92 -8.50
N PRO A 1755 31.36 -21.60 -9.41
CA PRO A 1755 30.70 -21.99 -10.67
C PRO A 1755 29.66 -23.07 -10.51
N SER A 1756 29.95 -24.13 -9.74
CA SER A 1756 29.02 -25.25 -9.65
C SER A 1756 27.69 -24.82 -9.05
N MET A 1757 27.73 -24.05 -7.97
CA MET A 1757 26.50 -23.57 -7.36
C MET A 1757 25.77 -22.60 -8.27
N PHE A 1758 26.52 -21.76 -9.00
CA PHE A 1758 25.89 -20.86 -9.96
C PHE A 1758 25.11 -21.63 -11.00
N GLU A 1759 25.73 -22.62 -11.64
CA GLU A 1759 25.06 -23.36 -12.69
C GLU A 1759 23.99 -24.30 -12.14
N LYS A 1760 24.07 -24.67 -10.86
CA LYS A 1760 23.00 -25.45 -10.27
C LYS A 1760 21.78 -24.61 -9.95
N HIS A 1761 21.97 -23.35 -9.55
CA HIS A 1761 20.86 -22.56 -9.04
C HIS A 1761 20.51 -21.32 -9.85
N ILE A 1762 21.46 -20.70 -10.53
CA ILE A 1762 21.18 -19.46 -11.23
C ILE A 1762 21.16 -19.62 -12.75
N LEU A 1763 21.89 -20.58 -13.31
CA LEU A 1763 21.93 -20.73 -14.76
C LEU A 1763 20.59 -21.08 -15.38
N PRO A 1764 19.81 -22.04 -14.86
CA PRO A 1764 18.56 -22.39 -15.56
C PRO A 1764 17.62 -21.21 -15.72
N PHE A 1765 17.58 -20.30 -14.75
CA PHE A 1765 16.61 -19.23 -14.72
C PHE A 1765 17.07 -18.00 -15.48
N MET A 1766 18.24 -18.04 -16.09
CA MET A 1766 18.91 -16.85 -16.60
C MET A 1766 18.65 -16.72 -18.10
N SER A 1767 18.08 -15.60 -18.50
CA SER A 1767 17.90 -15.28 -19.91
C SER A 1767 18.22 -13.82 -20.13
N ASP A 1768 18.08 -13.38 -21.38
CA ASP A 1768 18.35 -12.02 -21.83
C ASP A 1768 19.85 -11.75 -21.84
N LEU A 1769 20.63 -12.70 -21.34
CA LEU A 1769 22.09 -12.68 -21.45
C LEU A 1769 22.65 -13.96 -22.04
N ALA A 1770 22.08 -15.11 -21.68
CA ALA A 1770 22.39 -16.40 -22.29
C ALA A 1770 23.86 -16.76 -22.14
N SER A 1771 24.52 -16.24 -21.11
CA SER A 1771 25.92 -16.56 -20.80
C SER A 1771 26.85 -16.18 -21.95
N THR A 1772 26.96 -14.87 -22.18
CA THR A 1772 27.85 -14.35 -23.22
C THR A 1772 28.87 -13.40 -22.56
N LYS A 1773 29.48 -13.85 -21.48
CA LYS A 1773 30.43 -13.00 -20.75
C LYS A 1773 31.76 -12.86 -21.51
N MET A 1774 32.24 -13.96 -22.08
CA MET A 1774 33.50 -14.04 -22.83
C MET A 1774 34.73 -13.80 -21.97
N LYS A 1775 34.58 -13.81 -20.65
CA LYS A 1775 35.69 -13.72 -19.71
C LYS A 1775 36.44 -12.39 -19.82
N TRP A 1776 35.67 -11.29 -19.89
CA TRP A 1776 36.26 -9.96 -19.81
C TRP A 1776 35.43 -9.06 -18.89
N SER A 1777 34.85 -9.64 -17.84
CA SER A 1777 34.27 -8.84 -16.79
C SER A 1777 35.36 -8.15 -15.97
N PRO A 1778 35.07 -7.01 -15.37
CA PRO A 1778 36.14 -6.22 -14.73
C PRO A 1778 36.84 -6.92 -13.57
N ARG A 1779 36.26 -7.98 -13.02
CA ARG A 1779 36.81 -8.66 -11.84
C ARG A 1779 36.99 -7.68 -10.69
N ILE A 1780 35.85 -7.22 -10.16
CA ILE A 1780 35.86 -6.16 -9.17
C ILE A 1780 36.49 -6.68 -7.88
N LYS A 1781 37.40 -5.92 -7.30
CA LYS A 1781 37.84 -6.18 -5.95
C LYS A 1781 36.95 -5.43 -4.99
N PHE A 1782 36.75 -6.00 -3.81
CA PHE A 1782 35.82 -5.56 -2.76
C PHE A 1782 34.39 -5.96 -3.12
N LEU A 1783 34.13 -6.45 -4.32
CA LEU A 1783 32.86 -7.10 -4.59
C LEU A 1783 32.97 -8.61 -4.52
N ASP A 1784 34.05 -9.18 -5.02
CA ASP A 1784 34.30 -10.60 -4.82
C ASP A 1784 34.50 -10.92 -3.36
N LEU A 1785 35.12 -9.99 -2.61
CA LEU A 1785 35.24 -10.15 -1.16
C LEU A 1785 33.87 -10.25 -0.51
N CYS A 1786 32.97 -9.32 -0.83
CA CYS A 1786 31.64 -9.34 -0.25
C CYS A 1786 30.88 -10.60 -0.66
N VAL A 1787 31.01 -11.01 -1.92
CA VAL A 1787 30.34 -12.22 -2.38
C VAL A 1787 30.86 -13.44 -1.64
N ALA A 1788 32.17 -13.54 -1.45
CA ALA A 1788 32.74 -14.67 -0.74
C ALA A 1788 32.30 -14.68 0.71
N LEU A 1789 32.13 -13.51 1.31
CA LEU A 1789 31.68 -13.46 2.70
C LEU A 1789 30.22 -13.85 2.83
N ASP A 1790 29.38 -13.42 1.87
CA ASP A 1790 27.95 -13.70 2.00
C ASP A 1790 27.59 -15.14 1.68
N VAL A 1791 28.37 -15.81 0.83
CA VAL A 1791 28.17 -17.24 0.66
C VAL A 1791 28.50 -17.98 1.95
N ASN A 1792 29.55 -17.55 2.65
CA ASN A 1792 30.00 -18.27 3.83
C ASN A 1792 29.19 -17.90 5.06
N CYS A 1793 29.26 -16.64 5.49
CA CYS A 1793 28.60 -16.20 6.71
C CYS A 1793 27.30 -15.49 6.35
N GLU A 1794 26.19 -16.02 6.85
CA GLU A 1794 24.86 -15.54 6.52
C GLU A 1794 24.29 -14.63 7.60
N ALA A 1795 25.10 -14.25 8.59
CA ALA A 1795 24.63 -13.31 9.61
C ALA A 1795 24.46 -11.92 9.03
N LEU A 1796 25.46 -11.44 8.31
CA LEU A 1796 25.46 -10.10 7.74
C LEU A 1796 25.60 -10.20 6.24
N SER A 1797 24.78 -9.45 5.52
CA SER A 1797 24.85 -9.37 4.06
C SER A 1797 25.48 -8.04 3.69
N LEU A 1798 26.71 -8.08 3.19
CA LEU A 1798 27.34 -6.86 2.73
C LEU A 1798 26.92 -6.52 1.30
N VAL A 1799 26.57 -7.52 0.49
CA VAL A 1799 26.24 -7.23 -0.90
C VAL A 1799 24.91 -6.51 -1.01
N SER A 1800 23.97 -6.76 -0.09
CA SER A 1800 22.72 -6.03 -0.15
C SER A 1800 22.90 -4.56 0.15
N HIS A 1801 24.02 -4.18 0.77
CA HIS A 1801 24.32 -2.79 1.01
C HIS A 1801 25.04 -2.13 -0.14
N ILE A 1802 25.79 -2.91 -0.94
CA ILE A 1802 26.48 -2.33 -2.07
C ILE A 1802 25.48 -1.88 -3.13
N VAL A 1803 24.37 -2.60 -3.25
CA VAL A 1803 23.35 -2.30 -4.26
C VAL A 1803 22.30 -1.38 -3.67
N LYS A 1804 22.58 -0.81 -2.50
CA LYS A 1804 21.67 0.09 -1.81
C LYS A 1804 22.31 1.47 -1.74
N TRP A 1805 21.48 2.50 -1.77
CA TRP A 1805 22.00 3.86 -1.67
C TRP A 1805 20.93 4.79 -1.13
N LYS A 1806 21.38 5.85 -0.45
CA LYS A 1806 20.48 6.86 0.08
C LYS A 1806 19.91 7.70 -1.04
N ARG A 1807 18.59 7.85 -1.06
CA ARG A 1807 17.93 8.62 -2.10
C ARG A 1807 18.21 10.11 -1.93
N GLU A 1808 18.03 10.86 -3.02
CA GLU A 1808 18.30 12.29 -3.05
C GLU A 1808 17.04 13.14 -2.92
N GLU A 1809 16.03 12.64 -2.22
CA GLU A 1809 14.85 13.44 -1.95
C GLU A 1809 15.16 14.55 -0.96
N HIS A 1810 14.45 15.66 -1.10
CA HIS A 1810 14.73 16.82 -0.26
C HIS A 1810 14.05 16.70 1.09
N TYR A 1811 14.64 17.37 2.08
CA TYR A 1811 14.12 17.45 3.43
C TYR A 1811 13.87 18.91 3.75
N ILE A 1812 12.71 19.23 4.31
CA ILE A 1812 12.38 20.59 4.70
C ILE A 1812 12.70 20.72 6.18
N VAL A 1813 13.85 21.29 6.52
CA VAL A 1813 14.30 21.30 7.91
C VAL A 1813 14.39 22.73 8.41
N LEU A 1814 14.13 22.93 9.70
CA LEU A 1814 14.39 24.22 10.30
C LEU A 1814 15.86 24.59 10.13
N SER A 1815 16.12 25.85 9.85
CA SER A 1815 17.50 26.28 9.69
C SER A 1815 18.20 26.50 11.01
N SER A 1816 17.45 26.53 12.13
CA SER A 1816 18.08 26.63 13.44
C SER A 1816 18.48 25.25 13.95
N GLU A 1817 17.63 24.25 13.75
CA GLU A 1817 17.98 22.88 14.12
C GLU A 1817 19.10 22.30 13.27
N LEU A 1818 19.28 22.82 12.05
CA LEU A 1818 20.38 22.38 11.21
C LEU A 1818 21.72 22.80 11.79
N ARG A 1819 21.75 23.89 12.56
CA ARG A 1819 23.00 24.39 13.12
C ARG A 1819 23.46 23.60 14.34
N LEU A 1820 22.54 22.98 15.06
CA LEU A 1820 22.86 22.25 16.28
C LEU A 1820 23.20 20.79 16.04
N SER A 1821 23.21 20.34 14.79
CA SER A 1821 23.48 18.94 14.50
C SER A 1821 24.98 18.69 14.46
N HIS A 1822 25.37 17.47 14.82
CA HIS A 1822 26.77 17.10 14.86
C HIS A 1822 27.36 17.10 13.44
N SER A 1823 28.68 16.99 13.37
CA SER A 1823 29.38 16.97 12.10
C SER A 1823 30.37 15.82 12.08
N ARG A 1824 30.33 15.03 11.02
CA ARG A 1824 31.25 13.91 10.85
C ARG A 1824 31.76 13.93 9.41
N SER A 1825 33.05 13.68 9.25
CA SER A 1825 33.65 13.66 7.91
C SER A 1825 34.97 12.90 7.98
N HIS A 1826 35.15 11.95 7.05
CA HIS A 1826 36.36 11.15 7.03
C HIS A 1826 37.16 11.31 5.74
N GLU A 1827 36.55 11.04 4.59
CA GLU A 1827 37.30 10.99 3.34
C GLU A 1827 37.27 12.34 2.60
N SER A 1838 30.04 5.55 -14.98
CA SER A 1838 30.53 5.56 -16.35
C SER A 1838 31.04 4.19 -16.74
N ASP A 1839 31.31 3.35 -15.74
CA ASP A 1839 31.89 2.03 -15.99
C ASP A 1839 30.92 1.13 -16.75
N ALA A 1840 29.63 1.45 -16.72
CA ALA A 1840 28.64 0.65 -17.46
C ALA A 1840 28.92 0.70 -18.96
N VAL A 1841 29.18 1.91 -19.48
CA VAL A 1841 29.47 2.03 -20.92
C VAL A 1841 30.84 1.45 -21.24
N ASP A 1842 31.84 1.72 -20.40
CA ASP A 1842 33.19 1.26 -20.69
C ASP A 1842 33.31 -0.25 -20.59
N ASN A 1843 32.48 -0.90 -19.78
CA ASN A 1843 32.50 -2.36 -19.74
C ASN A 1843 32.10 -2.95 -21.09
N PHE A 1844 31.19 -2.27 -21.79
CA PHE A 1844 30.88 -2.67 -23.16
C PHE A 1844 32.08 -2.45 -24.08
N MET A 1845 32.68 -1.26 -24.04
CA MET A 1845 33.83 -0.98 -24.87
C MET A 1845 35.00 -1.89 -24.53
N ARG A 1846 35.09 -2.34 -23.28
CA ARG A 1846 36.19 -3.20 -22.87
C ARG A 1846 36.13 -4.55 -23.58
N GLN A 1847 34.93 -5.11 -23.69
CA GLN A 1847 34.80 -6.44 -24.28
C GLN A 1847 35.10 -6.43 -25.77
N ILE A 1848 34.63 -5.41 -26.49
CA ILE A 1848 34.83 -5.38 -27.94
C ILE A 1848 36.31 -5.31 -28.27
N TYR A 1849 37.06 -4.47 -27.54
CA TYR A 1849 38.45 -4.26 -27.86
C TYR A 1849 39.31 -5.49 -27.58
N PHE A 1850 38.91 -6.31 -26.60
CA PHE A 1850 39.68 -7.50 -26.27
C PHE A 1850 39.18 -8.74 -26.98
N GLU A 1851 37.87 -8.82 -27.26
CA GLU A 1851 37.35 -9.97 -28.00
C GLU A 1851 37.89 -10.04 -29.41
N SER A 1852 38.08 -8.88 -30.05
CA SER A 1852 38.39 -8.85 -31.46
C SER A 1852 39.66 -9.63 -31.79
N TYR A 1853 40.58 -9.74 -30.83
CA TYR A 1853 41.86 -10.38 -31.14
C TYR A 1853 41.72 -11.88 -31.28
N VAL A 1854 41.01 -12.53 -30.36
CA VAL A 1854 40.94 -13.99 -30.39
C VAL A 1854 40.09 -14.47 -31.56
N ARG A 1855 38.95 -13.82 -31.80
CA ARG A 1855 38.04 -14.24 -32.87
C ARG A 1855 37.38 -13.00 -33.44
N SER A 1856 37.73 -12.64 -34.67
CA SER A 1856 37.13 -11.50 -35.33
C SER A 1856 35.66 -11.78 -35.62
N PHE A 1857 34.80 -10.81 -35.32
CA PHE A 1857 33.36 -11.00 -35.37
C PHE A 1857 32.73 -9.94 -36.25
N VAL A 1858 31.51 -10.22 -36.71
CA VAL A 1858 30.81 -9.33 -37.61
C VAL A 1858 30.04 -8.30 -36.79
N ALA A 1859 30.11 -7.03 -37.19
CA ALA A 1859 29.48 -5.94 -36.45
C ALA A 1859 28.04 -5.81 -36.89
N THR A 1860 27.13 -6.44 -36.15
CA THR A 1860 25.70 -6.38 -36.43
C THR A 1860 24.95 -6.04 -35.15
N THR A 1861 23.63 -5.88 -35.29
CA THR A 1861 22.80 -5.58 -34.13
C THR A 1861 22.80 -6.74 -33.14
N ARG A 1862 22.78 -7.97 -33.64
CA ARG A 1862 22.70 -9.12 -32.75
C ARG A 1862 24.04 -9.45 -32.10
N THR A 1863 25.15 -9.24 -32.82
CA THR A 1863 26.46 -9.50 -32.22
C THR A 1863 26.79 -8.47 -31.15
N LEU A 1864 26.60 -7.18 -31.46
CA LEU A 1864 26.96 -6.13 -30.51
C LEU A 1864 26.10 -6.20 -29.26
N GLY A 1865 24.79 -6.40 -29.41
CA GLY A 1865 23.92 -6.50 -28.26
C GLY A 1865 24.11 -7.78 -27.47
N SER A 1866 24.73 -8.79 -28.09
CA SER A 1866 24.92 -10.07 -27.40
C SER A 1866 25.81 -9.91 -26.18
N PHE A 1867 26.86 -9.09 -26.29
CA PHE A 1867 27.76 -8.86 -25.17
C PHE A 1867 26.99 -8.39 -23.95
N THR A 1868 27.25 -9.00 -22.80
CA THR A 1868 26.42 -8.78 -21.63
C THR A 1868 26.43 -7.32 -21.20
N TRP A 1869 27.60 -6.70 -21.19
CA TRP A 1869 27.72 -5.29 -20.88
C TRP A 1869 27.25 -4.48 -22.09
N PHE A 1870 26.14 -3.79 -21.95
CA PHE A 1870 25.59 -2.99 -23.03
C PHE A 1870 24.50 -2.09 -22.48
N PRO A 1871 24.44 -0.84 -22.90
CA PRO A 1871 23.41 0.07 -22.35
C PRO A 1871 22.01 -0.36 -22.73
N HIS A 1872 21.07 -0.05 -21.84
CA HIS A 1872 19.65 -0.26 -22.12
C HIS A 1872 18.89 1.06 -22.03
N GLN A 1883 27.37 13.37 -28.65
CA GLN A 1883 27.74 12.10 -29.24
C GLN A 1883 29.08 11.61 -28.68
N ARG A 1884 29.06 11.09 -27.45
CA ARG A 1884 30.26 10.61 -26.80
C ARG A 1884 30.54 9.13 -27.09
N LEU A 1885 29.71 8.49 -27.89
CA LEU A 1885 29.89 7.07 -28.18
C LEU A 1885 31.04 6.84 -29.16
N GLY A 1886 31.28 7.79 -30.06
CA GLY A 1886 32.42 7.74 -30.94
C GLY A 1886 32.30 6.77 -32.11
N PRO A 1887 33.09 5.70 -32.07
CA PRO A 1887 33.11 4.77 -33.22
C PRO A 1887 31.78 4.14 -33.55
N PHE A 1888 30.94 3.85 -32.54
CA PHE A 1888 29.64 3.23 -32.75
C PHE A 1888 28.48 4.14 -32.39
N SER A 1889 28.67 5.46 -32.47
CA SER A 1889 27.66 6.39 -32.02
C SER A 1889 26.37 6.26 -32.81
N SER A 1890 26.47 6.16 -34.14
CA SER A 1890 25.28 6.21 -34.98
C SER A 1890 24.36 5.02 -34.71
N PHE A 1891 24.92 3.81 -34.72
CA PHE A 1891 24.09 2.61 -34.65
C PHE A 1891 23.43 2.46 -33.28
N VAL A 1892 24.19 2.64 -32.21
CA VAL A 1892 23.64 2.39 -30.88
C VAL A 1892 22.62 3.45 -30.51
N GLU A 1893 22.90 4.72 -30.82
CA GLU A 1893 22.10 5.83 -30.30
C GLU A 1893 20.66 5.72 -30.78
N LYS A 1894 20.45 5.46 -32.06
CA LYS A 1894 19.11 5.37 -32.61
C LYS A 1894 18.82 4.05 -33.32
N VAL A 1895 19.77 3.55 -34.11
CA VAL A 1895 19.51 2.38 -34.95
C VAL A 1895 19.29 1.14 -34.10
N ILE A 1896 20.17 0.89 -33.14
CA ILE A 1896 20.00 -0.25 -32.24
C ILE A 1896 18.80 -0.02 -31.32
N TYR A 1897 18.64 1.22 -30.84
CA TYR A 1897 17.58 1.50 -29.87
C TYR A 1897 16.20 1.46 -30.51
N LYS A 1898 16.08 1.86 -31.77
CA LYS A 1898 14.77 1.86 -32.41
C LYS A 1898 14.24 0.44 -32.62
N GLY A 1899 15.11 -0.49 -33.00
CA GLY A 1899 14.73 -1.87 -33.20
C GLY A 1899 15.06 -2.45 -34.55
N ILE A 1900 15.54 -1.66 -35.51
CA ILE A 1900 15.88 -2.20 -36.83
C ILE A 1900 17.16 -3.01 -36.71
N GLU A 1901 17.06 -4.32 -36.93
CA GLU A 1901 18.21 -5.22 -36.81
C GLU A 1901 18.91 -5.28 -38.15
N ARG A 1902 19.92 -4.42 -38.31
CA ARG A 1902 20.70 -4.30 -39.53
C ARG A 1902 22.17 -4.29 -39.19
N PRO A 1903 23.03 -4.79 -40.08
CA PRO A 1903 24.47 -4.75 -39.83
C PRO A 1903 25.00 -3.32 -39.88
N MET A 1904 26.05 -3.08 -39.10
CA MET A 1904 26.74 -1.80 -39.15
C MET A 1904 27.58 -1.74 -40.42
N PHE A 1905 27.47 -0.63 -41.14
CA PHE A 1905 28.10 -0.49 -42.44
C PHE A 1905 29.02 0.73 -42.45
N LYS A 1906 29.94 0.74 -43.41
CA LYS A 1906 30.83 1.88 -43.57
C LYS A 1906 30.08 3.13 -43.98
N TYR A 1907 28.86 2.99 -44.52
CA TYR A 1907 28.08 4.17 -44.91
C TYR A 1907 27.76 5.03 -43.70
N ASP A 1908 27.48 4.40 -42.56
CA ASP A 1908 27.32 5.10 -41.30
C ASP A 1908 28.67 5.19 -40.60
N LEU A 1909 28.68 5.71 -39.37
CA LEU A 1909 29.88 5.77 -38.54
C LEU A 1909 30.98 6.61 -39.18
N MET A 1910 30.59 7.61 -39.97
CA MET A 1910 31.51 8.54 -40.61
C MET A 1910 32.57 7.83 -41.45
N ALA A 2080 26.66 -1.69 -48.65
CA ALA A 2080 25.97 -2.85 -48.11
C ALA A 2080 26.94 -3.99 -47.85
N ILE A 2081 28.11 -3.68 -47.30
CA ILE A 2081 29.09 -4.67 -46.89
C ILE A 2081 29.25 -4.59 -45.38
N PRO A 2082 29.00 -5.66 -44.64
CA PRO A 2082 29.19 -5.62 -43.19
C PRO A 2082 30.65 -5.38 -42.82
N LEU A 2083 30.85 -4.70 -41.70
CA LEU A 2083 32.19 -4.40 -41.20
C LEU A 2083 32.58 -5.46 -40.18
N VAL A 2084 33.49 -6.35 -40.56
CA VAL A 2084 33.98 -7.35 -39.61
C VAL A 2084 34.94 -6.67 -38.63
N VAL A 2085 34.71 -6.89 -37.34
CA VAL A 2085 35.55 -6.30 -36.29
C VAL A 2085 36.77 -7.20 -36.14
N HIS A 2086 37.90 -6.76 -36.70
CA HIS A 2086 39.15 -7.49 -36.57
C HIS A 2086 39.96 -6.94 -35.41
N ARG A 2087 41.15 -7.49 -35.22
CA ARG A 2087 42.00 -7.13 -34.09
C ARG A 2087 42.37 -5.66 -34.10
N GLY A 2088 41.74 -4.88 -33.21
CA GLY A 2088 42.15 -3.51 -32.97
C GLY A 2088 41.57 -2.47 -33.88
N GLY A 2089 40.67 -2.81 -34.78
CA GLY A 2089 40.09 -1.80 -35.65
C GLY A 2089 39.01 -2.37 -36.56
N LEU A 2090 38.11 -1.48 -36.97
CA LEU A 2090 37.01 -1.87 -37.85
C LEU A 2090 37.50 -2.00 -39.29
N TRP A 2091 37.14 -3.10 -39.93
CA TRP A 2091 37.61 -3.42 -41.27
C TRP A 2091 36.43 -3.46 -42.23
N GLU A 2092 36.65 -2.99 -43.45
CA GLU A 2092 35.68 -3.12 -44.53
C GLU A 2092 36.19 -4.01 -45.66
N CYS A 2093 37.31 -3.64 -46.28
CA CYS A 2093 37.95 -4.47 -47.30
C CYS A 2093 39.46 -4.46 -47.04
N ASN A 2094 39.91 -5.38 -46.19
CA ASN A 2094 41.32 -5.58 -45.85
C ASN A 2094 41.98 -4.34 -45.26
N LYS A 2095 41.21 -3.31 -44.93
CA LYS A 2095 41.77 -2.09 -44.38
C LYS A 2095 40.92 -1.62 -43.22
N ARG A 2096 41.58 -0.93 -42.28
CA ARG A 2096 40.90 -0.41 -41.08
C ARG A 2096 40.36 0.97 -41.41
N LEU A 2097 39.11 1.03 -41.87
CA LEU A 2097 38.49 2.30 -42.15
C LEU A 2097 38.11 3.06 -40.88
N ALA A 2098 38.02 2.35 -39.75
CA ALA A 2098 37.72 2.98 -38.47
C ALA A 2098 38.43 2.21 -37.37
N SER A 2099 38.74 2.91 -36.28
CA SER A 2099 39.43 2.31 -35.14
C SER A 2099 38.77 2.75 -33.85
N PHE A 2100 38.72 1.84 -32.89
CA PHE A 2100 38.14 2.09 -31.58
C PHE A 2100 39.12 1.64 -30.51
N SER A 2101 39.18 2.38 -29.41
CA SER A 2101 40.08 2.01 -28.33
C SER A 2101 39.64 2.62 -27.01
N PRO A 2102 39.43 1.80 -25.98
CA PRO A 2102 39.20 2.33 -24.64
C PRO A 2102 40.51 2.77 -23.99
N VAL A 2103 40.39 3.39 -22.83
CA VAL A 2103 41.55 3.79 -22.05
C VAL A 2103 42.00 2.56 -21.26
N LEU A 2104 42.97 1.82 -21.80
CA LEU A 2104 43.48 0.65 -21.11
C LEU A 2104 44.24 1.09 -19.85
N GLN A 2105 44.15 0.28 -18.80
CA GLN A 2105 44.74 0.61 -17.51
C GLN A 2105 45.58 -0.58 -17.01
N ASP A 2106 46.15 -0.40 -15.82
CA ASP A 2106 46.98 -1.44 -15.24
C ASP A 2106 46.17 -2.69 -14.93
N GLN A 2107 44.95 -2.52 -14.41
CA GLN A 2107 44.13 -3.68 -14.08
C GLN A 2107 43.43 -4.24 -15.32
N ASP A 2108 43.15 -3.39 -16.31
CA ASP A 2108 42.48 -3.87 -17.52
C ASP A 2108 43.34 -4.90 -18.24
N LEU A 2109 44.66 -4.68 -18.24
CA LEU A 2109 45.55 -5.61 -18.92
C LEU A 2109 45.63 -6.96 -18.21
N GLU A 2110 45.25 -7.02 -16.94
CA GLU A 2110 45.26 -8.29 -16.22
C GLU A 2110 44.24 -9.26 -16.79
N LEU A 2111 43.06 -8.78 -17.17
CA LEU A 2111 42.06 -9.64 -17.77
C LEU A 2111 42.57 -10.22 -19.09
N PHE A 2112 43.14 -9.37 -19.94
CA PHE A 2112 43.58 -9.83 -21.25
C PHE A 2112 44.67 -10.88 -21.14
N VAL A 2113 45.62 -10.69 -20.22
CA VAL A 2113 46.65 -11.69 -19.99
C VAL A 2113 46.16 -12.86 -19.15
N ARG A 2114 44.97 -12.77 -18.59
CA ARG A 2114 44.35 -13.89 -17.87
C ARG A 2114 43.18 -14.35 -18.73
N GLU A 2115 43.49 -15.20 -19.71
CA GLU A 2115 42.50 -15.69 -20.66
C GLU A 2115 42.50 -17.21 -20.68
N VAL A 2116 43.57 -17.80 -20.14
CA VAL A 2116 43.66 -19.24 -19.99
C VAL A 2116 44.40 -19.57 -18.71
N LEU A 2123 49.28 -18.60 -28.97
CA LEU A 2123 49.09 -17.42 -29.80
C LEU A 2123 49.06 -16.16 -28.94
N LEU A 2124 49.40 -16.31 -27.66
CA LEU A 2124 49.33 -15.18 -26.73
C LEU A 2124 50.27 -14.06 -27.14
N ILE A 2125 51.50 -14.41 -27.54
CA ILE A 2125 52.48 -13.39 -27.93
C ILE A 2125 52.03 -12.67 -29.19
N GLY A 2126 51.50 -13.42 -30.17
CA GLY A 2126 51.02 -12.79 -31.39
C GLY A 2126 49.89 -11.81 -31.13
N ALA A 2127 48.98 -12.16 -30.23
CA ALA A 2127 47.95 -11.22 -29.80
C ALA A 2127 48.56 -10.02 -29.09
N LEU A 2128 49.56 -10.27 -28.25
CA LEU A 2128 50.24 -9.17 -27.56
C LEU A 2128 50.97 -8.26 -28.54
N SER A 2129 51.65 -8.84 -29.53
CA SER A 2129 52.40 -8.04 -30.48
C SER A 2129 51.47 -7.14 -31.30
N ALA A 2130 50.38 -7.71 -31.80
CA ALA A 2130 49.43 -6.92 -32.57
C ALA A 2130 48.73 -5.89 -31.71
N MET A 2131 48.53 -6.19 -30.42
CA MET A 2131 47.96 -5.21 -29.50
C MET A 2131 48.83 -3.97 -29.40
N MET A 2132 50.14 -4.17 -29.23
CA MET A 2132 51.04 -3.04 -28.98
C MET A 2132 51.09 -2.08 -30.16
N LEU A 2133 51.11 -2.61 -31.38
CA LEU A 2133 51.17 -1.75 -32.56
C LEU A 2133 49.94 -0.86 -32.64
N ASP A 2134 48.77 -1.39 -32.30
CA ASP A 2134 47.55 -0.60 -32.35
C ASP A 2134 47.58 0.55 -31.34
N ARG A 2135 48.19 0.32 -30.17
CA ARG A 2135 48.14 1.30 -29.10
C ARG A 2135 48.76 2.64 -29.51
N LEU A 2136 49.68 2.62 -30.46
CA LEU A 2136 50.31 3.86 -30.90
C LEU A 2136 49.30 4.80 -31.55
N LYS A 2137 48.43 4.27 -32.41
CA LYS A 2137 47.45 5.08 -33.10
C LYS A 2137 46.15 4.30 -33.33
#